data_2M8S
#
_entry.id   2M8S
#
loop_
_entity.id
_entity.type
_entity.pdbx_description
1 polymer 'BAG family molecular chaperone regulator 1'
2 polymer 'Proheparin-binding EGF-like growth factor'
#
loop_
_entity_poly.entity_id
_entity_poly.type
_entity_poly.pdbx_seq_one_letter_code
_entity_poly.pdbx_strand_id
1 'polypeptide(L)'
;MAKTEEMVQTEEMETPRLSVIVTHSNERYDLLVTPQQGNSEPVVQDLAQLVEEATGVPLPFQKLIFKGKSLKEMETPLSA
LGMQNGCRVMLIGEKSN
;
A
2 'polypeptide(L)' RYHRRGGYDVENEEKVKLGMTNSH B
#
# COMPACT_ATOMS: atom_id res chain seq x y z
N MET A 1 15.92 5.25 -7.77
CA MET A 1 14.70 4.82 -7.04
C MET A 1 14.04 6.01 -6.35
N ALA A 2 14.21 7.20 -6.91
CA ALA A 2 13.65 8.40 -6.35
C ALA A 2 12.23 8.64 -6.88
N LYS A 3 11.27 7.91 -6.33
CA LYS A 3 9.88 8.06 -6.75
C LYS A 3 9.32 9.35 -6.15
N THR A 4 9.60 10.45 -6.81
CA THR A 4 9.15 11.75 -6.37
C THR A 4 8.95 12.67 -7.57
N GLU A 5 10.02 12.86 -8.33
CA GLU A 5 9.98 13.72 -9.51
C GLU A 5 9.48 12.95 -10.72
N GLU A 6 8.20 12.60 -10.69
CA GLU A 6 7.58 11.88 -11.79
C GLU A 6 6.23 12.48 -12.13
N MET A 7 5.27 12.30 -11.23
CA MET A 7 3.91 12.82 -11.39
C MET A 7 3.23 12.22 -12.63
N VAL A 8 3.79 11.13 -13.14
CA VAL A 8 3.23 10.47 -14.31
C VAL A 8 3.02 8.98 -14.04
N GLN A 9 1.96 8.67 -13.31
CA GLN A 9 1.63 7.29 -12.97
C GLN A 9 0.23 6.94 -13.50
N THR A 10 -0.72 6.72 -12.60
CA THR A 10 -2.08 6.40 -12.99
C THR A 10 -3.01 7.58 -12.71
N GLU A 11 -3.60 8.12 -13.77
CA GLU A 11 -4.48 9.29 -13.64
C GLU A 11 -5.91 8.87 -13.30
N GLU A 12 -6.59 9.74 -12.56
CA GLU A 12 -7.97 9.51 -12.17
C GLU A 12 -8.76 10.82 -12.26
N MET A 13 -9.92 10.86 -11.60
CA MET A 13 -10.79 12.03 -11.60
C MET A 13 -10.04 13.30 -11.22
N GLU A 14 -9.56 13.35 -9.99
CA GLU A 14 -8.83 14.52 -9.50
C GLU A 14 -7.34 14.25 -9.48
N THR A 15 -6.98 13.01 -9.16
CA THR A 15 -5.58 12.59 -9.09
C THR A 15 -4.88 12.73 -10.44
N PRO A 16 -3.90 13.64 -10.54
CA PRO A 16 -3.16 13.90 -11.77
C PRO A 16 -2.05 12.87 -12.01
N ARG A 17 -2.44 11.68 -12.45
CA ARG A 17 -1.50 10.60 -12.73
C ARG A 17 -0.67 10.27 -11.49
N LEU A 18 -1.37 9.91 -10.41
CA LEU A 18 -0.71 9.63 -9.15
C LEU A 18 -1.09 8.25 -8.61
N SER A 19 -0.10 7.38 -8.43
CA SER A 19 -0.32 6.05 -7.88
C SER A 19 0.82 5.73 -6.92
N VAL A 20 0.50 5.02 -5.85
CA VAL A 20 1.48 4.68 -4.84
C VAL A 20 1.96 3.23 -4.97
N ILE A 21 3.20 3.00 -4.51
CA ILE A 21 3.78 1.67 -4.54
C ILE A 21 3.47 0.96 -3.23
N VAL A 22 2.46 0.11 -3.25
CA VAL A 22 2.08 -0.65 -2.07
C VAL A 22 2.83 -1.97 -2.03
N THR A 23 3.80 -2.07 -1.14
CA THR A 23 4.60 -3.28 -1.04
C THR A 23 4.28 -4.03 0.26
N HIS A 24 4.17 -5.35 0.12
CA HIS A 24 3.90 -6.23 1.23
C HIS A 24 4.89 -7.38 1.24
N SER A 25 6.04 -7.14 1.87
CA SER A 25 7.13 -8.13 1.97
C SER A 25 7.83 -8.35 0.62
N ASN A 26 7.03 -8.56 -0.41
CA ASN A 26 7.54 -8.76 -1.77
C ASN A 26 6.44 -8.41 -2.76
N GLU A 27 5.20 -8.64 -2.34
CA GLU A 27 4.03 -8.35 -3.16
C GLU A 27 3.88 -6.84 -3.35
N ARG A 28 3.57 -6.42 -4.57
CA ARG A 28 3.41 -4.99 -4.86
C ARG A 28 2.17 -4.75 -5.70
N TYR A 29 1.37 -3.79 -5.28
CA TYR A 29 0.16 -3.43 -6.02
C TYR A 29 0.15 -1.94 -6.29
N ASP A 30 -0.43 -1.55 -7.42
CA ASP A 30 -0.51 -0.15 -7.80
C ASP A 30 -1.87 0.40 -7.45
N LEU A 31 -1.91 1.34 -6.51
CA LEU A 31 -3.15 1.95 -6.08
C LEU A 31 -3.12 3.45 -6.33
N LEU A 32 -4.24 3.98 -6.77
CA LEU A 32 -4.35 5.42 -7.06
C LEU A 32 -4.43 6.21 -5.76
N VAL A 33 -3.77 7.37 -5.75
CA VAL A 33 -3.75 8.23 -4.58
C VAL A 33 -5.14 8.78 -4.27
N THR A 34 -5.44 8.92 -3.00
CA THR A 34 -6.72 9.43 -2.55
C THR A 34 -6.86 10.92 -2.81
N PRO A 35 -7.79 11.33 -3.68
CA PRO A 35 -8.02 12.73 -4.02
C PRO A 35 -8.95 13.42 -3.03
N GLN A 36 -9.68 14.44 -3.52
CA GLN A 36 -10.62 15.20 -2.71
C GLN A 36 -9.88 16.06 -1.69
N GLN A 37 -8.80 16.67 -2.14
CA GLN A 37 -7.99 17.53 -1.29
C GLN A 37 -7.27 18.56 -2.13
N GLY A 38 -6.16 18.18 -2.71
CA GLY A 38 -5.40 19.09 -3.53
C GLY A 38 -4.52 18.38 -4.52
N ASN A 39 -5.16 17.56 -5.37
CA ASN A 39 -4.49 16.77 -6.44
C ASN A 39 -3.24 16.03 -5.96
N SER A 40 -2.10 16.72 -5.92
CA SER A 40 -0.84 16.12 -5.50
C SER A 40 -0.84 15.88 -3.99
N GLU A 41 -1.66 16.64 -3.30
CA GLU A 41 -1.79 16.52 -1.85
C GLU A 41 -3.05 15.75 -1.52
N PRO A 42 -2.90 14.55 -0.94
CA PRO A 42 -4.03 13.69 -0.58
C PRO A 42 -4.59 14.00 0.80
N VAL A 43 -5.53 13.15 1.23
CA VAL A 43 -6.17 13.30 2.53
C VAL A 43 -5.36 12.61 3.62
N VAL A 44 -5.81 12.75 4.87
CA VAL A 44 -5.12 12.12 5.99
C VAL A 44 -5.34 10.61 6.01
N GLN A 45 -6.44 10.17 5.41
CA GLN A 45 -6.78 8.74 5.35
C GLN A 45 -6.19 8.11 4.10
N ASP A 46 -5.33 8.85 3.42
CA ASP A 46 -4.71 8.39 2.18
C ASP A 46 -3.90 7.11 2.40
N LEU A 47 -2.86 7.19 3.21
CA LEU A 47 -2.00 6.04 3.48
C LEU A 47 -2.80 4.83 3.98
N ALA A 48 -3.90 5.11 4.65
CA ALA A 48 -4.75 4.07 5.20
C ALA A 48 -5.55 3.39 4.09
N GLN A 49 -6.11 4.20 3.21
CA GLN A 49 -6.92 3.69 2.11
C GLN A 49 -6.06 3.07 1.01
N LEU A 50 -4.87 3.62 0.82
CA LEU A 50 -3.95 3.12 -0.21
C LEU A 50 -3.66 1.64 -0.04
N VAL A 51 -3.29 1.25 1.17
CA VAL A 51 -2.97 -0.14 1.46
C VAL A 51 -4.24 -0.99 1.56
N GLU A 52 -5.32 -0.40 2.06
CA GLU A 52 -6.58 -1.11 2.21
C GLU A 52 -7.16 -1.49 0.86
N GLU A 53 -7.35 -0.49 -0.01
CA GLU A 53 -7.94 -0.73 -1.32
C GLU A 53 -6.97 -1.46 -2.24
N ALA A 54 -5.70 -1.53 -1.84
CA ALA A 54 -4.67 -2.19 -2.64
C ALA A 54 -5.01 -3.66 -2.88
N THR A 55 -5.75 -4.27 -1.95
CA THR A 55 -6.13 -5.67 -2.08
C THR A 55 -7.42 -5.97 -1.32
N GLY A 56 -8.07 -4.92 -0.83
CA GLY A 56 -9.30 -5.10 -0.07
C GLY A 56 -9.03 -5.68 1.30
N VAL A 57 -8.07 -5.09 2.00
CA VAL A 57 -7.68 -5.56 3.32
C VAL A 57 -8.01 -4.52 4.39
N PRO A 58 -8.73 -4.91 5.45
CA PRO A 58 -9.10 -3.98 6.53
C PRO A 58 -7.88 -3.45 7.27
N LEU A 59 -7.95 -2.20 7.70
CA LEU A 59 -6.84 -1.54 8.41
C LEU A 59 -6.30 -2.37 9.58
N PRO A 60 -7.14 -2.86 10.52
CA PRO A 60 -6.66 -3.66 11.66
C PRO A 60 -6.06 -5.01 11.27
N PHE A 61 -6.07 -5.33 9.98
CA PHE A 61 -5.52 -6.58 9.50
C PHE A 61 -4.13 -6.39 8.90
N GLN A 62 -3.64 -5.15 8.93
CA GLN A 62 -2.33 -4.82 8.40
C GLN A 62 -1.66 -3.77 9.28
N LYS A 63 -0.43 -3.41 8.93
CA LYS A 63 0.30 -2.41 9.69
C LYS A 63 1.15 -1.56 8.75
N LEU A 64 0.55 -0.49 8.24
CA LEU A 64 1.24 0.43 7.32
C LEU A 64 2.32 1.21 8.05
N ILE A 65 3.56 1.09 7.60
CA ILE A 65 4.68 1.79 8.18
C ILE A 65 5.53 2.41 7.08
N PHE A 66 5.14 3.60 6.63
CA PHE A 66 5.84 4.31 5.59
C PHE A 66 5.29 5.74 5.50
N LYS A 67 5.84 6.54 4.59
CA LYS A 67 5.43 7.93 4.41
C LYS A 67 5.71 8.74 5.68
N GLY A 68 6.55 8.20 6.55
CA GLY A 68 6.87 8.86 7.80
C GLY A 68 5.67 8.95 8.71
N LYS A 69 4.95 7.84 8.86
CA LYS A 69 3.76 7.79 9.69
C LYS A 69 3.28 6.35 9.86
N SER A 70 2.15 6.19 10.53
CA SER A 70 1.56 4.89 10.77
C SER A 70 0.12 4.88 10.27
N LEU A 71 -0.40 3.67 10.01
CA LEU A 71 -1.77 3.53 9.52
C LEU A 71 -2.78 4.02 10.56
N LYS A 72 -3.69 4.89 10.13
CA LYS A 72 -4.71 5.44 10.99
C LYS A 72 -5.63 6.32 10.17
N GLU A 73 -6.73 6.78 10.77
CA GLU A 73 -7.66 7.66 10.07
C GLU A 73 -7.01 9.03 9.91
N MET A 74 -6.17 9.37 10.88
CA MET A 74 -5.45 10.65 10.88
C MET A 74 -4.25 10.55 11.82
N GLU A 75 -3.07 10.84 11.30
CA GLU A 75 -1.85 10.79 12.08
C GLU A 75 -1.07 12.08 11.90
N THR A 76 -0.26 12.13 10.85
CA THR A 76 0.54 13.30 10.56
C THR A 76 -0.15 14.12 9.48
N PRO A 77 -0.05 15.47 9.54
CA PRO A 77 -0.66 16.37 8.56
C PRO A 77 -0.50 15.94 7.10
N LEU A 78 -1.49 16.31 6.29
CA LEU A 78 -1.51 15.97 4.86
C LEU A 78 -0.25 16.40 4.15
N SER A 79 0.34 17.51 4.59
CA SER A 79 1.55 18.04 4.00
C SER A 79 2.72 17.05 4.14
N ALA A 80 2.56 16.07 5.02
CA ALA A 80 3.57 15.06 5.25
C ALA A 80 3.08 13.69 4.77
N LEU A 81 2.02 13.69 3.98
CA LEU A 81 1.44 12.44 3.46
C LEU A 81 2.16 12.02 2.19
N GLY A 82 3.41 12.41 2.06
CA GLY A 82 4.17 12.09 0.87
C GLY A 82 3.87 13.04 -0.26
N MET A 83 4.41 14.25 -0.17
CA MET A 83 4.19 15.28 -1.17
C MET A 83 4.93 14.95 -2.47
N GLN A 84 4.36 14.02 -3.23
CA GLN A 84 4.92 13.58 -4.49
C GLN A 84 3.90 12.75 -5.23
N ASN A 85 4.34 11.93 -6.18
CA ASN A 85 3.44 11.11 -6.95
C ASN A 85 3.04 9.83 -6.21
N GLY A 86 2.41 9.99 -5.06
CA GLY A 86 1.94 8.85 -4.29
C GLY A 86 2.93 8.38 -3.25
N CYS A 87 4.22 8.44 -3.56
CA CYS A 87 5.28 7.99 -2.65
C CYS A 87 5.24 6.46 -2.53
N ARG A 88 5.74 5.91 -1.43
CA ARG A 88 5.76 4.46 -1.24
C ARG A 88 5.14 4.10 0.09
N VAL A 89 4.47 2.95 0.14
CA VAL A 89 3.83 2.48 1.37
C VAL A 89 4.04 0.98 1.55
N MET A 90 4.32 0.57 2.77
CA MET A 90 4.54 -0.85 3.08
C MET A 90 3.85 -1.20 4.38
N LEU A 91 3.34 -2.42 4.45
CA LEU A 91 2.66 -2.89 5.65
C LEU A 91 3.25 -4.20 6.12
N ILE A 92 3.28 -4.39 7.43
CA ILE A 92 3.81 -5.60 8.02
C ILE A 92 2.67 -6.47 8.54
N GLY A 93 2.66 -7.73 8.12
CA GLY A 93 1.63 -8.64 8.55
C GLY A 93 1.07 -9.45 7.40
N GLU A 94 -0.21 -9.79 7.49
CA GLU A 94 -0.86 -10.56 6.44
C GLU A 94 -1.73 -9.67 5.56
N LYS A 95 -2.56 -10.29 4.75
CA LYS A 95 -3.47 -9.57 3.85
C LYS A 95 -4.68 -10.43 3.54
N SER A 96 -5.86 -9.88 3.72
CA SER A 96 -7.09 -10.61 3.45
C SER A 96 -7.52 -10.42 2.00
N ASN A 97 -7.37 -11.48 1.21
CA ASN A 97 -7.76 -11.44 -0.19
C ASN A 97 -8.53 -12.68 -0.56
N ARG B 1 -5.94 -23.46 1.86
CA ARG B 1 -6.22 -22.29 2.73
C ARG B 1 -6.51 -21.05 1.88
N TYR B 2 -7.41 -20.20 2.34
CA TYR B 2 -7.76 -18.99 1.60
C TYR B 2 -6.72 -17.89 1.84
N HIS B 3 -5.47 -18.21 1.59
CA HIS B 3 -4.38 -17.28 1.78
C HIS B 3 -3.46 -17.26 0.57
N ARG B 4 -3.65 -16.27 -0.29
CA ARG B 4 -2.84 -16.12 -1.48
C ARG B 4 -1.39 -15.82 -1.10
N ARG B 5 -0.52 -16.81 -1.30
CA ARG B 5 0.91 -16.69 -0.97
C ARG B 5 1.10 -16.48 0.53
N GLY B 6 1.02 -17.57 1.27
CA GLY B 6 1.20 -17.51 2.71
C GLY B 6 1.96 -18.71 3.22
N GLY B 7 3.24 -18.54 3.47
CA GLY B 7 4.06 -19.65 3.95
C GLY B 7 4.62 -20.45 2.80
N TYR B 8 3.75 -20.85 1.89
CA TYR B 8 4.15 -21.63 0.73
C TYR B 8 3.36 -21.15 -0.49
N ASP B 9 3.27 -22.00 -1.50
CA ASP B 9 2.56 -21.68 -2.75
C ASP B 9 1.22 -21.00 -2.50
N VAL B 10 0.34 -21.66 -1.76
CA VAL B 10 -0.97 -21.11 -1.46
C VAL B 10 -1.71 -22.02 -0.47
N GLU B 11 -1.33 -23.29 -0.45
CA GLU B 11 -1.95 -24.25 0.45
C GLU B 11 -1.25 -24.27 1.81
N ASN B 12 -1.79 -25.06 2.73
CA ASN B 12 -1.23 -25.19 4.07
C ASN B 12 0.17 -25.76 4.02
N GLU B 13 0.35 -26.82 3.21
CA GLU B 13 1.63 -27.50 3.03
C GLU B 13 2.03 -28.30 4.27
N GLU B 14 2.79 -29.36 4.06
CA GLU B 14 3.22 -30.20 5.15
C GLU B 14 4.72 -30.03 5.43
N LYS B 15 5.48 -29.80 4.37
CA LYS B 15 6.92 -29.63 4.51
C LYS B 15 7.25 -28.24 5.05
N VAL B 16 6.85 -27.21 4.30
CA VAL B 16 7.10 -25.82 4.68
C VAL B 16 8.58 -25.60 4.95
N LYS B 17 9.41 -25.94 3.99
CA LYS B 17 10.86 -25.79 4.13
C LYS B 17 11.43 -24.91 3.03
N LEU B 18 10.56 -24.13 2.38
CA LEU B 18 10.98 -23.26 1.30
C LEU B 18 10.08 -22.03 1.21
N GLY B 19 10.55 -20.93 1.77
CA GLY B 19 9.78 -19.69 1.75
C GLY B 19 9.89 -18.96 0.42
N MET B 20 9.75 -19.71 -0.66
CA MET B 20 9.83 -19.15 -2.01
C MET B 20 8.55 -18.40 -2.35
N THR B 21 7.44 -18.89 -1.83
CA THR B 21 6.15 -18.29 -2.06
C THR B 21 5.55 -17.79 -0.75
N ASN B 22 6.41 -17.49 0.21
CA ASN B 22 5.99 -17.02 1.52
C ASN B 22 5.20 -15.72 1.39
N SER B 23 5.56 -14.92 0.40
CA SER B 23 4.89 -13.65 0.13
C SER B 23 5.01 -13.30 -1.35
N HIS B 24 6.13 -13.71 -1.95
CA HIS B 24 6.37 -13.45 -3.36
C HIS B 24 5.42 -14.28 -4.21
N MET A 1 15.04 4.60 -7.95
CA MET A 1 14.19 4.43 -6.75
C MET A 1 13.73 5.79 -6.22
N ALA A 2 13.89 6.84 -7.02
CA ALA A 2 13.49 8.17 -6.62
C ALA A 2 12.08 8.47 -7.12
N LYS A 3 11.08 7.98 -6.41
CA LYS A 3 9.68 8.18 -6.78
C LYS A 3 9.22 9.59 -6.42
N THR A 4 9.94 10.58 -6.92
CA THR A 4 9.64 11.97 -6.67
C THR A 4 9.67 12.78 -7.96
N GLU A 5 10.57 12.39 -8.87
CA GLU A 5 10.70 13.07 -10.15
C GLU A 5 9.88 12.38 -11.23
N GLU A 6 9.08 11.42 -10.83
CA GLU A 6 8.24 10.69 -11.77
C GLU A 6 7.05 11.55 -12.17
N MET A 7 6.31 12.00 -11.15
CA MET A 7 5.12 12.85 -11.33
C MET A 7 4.00 12.09 -12.03
N VAL A 8 4.14 11.89 -13.33
CA VAL A 8 3.12 11.21 -14.13
C VAL A 8 3.05 9.71 -13.83
N GLN A 9 1.96 9.30 -13.19
CA GLN A 9 1.73 7.91 -12.85
C GLN A 9 0.38 7.42 -13.40
N THR A 10 -0.64 7.35 -12.56
CA THR A 10 -1.98 6.92 -12.99
C THR A 10 -2.99 8.06 -12.79
N GLU A 11 -3.54 8.56 -13.89
CA GLU A 11 -4.49 9.67 -13.84
C GLU A 11 -5.89 9.23 -13.44
N GLU A 12 -6.64 10.18 -12.89
CA GLU A 12 -8.02 9.95 -12.46
C GLU A 12 -8.75 11.30 -12.44
N MET A 13 -9.89 11.36 -11.76
CA MET A 13 -10.69 12.58 -11.68
C MET A 13 -9.91 13.72 -11.01
N GLU A 14 -9.66 13.60 -9.72
CA GLU A 14 -8.93 14.62 -8.98
C GLU A 14 -7.43 14.29 -8.95
N THR A 15 -7.10 13.02 -9.02
CA THR A 15 -5.71 12.59 -8.99
C THR A 15 -4.99 12.98 -10.28
N PRO A 16 -3.97 13.84 -10.19
CA PRO A 16 -3.20 14.31 -11.34
C PRO A 16 -2.15 13.28 -11.78
N ARG A 17 -2.62 12.10 -12.17
CA ARG A 17 -1.75 11.02 -12.60
C ARG A 17 -0.80 10.63 -11.47
N LEU A 18 -1.37 10.09 -10.39
CA LEU A 18 -0.58 9.71 -9.22
C LEU A 18 -1.02 8.34 -8.68
N SER A 19 -0.05 7.45 -8.51
CA SER A 19 -0.31 6.12 -7.95
C SER A 19 0.74 5.81 -6.89
N VAL A 20 0.46 4.83 -6.04
CA VAL A 20 1.37 4.48 -4.97
C VAL A 20 1.83 3.03 -5.07
N ILE A 21 3.03 2.77 -4.56
CA ILE A 21 3.60 1.43 -4.56
C ILE A 21 3.28 0.72 -3.24
N VAL A 22 2.35 -0.22 -3.29
CA VAL A 22 1.97 -0.98 -2.11
C VAL A 22 2.85 -2.21 -2.00
N THR A 23 3.65 -2.25 -0.95
CA THR A 23 4.56 -3.37 -0.75
C THR A 23 4.13 -4.25 0.42
N HIS A 24 3.94 -5.52 0.12
CA HIS A 24 3.55 -6.50 1.12
C HIS A 24 4.61 -7.60 1.17
N SER A 25 5.74 -7.28 1.80
CA SER A 25 6.87 -8.19 1.94
C SER A 25 7.52 -8.50 0.57
N ASN A 26 6.98 -9.49 -0.14
CA ASN A 26 7.51 -9.86 -1.45
C ASN A 26 6.42 -9.67 -2.50
N GLU A 27 5.32 -9.07 -2.07
CA GLU A 27 4.18 -8.82 -2.93
C GLU A 27 4.15 -7.34 -3.33
N ARG A 28 4.05 -7.09 -4.63
CA ARG A 28 4.03 -5.74 -5.14
C ARG A 28 2.68 -5.41 -5.75
N TYR A 29 2.04 -4.37 -5.25
CA TYR A 29 0.74 -3.96 -5.75
C TYR A 29 0.72 -2.45 -6.01
N ASP A 30 -0.15 -2.02 -6.91
CA ASP A 30 -0.28 -0.61 -7.25
C ASP A 30 -1.68 -0.12 -6.92
N LEU A 31 -1.77 1.09 -6.40
CA LEU A 31 -3.07 1.67 -6.04
C LEU A 31 -3.08 3.15 -6.35
N LEU A 32 -4.26 3.70 -6.59
CA LEU A 32 -4.41 5.11 -6.90
C LEU A 32 -4.39 5.94 -5.62
N VAL A 33 -3.74 7.11 -5.69
CA VAL A 33 -3.65 8.00 -4.54
C VAL A 33 -5.03 8.58 -4.19
N THR A 34 -5.27 8.80 -2.90
CA THR A 34 -6.54 9.35 -2.44
C THR A 34 -6.50 10.88 -2.46
N PRO A 35 -7.16 11.50 -3.46
CA PRO A 35 -7.19 12.94 -3.60
C PRO A 35 -8.36 13.58 -2.84
N GLN A 36 -9.29 14.20 -3.58
CA GLN A 36 -10.47 14.85 -2.99
C GLN A 36 -10.05 15.99 -2.07
N GLN A 37 -8.80 16.42 -2.19
CA GLN A 37 -8.28 17.48 -1.36
C GLN A 37 -7.58 18.53 -2.22
N GLY A 38 -6.32 18.29 -2.54
CA GLY A 38 -5.57 19.22 -3.35
C GLY A 38 -4.68 18.52 -4.35
N ASN A 39 -5.31 17.84 -5.31
CA ASN A 39 -4.62 17.08 -6.37
C ASN A 39 -3.43 16.27 -5.85
N SER A 40 -2.23 16.85 -5.91
CA SER A 40 -1.01 16.17 -5.45
C SER A 40 -1.05 15.94 -3.94
N GLU A 41 -1.82 16.75 -3.24
CA GLU A 41 -1.94 16.65 -1.79
C GLU A 41 -3.07 15.67 -1.43
N PRO A 42 -2.71 14.51 -0.87
CA PRO A 42 -3.67 13.49 -0.48
C PRO A 42 -4.26 13.76 0.91
N VAL A 43 -5.38 13.10 1.20
CA VAL A 43 -6.03 13.26 2.51
C VAL A 43 -5.25 12.52 3.59
N VAL A 44 -5.58 12.76 4.85
CA VAL A 44 -4.89 12.10 5.95
C VAL A 44 -5.28 10.62 6.03
N GLN A 45 -6.35 10.25 5.32
CA GLN A 45 -6.82 8.88 5.29
C GLN A 45 -6.06 8.08 4.22
N ASP A 46 -5.42 8.82 3.32
CA ASP A 46 -4.68 8.23 2.20
C ASP A 46 -3.69 7.16 2.64
N LEU A 47 -2.90 7.46 3.66
CA LEU A 47 -1.89 6.53 4.16
C LEU A 47 -2.46 5.15 4.47
N ALA A 48 -3.73 5.10 4.84
CA ALA A 48 -4.38 3.84 5.16
C ALA A 48 -5.28 3.39 4.01
N GLN A 49 -5.84 4.35 3.29
CA GLN A 49 -6.72 4.08 2.18
C GLN A 49 -6.00 3.33 1.06
N LEU A 50 -4.75 3.69 0.84
CA LEU A 50 -3.94 3.07 -0.20
C LEU A 50 -3.80 1.57 0.02
N VAL A 51 -3.57 1.18 1.27
CA VAL A 51 -3.41 -0.23 1.60
C VAL A 51 -4.75 -0.93 1.70
N GLU A 52 -5.74 -0.24 2.26
CA GLU A 52 -7.08 -0.81 2.44
C GLU A 52 -7.71 -1.17 1.09
N GLU A 53 -7.75 -0.20 0.17
CA GLU A 53 -8.35 -0.43 -1.13
C GLU A 53 -7.40 -1.14 -2.09
N ALA A 54 -6.17 -1.36 -1.66
CA ALA A 54 -5.17 -2.03 -2.49
C ALA A 54 -5.65 -3.43 -2.86
N THR A 55 -6.04 -4.21 -1.85
CA THR A 55 -6.51 -5.56 -2.09
C THR A 55 -7.59 -5.94 -1.07
N GLY A 56 -8.33 -4.93 -0.62
CA GLY A 56 -9.40 -5.16 0.34
C GLY A 56 -8.88 -5.62 1.69
N VAL A 57 -8.22 -4.73 2.41
CA VAL A 57 -7.65 -5.05 3.71
C VAL A 57 -8.11 -4.05 4.77
N PRO A 58 -8.70 -4.52 5.87
CA PRO A 58 -9.15 -3.64 6.94
C PRO A 58 -7.97 -2.96 7.65
N LEU A 59 -8.19 -1.73 8.11
CA LEU A 59 -7.15 -0.95 8.80
C LEU A 59 -6.42 -1.71 9.91
N PRO A 60 -7.13 -2.28 10.90
CA PRO A 60 -6.49 -3.01 12.01
C PRO A 60 -5.81 -4.33 11.61
N PHE A 61 -5.76 -4.62 10.32
CA PHE A 61 -5.14 -5.85 9.85
C PHE A 61 -3.79 -5.59 9.19
N GLN A 62 -3.56 -4.36 8.76
CA GLN A 62 -2.32 -4.04 8.08
C GLN A 62 -1.48 -3.04 8.89
N LYS A 63 -0.22 -3.39 9.11
CA LYS A 63 0.69 -2.55 9.84
C LYS A 63 1.37 -1.58 8.87
N LEU A 64 0.67 -0.51 8.53
CA LEU A 64 1.16 0.50 7.62
C LEU A 64 2.31 1.28 8.26
N ILE A 65 3.49 1.17 7.67
CA ILE A 65 4.66 1.87 8.18
C ILE A 65 5.46 2.48 7.03
N PHE A 66 5.03 3.65 6.57
CA PHE A 66 5.69 4.36 5.49
C PHE A 66 5.17 5.79 5.43
N LYS A 67 5.74 6.60 4.54
CA LYS A 67 5.34 8.01 4.40
C LYS A 67 5.63 8.78 5.69
N GLY A 68 6.42 8.17 6.56
CA GLY A 68 6.71 8.77 7.85
C GLY A 68 5.47 8.79 8.72
N LYS A 69 4.66 7.74 8.60
CA LYS A 69 3.43 7.62 9.36
C LYS A 69 3.10 6.17 9.64
N SER A 70 1.98 5.96 10.32
CA SER A 70 1.52 4.61 10.66
C SER A 70 0.07 4.45 10.22
N LEU A 71 -0.52 3.29 10.49
CA LEU A 71 -1.90 3.03 10.11
C LEU A 71 -2.87 3.83 10.99
N LYS A 72 -3.68 4.66 10.35
CA LYS A 72 -4.66 5.48 11.03
C LYS A 72 -5.59 6.15 10.04
N GLU A 73 -6.71 6.68 10.53
CA GLU A 73 -7.66 7.36 9.66
C GLU A 73 -7.27 8.83 9.55
N MET A 74 -6.49 9.29 10.50
CA MET A 74 -6.01 10.67 10.54
C MET A 74 -4.85 10.79 11.53
N GLU A 75 -3.64 10.92 11.00
CA GLU A 75 -2.46 11.02 11.85
C GLU A 75 -1.82 12.42 11.78
N THR A 76 -0.83 12.58 10.92
CA THR A 76 -0.12 13.85 10.80
C THR A 76 -0.56 14.64 9.57
N PRO A 77 -0.22 15.96 9.54
CA PRO A 77 -0.56 16.89 8.45
C PRO A 77 -0.44 16.30 7.04
N LEU A 78 -1.36 16.73 6.17
CA LEU A 78 -1.43 16.29 4.78
C LEU A 78 -0.18 16.68 4.01
N SER A 79 0.48 17.75 4.47
CA SER A 79 1.70 18.24 3.84
C SER A 79 2.82 17.21 3.91
N ALA A 80 2.65 16.20 4.75
CA ALA A 80 3.64 15.15 4.91
C ALA A 80 3.05 13.80 4.51
N LEU A 81 1.90 13.83 3.86
CA LEU A 81 1.21 12.61 3.42
C LEU A 81 1.80 12.06 2.13
N GLY A 82 3.01 12.48 1.81
CA GLY A 82 3.64 12.06 0.59
C GLY A 82 3.32 12.99 -0.55
N MET A 83 3.90 14.18 -0.51
CA MET A 83 3.67 15.19 -1.54
C MET A 83 4.26 14.78 -2.88
N GLN A 84 5.02 13.69 -2.90
CA GLN A 84 5.61 13.20 -4.13
C GLN A 84 4.54 12.44 -4.91
N ASN A 85 4.90 11.85 -6.04
CA ASN A 85 3.92 11.13 -6.84
C ASN A 85 3.49 9.82 -6.20
N GLY A 86 2.55 9.92 -5.26
CA GLY A 86 2.01 8.75 -4.59
C GLY A 86 2.87 8.24 -3.45
N CYS A 87 4.18 8.21 -3.67
CA CYS A 87 5.13 7.72 -2.67
C CYS A 87 5.02 6.19 -2.59
N ARG A 88 5.44 5.62 -1.46
CA ARG A 88 5.39 4.18 -1.28
C ARG A 88 4.76 3.86 0.07
N VAL A 89 4.09 2.72 0.14
CA VAL A 89 3.45 2.29 1.38
C VAL A 89 3.68 0.79 1.60
N MET A 90 4.16 0.44 2.77
CA MET A 90 4.40 -0.95 3.10
C MET A 90 3.64 -1.33 4.36
N LEU A 91 3.12 -2.54 4.38
CA LEU A 91 2.38 -3.02 5.53
C LEU A 91 2.90 -4.38 5.95
N ILE A 92 3.12 -4.54 7.25
CA ILE A 92 3.60 -5.80 7.79
C ILE A 92 2.41 -6.66 8.20
N GLY A 93 2.45 -7.93 7.82
CA GLY A 93 1.37 -8.83 8.15
C GLY A 93 0.81 -9.51 6.93
N GLU A 94 -0.51 -9.65 6.88
CA GLU A 94 -1.15 -10.30 5.75
C GLU A 94 -2.36 -9.48 5.31
N LYS A 95 -2.93 -9.86 4.17
CA LYS A 95 -4.08 -9.17 3.63
C LYS A 95 -5.32 -10.05 3.72
N SER A 96 -6.48 -9.43 3.85
CA SER A 96 -7.73 -10.17 3.93
C SER A 96 -8.23 -10.53 2.53
N ASN A 97 -7.38 -11.21 1.77
CA ASN A 97 -7.71 -11.61 0.42
C ASN A 97 -7.55 -13.11 0.28
N ARG B 1 -5.42 -23.65 2.90
CA ARG B 1 -5.47 -22.19 3.11
C ARG B 1 -6.03 -21.51 1.87
N TYR B 2 -6.95 -20.57 2.06
CA TYR B 2 -7.58 -19.88 0.94
C TYR B 2 -7.00 -18.48 0.73
N HIS B 3 -5.73 -18.31 1.08
CA HIS B 3 -5.07 -17.02 0.93
C HIS B 3 -3.87 -17.16 0.01
N ARG B 4 -3.72 -16.22 -0.91
CA ARG B 4 -2.62 -16.23 -1.87
C ARG B 4 -1.27 -16.10 -1.15
N ARG B 5 -0.39 -17.06 -1.40
CA ARG B 5 0.95 -17.09 -0.81
C ARG B 5 0.90 -17.06 0.71
N GLY B 6 0.36 -18.13 1.29
CA GLY B 6 0.28 -18.21 2.74
C GLY B 6 1.33 -19.14 3.30
N GLY B 7 2.59 -18.75 3.12
CA GLY B 7 3.70 -19.56 3.60
C GLY B 7 4.15 -20.57 2.56
N TYR B 8 3.39 -20.60 1.47
CA TYR B 8 3.65 -21.50 0.37
C TYR B 8 2.81 -21.02 -0.82
N ASP B 9 2.71 -21.82 -1.87
CA ASP B 9 1.92 -21.45 -3.05
C ASP B 9 0.52 -20.99 -2.64
N VAL B 10 -0.09 -21.71 -1.71
CA VAL B 10 -1.43 -21.38 -1.22
C VAL B 10 -1.85 -22.35 -0.13
N GLU B 11 -1.39 -23.59 -0.22
CA GLU B 11 -1.72 -24.61 0.77
C GLU B 11 -0.86 -24.44 2.03
N ASN B 12 -1.29 -25.09 3.11
CA ASN B 12 -0.59 -25.05 4.39
C ASN B 12 0.84 -25.56 4.27
N GLU B 13 1.03 -26.59 3.45
CA GLU B 13 2.34 -27.21 3.22
C GLU B 13 2.78 -28.02 4.44
N GLU B 14 3.45 -29.15 4.19
CA GLU B 14 3.92 -30.03 5.26
C GLU B 14 5.44 -30.13 5.29
N LYS B 15 6.09 -29.54 4.30
CA LYS B 15 7.54 -29.56 4.24
C LYS B 15 8.11 -28.37 5.00
N VAL B 16 7.54 -27.20 4.72
CA VAL B 16 7.93 -25.95 5.37
C VAL B 16 9.44 -25.71 5.32
N LYS B 17 9.94 -25.33 4.14
CA LYS B 17 11.36 -25.07 3.99
C LYS B 17 11.64 -24.14 2.80
N LEU B 18 10.62 -23.88 2.00
CA LEU B 18 10.77 -23.02 0.83
C LEU B 18 10.19 -21.63 1.10
N GLY B 19 11.04 -20.62 1.07
CA GLY B 19 10.58 -19.27 1.30
C GLY B 19 10.39 -18.51 0.01
N MET B 20 10.66 -19.17 -1.10
CA MET B 20 10.52 -18.57 -2.43
C MET B 20 9.07 -18.12 -2.68
N THR B 21 8.13 -18.95 -2.29
CA THR B 21 6.72 -18.66 -2.48
C THR B 21 6.04 -18.36 -1.15
N ASN B 22 6.80 -17.82 -0.20
CA ASN B 22 6.26 -17.51 1.12
C ASN B 22 5.29 -16.33 1.04
N SER B 23 5.66 -15.31 0.27
CA SER B 23 4.83 -14.13 0.11
C SER B 23 4.98 -13.59 -1.31
N HIS B 24 5.32 -14.47 -2.25
CA HIS B 24 5.51 -14.09 -3.63
C HIS B 24 4.81 -15.06 -4.55
N MET A 1 14.91 4.25 -7.32
CA MET A 1 13.77 4.09 -6.38
C MET A 1 13.21 5.45 -5.97
N ALA A 2 13.67 6.52 -6.61
CA ALA A 2 13.22 7.86 -6.28
C ALA A 2 11.88 8.17 -6.93
N LYS A 3 10.82 7.62 -6.35
CA LYS A 3 9.47 7.85 -6.86
C LYS A 3 8.96 9.21 -6.39
N THR A 4 9.52 10.26 -6.98
CA THR A 4 9.13 11.62 -6.64
C THR A 4 9.31 12.55 -7.84
N GLU A 5 10.39 12.34 -8.58
CA GLU A 5 10.72 13.16 -9.74
C GLU A 5 9.98 12.69 -11.01
N GLU A 6 8.87 11.99 -10.82
CA GLU A 6 8.11 11.47 -11.95
C GLU A 6 6.84 12.28 -12.17
N MET A 7 5.86 12.06 -11.29
CA MET A 7 4.55 12.72 -11.38
C MET A 7 3.79 12.28 -12.62
N VAL A 8 4.18 11.13 -13.15
CA VAL A 8 3.55 10.56 -14.32
C VAL A 8 3.28 9.08 -14.12
N GLN A 9 2.14 8.77 -13.52
CA GLN A 9 1.75 7.40 -13.24
C GLN A 9 0.29 7.15 -13.63
N THR A 10 -0.59 7.13 -12.63
CA THR A 10 -2.01 6.90 -12.87
C THR A 10 -2.82 8.18 -12.64
N GLU A 11 -3.42 8.70 -13.71
CA GLU A 11 -4.22 9.91 -13.62
C GLU A 11 -5.68 9.57 -13.30
N GLU A 12 -6.33 10.45 -12.54
CA GLU A 12 -7.72 10.26 -12.19
C GLU A 12 -8.47 11.56 -12.46
N MET A 13 -9.54 11.82 -11.70
CA MET A 13 -10.33 13.03 -11.87
C MET A 13 -9.55 14.23 -11.35
N GLU A 14 -8.96 14.05 -10.16
CA GLU A 14 -8.20 15.11 -9.54
C GLU A 14 -6.72 14.73 -9.43
N THR A 15 -6.47 13.47 -9.05
CA THR A 15 -5.12 12.96 -8.91
C THR A 15 -4.31 13.15 -10.19
N PRO A 16 -3.23 13.95 -10.11
CA PRO A 16 -2.37 14.24 -11.27
C PRO A 16 -1.34 13.15 -11.55
N ARG A 17 -1.80 12.03 -12.09
CA ARG A 17 -0.93 10.91 -12.43
C ARG A 17 -0.13 10.45 -11.22
N LEU A 18 -0.83 10.14 -10.14
CA LEU A 18 -0.19 9.72 -8.90
C LEU A 18 -0.59 8.29 -8.52
N SER A 19 0.38 7.40 -8.55
CA SER A 19 0.14 6.01 -8.17
C SER A 19 1.08 5.63 -7.03
N VAL A 20 0.63 4.77 -6.15
CA VAL A 20 1.43 4.37 -5.02
C VAL A 20 1.83 2.89 -5.10
N ILE A 21 3.05 2.61 -4.68
CA ILE A 21 3.55 1.23 -4.68
C ILE A 21 3.20 0.56 -3.36
N VAL A 22 2.09 -0.15 -3.34
CA VAL A 22 1.65 -0.86 -2.16
C VAL A 22 2.23 -2.26 -2.16
N THR A 23 3.26 -2.48 -1.35
CA THR A 23 3.91 -3.77 -1.32
C THR A 23 3.66 -4.53 -0.01
N HIS A 24 3.62 -5.84 -0.14
CA HIS A 24 3.43 -6.77 0.96
C HIS A 24 4.51 -7.82 0.84
N SER A 25 5.72 -7.45 1.28
CA SER A 25 6.89 -8.32 1.25
C SER A 25 7.36 -8.54 -0.20
N ASN A 26 6.56 -9.23 -0.99
CA ASN A 26 6.88 -9.51 -2.38
C ASN A 26 5.65 -9.26 -3.26
N GLU A 27 4.54 -8.93 -2.61
CA GLU A 27 3.28 -8.66 -3.30
C GLU A 27 3.12 -7.16 -3.53
N ARG A 28 3.31 -6.71 -4.77
CA ARG A 28 3.21 -5.29 -5.09
C ARG A 28 1.97 -4.99 -5.92
N TYR A 29 1.23 -3.98 -5.49
CA TYR A 29 0.03 -3.54 -6.21
C TYR A 29 0.08 -2.02 -6.35
N ASP A 30 0.05 -1.54 -7.58
CA ASP A 30 0.09 -0.11 -7.85
C ASP A 30 -1.31 0.47 -7.79
N LEU A 31 -1.58 1.23 -6.72
CA LEU A 31 -2.88 1.84 -6.53
C LEU A 31 -2.86 3.34 -6.81
N LEU A 32 -3.99 4.00 -6.61
CA LEU A 32 -4.10 5.43 -6.86
C LEU A 32 -4.13 6.20 -5.55
N VAL A 33 -3.63 7.43 -5.59
CA VAL A 33 -3.61 8.30 -4.42
C VAL A 33 -4.98 8.91 -4.18
N THR A 34 -5.36 9.02 -2.91
CA THR A 34 -6.65 9.57 -2.52
C THR A 34 -6.74 11.08 -2.74
N PRO A 35 -7.62 11.53 -3.65
CA PRO A 35 -7.80 12.95 -3.95
C PRO A 35 -8.78 13.62 -2.98
N GLN A 36 -9.52 14.62 -3.49
CA GLN A 36 -10.52 15.36 -2.70
C GLN A 36 -9.85 16.24 -1.66
N GLN A 37 -8.69 16.78 -2.00
CA GLN A 37 -7.96 17.67 -1.10
C GLN A 37 -7.14 18.69 -1.90
N GLY A 38 -5.96 18.27 -2.35
CA GLY A 38 -5.12 19.17 -3.11
C GLY A 38 -4.20 18.43 -4.07
N ASN A 39 -4.81 17.69 -5.01
CA ASN A 39 -4.10 16.89 -6.03
C ASN A 39 -2.93 16.07 -5.46
N SER A 40 -1.72 16.63 -5.48
CA SER A 40 -0.54 15.94 -4.97
C SER A 40 -0.65 15.71 -3.47
N GLU A 41 -1.48 16.52 -2.82
CA GLU A 41 -1.69 16.41 -1.38
C GLU A 41 -2.99 15.64 -1.13
N PRO A 42 -2.87 14.39 -0.67
CA PRO A 42 -4.02 13.53 -0.41
C PRO A 42 -4.59 13.72 0.99
N VAL A 43 -5.67 13.00 1.29
CA VAL A 43 -6.31 13.08 2.60
C VAL A 43 -5.45 12.41 3.66
N VAL A 44 -5.83 12.55 4.92
CA VAL A 44 -5.08 11.94 6.00
C VAL A 44 -5.28 10.42 6.03
N GLN A 45 -6.44 9.98 5.56
CA GLN A 45 -6.77 8.57 5.51
C GLN A 45 -6.06 7.87 4.35
N ASP A 46 -5.36 8.65 3.54
CA ASP A 46 -4.65 8.13 2.37
C ASP A 46 -3.68 7.02 2.76
N LEU A 47 -2.95 7.23 3.84
CA LEU A 47 -1.97 6.25 4.32
C LEU A 47 -2.59 4.87 4.52
N ALA A 48 -3.87 4.85 4.87
CA ALA A 48 -4.58 3.60 5.09
C ALA A 48 -5.34 3.18 3.83
N GLN A 49 -5.92 4.16 3.15
CA GLN A 49 -6.70 3.92 1.95
C GLN A 49 -5.86 3.25 0.86
N LEU A 50 -4.61 3.68 0.73
CA LEU A 50 -3.71 3.12 -0.28
C LEU A 50 -3.56 1.61 -0.11
N VAL A 51 -3.42 1.17 1.12
CA VAL A 51 -3.25 -0.24 1.42
C VAL A 51 -4.60 -0.95 1.41
N GLU A 52 -5.61 -0.27 1.92
CA GLU A 52 -6.95 -0.80 2.00
C GLU A 52 -7.51 -1.07 0.59
N GLU A 53 -7.38 -0.07 -0.28
CA GLU A 53 -7.88 -0.17 -1.64
C GLU A 53 -6.96 -1.02 -2.51
N ALA A 54 -5.84 -1.45 -1.95
CA ALA A 54 -4.88 -2.26 -2.69
C ALA A 54 -5.48 -3.61 -3.06
N THR A 55 -6.23 -4.19 -2.13
CA THR A 55 -6.86 -5.48 -2.37
C THR A 55 -8.11 -5.67 -1.50
N GLY A 56 -8.68 -4.56 -1.03
CA GLY A 56 -9.86 -4.64 -0.19
C GLY A 56 -9.56 -5.28 1.15
N VAL A 57 -8.54 -4.78 1.80
CA VAL A 57 -8.10 -5.30 3.09
C VAL A 57 -8.65 -4.48 4.24
N PRO A 58 -9.14 -5.13 5.32
CA PRO A 58 -9.65 -4.44 6.50
C PRO A 58 -8.54 -3.65 7.20
N LEU A 59 -8.92 -2.53 7.80
CA LEU A 59 -7.95 -1.67 8.50
C LEU A 59 -7.14 -2.43 9.56
N PRO A 60 -7.78 -3.20 10.47
CA PRO A 60 -7.07 -3.94 11.52
C PRO A 60 -6.40 -5.22 11.01
N PHE A 61 -6.28 -5.34 9.69
CA PHE A 61 -5.67 -6.52 9.10
C PHE A 61 -4.40 -6.15 8.34
N GLN A 62 -4.06 -4.87 8.33
CA GLN A 62 -2.88 -4.42 7.62
C GLN A 62 -2.09 -3.42 8.46
N LYS A 63 -0.88 -3.81 8.85
CA LYS A 63 -0.04 -2.96 9.66
C LYS A 63 0.80 -2.05 8.75
N LEU A 64 0.18 -0.96 8.31
CA LEU A 64 0.83 0.01 7.43
C LEU A 64 1.99 0.69 8.14
N ILE A 65 3.19 0.56 7.55
CA ILE A 65 4.39 1.18 8.09
C ILE A 65 5.22 1.77 6.96
N PHE A 66 4.90 3.00 6.58
CA PHE A 66 5.62 3.70 5.50
C PHE A 66 5.09 5.13 5.41
N LYS A 67 5.64 5.91 4.47
CA LYS A 67 5.24 7.30 4.28
C LYS A 67 5.50 8.12 5.54
N GLY A 68 6.32 7.58 6.43
CA GLY A 68 6.61 8.25 7.69
C GLY A 68 5.40 8.29 8.60
N LYS A 69 4.64 7.20 8.61
CA LYS A 69 3.43 7.09 9.43
C LYS A 69 2.96 5.64 9.50
N SER A 70 1.97 5.40 10.35
CA SER A 70 1.42 4.07 10.52
C SER A 70 -0.09 4.11 10.26
N LEU A 71 -0.70 2.93 10.18
CA LEU A 71 -2.14 2.83 9.93
C LEU A 71 -2.94 3.62 10.96
N LYS A 72 -3.82 4.48 10.45
CA LYS A 72 -4.66 5.33 11.28
C LYS A 72 -5.59 6.15 10.39
N GLU A 73 -6.62 6.74 10.97
CA GLU A 73 -7.54 7.56 10.19
C GLU A 73 -6.87 8.89 9.85
N MET A 74 -6.28 9.51 10.85
CA MET A 74 -5.60 10.78 10.66
C MET A 74 -4.39 10.85 11.58
N GLU A 75 -3.23 10.46 11.06
CA GLU A 75 -2.00 10.48 11.84
C GLU A 75 -1.21 11.77 11.60
N THR A 76 -0.27 11.75 10.68
CA THR A 76 0.54 12.91 10.37
C THR A 76 -0.12 13.78 9.30
N PRO A 77 0.05 15.13 9.38
CA PRO A 77 -0.52 16.08 8.41
C PRO A 77 -0.30 15.71 6.94
N LEU A 78 -1.11 16.33 6.09
CA LEU A 78 -1.08 16.09 4.64
C LEU A 78 0.31 16.34 4.04
N SER A 79 1.03 17.29 4.59
CA SER A 79 2.37 17.63 4.11
C SER A 79 3.34 16.45 4.27
N ALA A 80 2.96 15.50 5.13
CA ALA A 80 3.78 14.34 5.38
C ALA A 80 3.12 13.08 4.83
N LEU A 81 2.06 13.25 4.05
CA LEU A 81 1.34 12.13 3.46
C LEU A 81 2.00 11.66 2.17
N GLY A 82 3.31 11.82 2.09
CA GLY A 82 4.03 11.41 0.90
C GLY A 82 4.03 12.49 -0.15
N MET A 83 4.88 13.49 0.02
CA MET A 83 4.98 14.60 -0.93
C MET A 83 5.72 14.17 -2.20
N GLN A 84 5.17 13.17 -2.87
CA GLN A 84 5.75 12.65 -4.10
C GLN A 84 4.65 12.07 -4.96
N ASN A 85 4.99 11.51 -6.11
CA ASN A 85 4.00 10.95 -7.00
C ASN A 85 3.52 9.57 -6.54
N GLY A 86 2.78 9.57 -5.44
CA GLY A 86 2.25 8.34 -4.92
C GLY A 86 3.04 7.78 -3.76
N CYS A 87 4.37 7.75 -3.92
CA CYS A 87 5.27 7.22 -2.89
C CYS A 87 5.14 5.70 -2.81
N ARG A 88 5.54 5.13 -1.68
CA ARG A 88 5.47 3.69 -1.48
C ARG A 88 4.92 3.39 -0.10
N VAL A 89 4.14 2.33 0.02
CA VAL A 89 3.56 1.93 1.29
C VAL A 89 3.64 0.42 1.46
N MET A 90 4.07 -0.01 2.62
CA MET A 90 4.20 -1.43 2.92
C MET A 90 3.47 -1.74 4.21
N LEU A 91 2.97 -2.95 4.32
CA LEU A 91 2.25 -3.36 5.52
C LEU A 91 2.68 -4.75 5.98
N ILE A 92 2.72 -4.93 7.28
CA ILE A 92 3.08 -6.21 7.86
C ILE A 92 1.81 -7.01 8.12
N GLY A 93 1.81 -8.25 7.68
CA GLY A 93 0.66 -9.11 7.85
C GLY A 93 0.29 -9.77 6.54
N GLU A 94 -0.97 -9.61 6.13
CA GLU A 94 -1.42 -10.20 4.88
C GLU A 94 -2.63 -9.45 4.33
N LYS A 95 -2.56 -9.12 3.05
CA LYS A 95 -3.65 -8.41 2.39
C LYS A 95 -4.75 -9.41 2.02
N SER A 96 -5.68 -9.61 2.93
CA SER A 96 -6.77 -10.55 2.73
C SER A 96 -7.57 -10.24 1.45
N ASN A 97 -7.58 -11.21 0.54
CA ASN A 97 -8.30 -11.09 -0.73
C ASN A 97 -8.36 -12.45 -1.41
N ARG B 1 -4.56 -24.10 4.84
CA ARG B 1 -4.76 -22.79 5.50
C ARG B 1 -5.92 -22.07 4.83
N TYR B 2 -6.53 -21.11 5.54
CA TYR B 2 -7.63 -20.34 4.98
C TYR B 2 -7.13 -19.00 4.46
N HIS B 3 -5.83 -18.93 4.25
CA HIS B 3 -5.19 -17.72 3.75
C HIS B 3 -4.31 -18.05 2.56
N ARG B 4 -4.59 -17.43 1.43
CA ARG B 4 -3.81 -17.66 0.22
C ARG B 4 -2.60 -16.73 0.22
N ARG B 5 -1.55 -17.11 -0.51
CA ARG B 5 -0.33 -16.29 -0.59
C ARG B 5 0.31 -16.15 0.80
N GLY B 6 0.10 -17.16 1.64
CA GLY B 6 0.64 -17.14 2.98
C GLY B 6 1.67 -18.23 3.21
N GLY B 7 2.94 -17.84 3.20
CA GLY B 7 4.01 -18.79 3.43
C GLY B 7 4.47 -19.44 2.14
N TYR B 8 3.60 -20.25 1.56
CA TYR B 8 3.91 -20.93 0.31
C TYR B 8 2.84 -20.62 -0.74
N ASP B 9 1.93 -21.55 -0.96
CA ASP B 9 0.87 -21.34 -1.94
C ASP B 9 -0.43 -20.98 -1.21
N VAL B 10 -0.89 -21.88 -0.37
CA VAL B 10 -2.11 -21.68 0.40
C VAL B 10 -2.21 -22.74 1.51
N GLU B 11 -1.58 -23.89 1.28
CA GLU B 11 -1.59 -24.96 2.26
C GLU B 11 -0.67 -24.64 3.44
N ASN B 12 -0.62 -25.53 4.42
CA ASN B 12 0.22 -25.33 5.60
C ASN B 12 1.68 -25.63 5.31
N GLU B 13 1.91 -26.37 4.22
CA GLU B 13 3.25 -26.76 3.76
C GLU B 13 3.97 -27.63 4.80
N GLU B 14 5.08 -28.23 4.38
CA GLU B 14 5.87 -29.09 5.26
C GLU B 14 7.36 -28.90 4.98
N LYS B 15 7.69 -27.84 4.25
CA LYS B 15 9.08 -27.57 3.90
C LYS B 15 9.58 -26.32 4.60
N VAL B 16 8.83 -25.22 4.45
CA VAL B 16 9.16 -23.93 5.06
C VAL B 16 10.61 -23.52 4.75
N LYS B 17 10.94 -23.41 3.47
CA LYS B 17 12.29 -23.01 3.07
C LYS B 17 12.28 -22.17 1.80
N LEU B 18 11.10 -21.94 1.25
CA LEU B 18 10.98 -21.13 0.04
C LEU B 18 10.37 -19.77 0.36
N GLY B 19 11.11 -18.70 0.04
CA GLY B 19 10.63 -17.37 0.32
C GLY B 19 10.02 -16.70 -0.90
N MET B 20 10.12 -17.37 -2.05
CA MET B 20 9.58 -16.85 -3.29
C MET B 20 8.07 -16.68 -3.22
N THR B 21 7.39 -17.69 -2.69
CA THR B 21 5.94 -17.66 -2.59
C THR B 21 5.48 -17.23 -1.20
N ASN B 22 6.42 -16.75 -0.39
CA ASN B 22 6.11 -16.30 0.97
C ASN B 22 4.99 -15.27 0.95
N SER B 23 4.98 -14.45 -0.10
CA SER B 23 3.97 -13.43 -0.28
C SER B 23 3.98 -12.94 -1.72
N HIS B 24 3.72 -13.85 -2.66
CA HIS B 24 3.69 -13.49 -4.07
C HIS B 24 2.65 -14.32 -4.80
N MET A 1 14.22 4.64 -8.08
CA MET A 1 13.94 4.44 -6.64
C MET A 1 13.26 5.68 -6.05
N ALA A 2 13.84 6.84 -6.29
CA ALA A 2 13.29 8.09 -5.79
C ALA A 2 12.10 8.52 -6.64
N LYS A 3 10.92 8.06 -6.25
CA LYS A 3 9.70 8.39 -6.97
C LYS A 3 9.24 9.81 -6.63
N THR A 4 10.10 10.77 -6.90
CA THR A 4 9.83 12.17 -6.63
C THR A 4 10.30 13.04 -7.79
N GLU A 5 10.67 12.37 -8.89
CA GLU A 5 11.17 13.08 -10.07
C GLU A 5 10.23 12.89 -11.25
N GLU A 6 9.16 12.14 -11.05
CA GLU A 6 8.21 11.87 -12.12
C GLU A 6 6.98 12.75 -12.01
N MET A 7 6.14 12.46 -11.00
CA MET A 7 4.89 13.18 -10.76
C MET A 7 3.87 12.89 -11.85
N VAL A 8 4.23 11.99 -12.76
CA VAL A 8 3.35 11.60 -13.86
C VAL A 8 3.18 10.08 -13.90
N GLN A 9 2.09 9.61 -13.31
CA GLN A 9 1.79 8.19 -13.28
C GLN A 9 0.34 7.93 -13.72
N THR A 10 -0.39 7.12 -12.96
CA THR A 10 -1.77 6.78 -13.29
C THR A 10 -2.72 7.96 -13.03
N GLU A 11 -3.48 8.32 -14.05
CA GLU A 11 -4.43 9.41 -13.95
C GLU A 11 -5.81 8.90 -13.57
N GLU A 12 -6.67 9.80 -13.13
CA GLU A 12 -8.04 9.46 -12.75
C GLU A 12 -8.95 10.66 -12.97
N MET A 13 -9.09 11.50 -11.96
CA MET A 13 -9.95 12.69 -12.05
C MET A 13 -9.17 13.93 -11.65
N GLU A 14 -9.22 14.25 -10.35
CA GLU A 14 -8.51 15.41 -9.83
C GLU A 14 -7.08 15.02 -9.50
N THR A 15 -6.80 13.73 -9.56
CA THR A 15 -5.49 13.19 -9.29
C THR A 15 -4.55 13.45 -10.48
N PRO A 16 -3.49 14.22 -10.25
CA PRO A 16 -2.52 14.56 -11.30
C PRO A 16 -1.55 13.42 -11.61
N ARG A 17 -2.12 12.26 -11.96
CA ARG A 17 -1.34 11.07 -12.30
C ARG A 17 -0.44 10.67 -11.12
N LEU A 18 -1.06 10.10 -10.09
CA LEU A 18 -0.34 9.71 -8.88
C LEU A 18 -0.66 8.27 -8.46
N SER A 19 0.32 7.38 -8.53
CA SER A 19 0.14 5.99 -8.12
C SER A 19 1.18 5.61 -7.06
N VAL A 20 0.73 4.93 -6.03
CA VAL A 20 1.61 4.54 -4.93
C VAL A 20 2.10 3.10 -5.06
N ILE A 21 3.31 2.86 -4.60
CA ILE A 21 3.92 1.54 -4.63
C ILE A 21 3.59 0.78 -3.35
N VAL A 22 2.54 -0.03 -3.40
CA VAL A 22 2.14 -0.83 -2.24
C VAL A 22 2.93 -2.13 -2.25
N THR A 23 3.77 -2.31 -1.25
CA THR A 23 4.59 -3.51 -1.18
C THR A 23 4.33 -4.33 0.09
N HIS A 24 4.25 -5.63 -0.09
CA HIS A 24 4.03 -6.57 1.01
C HIS A 24 5.13 -7.64 0.92
N SER A 25 6.31 -7.29 1.41
CA SER A 25 7.48 -8.17 1.39
C SER A 25 7.95 -8.37 -0.06
N ASN A 26 7.21 -9.16 -0.81
CA ASN A 26 7.55 -9.42 -2.21
C ASN A 26 6.36 -9.06 -3.10
N GLU A 27 5.22 -8.82 -2.47
CA GLU A 27 4.00 -8.47 -3.17
C GLU A 27 4.00 -7.00 -3.53
N ARG A 28 3.43 -6.66 -4.68
CA ARG A 28 3.38 -5.28 -5.13
C ARG A 28 2.07 -4.99 -5.83
N TYR A 29 1.38 -3.96 -5.35
CA TYR A 29 0.11 -3.54 -5.93
C TYR A 29 0.20 -2.10 -6.37
N ASP A 30 -0.58 -1.72 -7.37
CA ASP A 30 -0.58 -0.35 -7.87
C ASP A 30 -1.89 0.31 -7.53
N LEU A 31 -1.85 1.26 -6.62
CA LEU A 31 -3.04 1.97 -6.19
C LEU A 31 -2.88 3.48 -6.44
N LEU A 32 -3.99 4.12 -6.77
CA LEU A 32 -4.00 5.55 -7.02
C LEU A 32 -4.03 6.31 -5.69
N VAL A 33 -3.38 7.47 -5.64
CA VAL A 33 -3.36 8.27 -4.42
C VAL A 33 -4.78 8.72 -4.08
N THR A 34 -5.07 8.86 -2.80
CA THR A 34 -6.39 9.26 -2.36
C THR A 34 -6.61 10.76 -2.54
N PRO A 35 -7.53 11.12 -3.45
CA PRO A 35 -7.86 12.51 -3.75
C PRO A 35 -8.90 13.09 -2.80
N GLN A 36 -9.67 14.07 -3.29
CA GLN A 36 -10.72 14.73 -2.51
C GLN A 36 -10.11 15.68 -1.49
N GLN A 37 -8.98 16.28 -1.85
CA GLN A 37 -8.30 17.22 -0.97
C GLN A 37 -7.63 18.32 -1.80
N GLY A 38 -6.38 18.11 -2.19
CA GLY A 38 -5.68 19.11 -2.96
C GLY A 38 -4.77 18.51 -4.00
N ASN A 39 -5.35 17.66 -4.87
CA ASN A 39 -4.64 16.96 -5.96
C ASN A 39 -3.28 16.38 -5.53
N SER A 40 -2.23 17.18 -5.61
CA SER A 40 -0.88 16.75 -5.23
C SER A 40 -0.81 16.45 -3.73
N GLU A 41 -1.74 17.02 -2.97
CA GLU A 41 -1.79 16.82 -1.53
C GLU A 41 -2.96 15.88 -1.20
N PRO A 42 -2.66 14.61 -0.88
CA PRO A 42 -3.67 13.61 -0.54
C PRO A 42 -4.28 13.82 0.84
N VAL A 43 -5.39 13.13 1.10
CA VAL A 43 -6.08 13.23 2.39
C VAL A 43 -5.31 12.49 3.47
N VAL A 44 -5.74 12.65 4.72
CA VAL A 44 -5.09 11.98 5.84
C VAL A 44 -5.32 10.47 5.77
N GLN A 45 -6.43 10.07 5.18
CA GLN A 45 -6.77 8.65 5.04
C GLN A 45 -6.10 8.04 3.83
N ASP A 46 -5.21 8.79 3.19
CA ASP A 46 -4.51 8.32 2.00
C ASP A 46 -3.74 7.03 2.25
N LEU A 47 -2.73 7.10 3.11
CA LEU A 47 -1.89 5.94 3.41
C LEU A 47 -2.73 4.73 3.83
N ALA A 48 -3.86 5.00 4.48
CA ALA A 48 -4.74 3.94 4.93
C ALA A 48 -5.48 3.33 3.75
N GLN A 49 -6.08 4.18 2.92
CA GLN A 49 -6.83 3.73 1.76
C GLN A 49 -5.92 3.04 0.74
N LEU A 50 -4.70 3.56 0.60
CA LEU A 50 -3.73 3.03 -0.34
C LEU A 50 -3.49 1.53 -0.12
N VAL A 51 -3.17 1.16 1.10
CA VAL A 51 -2.91 -0.23 1.42
C VAL A 51 -4.19 -1.04 1.55
N GLU A 52 -5.26 -0.39 2.00
CA GLU A 52 -6.54 -1.07 2.17
C GLU A 52 -7.17 -1.42 0.83
N GLU A 53 -7.35 -0.41 -0.02
CA GLU A 53 -7.98 -0.61 -1.32
C GLU A 53 -7.09 -1.38 -2.29
N ALA A 54 -5.85 -1.63 -1.89
CA ALA A 54 -4.92 -2.39 -2.73
C ALA A 54 -5.33 -3.85 -2.82
N THR A 55 -6.30 -4.24 -1.99
CA THR A 55 -6.79 -5.60 -1.97
C THR A 55 -8.24 -5.65 -1.46
N GLY A 56 -8.56 -4.78 -0.52
CA GLY A 56 -9.90 -4.77 0.06
C GLY A 56 -9.89 -5.48 1.40
N VAL A 57 -8.88 -5.16 2.20
CA VAL A 57 -8.72 -5.77 3.52
C VAL A 57 -8.68 -4.68 4.58
N PRO A 58 -9.41 -4.88 5.71
CA PRO A 58 -9.45 -3.91 6.81
C PRO A 58 -8.07 -3.47 7.29
N LEU A 59 -7.99 -2.24 7.75
CA LEU A 59 -6.73 -1.65 8.25
C LEU A 59 -6.08 -2.47 9.38
N PRO A 60 -6.85 -2.85 10.44
CA PRO A 60 -6.27 -3.63 11.57
C PRO A 60 -5.65 -4.96 11.15
N PHE A 61 -5.80 -5.34 9.89
CA PHE A 61 -5.24 -6.59 9.40
C PHE A 61 -3.83 -6.38 8.83
N GLN A 62 -3.58 -5.18 8.32
CA GLN A 62 -2.29 -4.86 7.73
C GLN A 62 -1.67 -3.62 8.37
N LYS A 63 -0.54 -3.82 9.04
CA LYS A 63 0.15 -2.72 9.71
C LYS A 63 0.93 -1.86 8.70
N LEU A 64 0.30 -0.81 8.22
CA LEU A 64 0.92 0.11 7.27
C LEU A 64 1.94 0.99 7.99
N ILE A 65 3.20 0.88 7.61
CA ILE A 65 4.26 1.66 8.21
C ILE A 65 5.17 2.28 7.15
N PHE A 66 4.80 3.47 6.70
CA PHE A 66 5.58 4.18 5.70
C PHE A 66 5.11 5.63 5.63
N LYS A 67 5.79 6.44 4.81
CA LYS A 67 5.46 7.86 4.65
C LYS A 67 5.69 8.61 5.95
N GLY A 68 6.46 7.99 6.86
CA GLY A 68 6.74 8.59 8.14
C GLY A 68 5.50 8.64 9.02
N LYS A 69 4.56 7.75 8.75
CA LYS A 69 3.32 7.69 9.49
C LYS A 69 2.99 6.26 9.89
N SER A 70 1.83 6.08 10.51
CA SER A 70 1.37 4.77 10.94
C SER A 70 -0.06 4.55 10.45
N LEU A 71 -0.45 3.29 10.37
CA LEU A 71 -1.78 2.91 9.89
C LEU A 71 -2.89 3.50 10.77
N LYS A 72 -3.64 4.42 10.18
CA LYS A 72 -4.76 5.07 10.86
C LYS A 72 -5.49 5.98 9.89
N GLU A 73 -6.71 6.37 10.23
CA GLU A 73 -7.51 7.24 9.38
C GLU A 73 -6.90 8.64 9.33
N MET A 74 -6.46 9.14 10.47
CA MET A 74 -5.84 10.45 10.53
C MET A 74 -4.87 10.53 11.68
N GLU A 75 -3.75 11.20 11.47
CA GLU A 75 -2.73 11.35 12.49
C GLU A 75 -1.87 12.59 12.24
N THR A 76 -0.81 12.43 11.46
CA THR A 76 0.10 13.52 11.17
C THR A 76 -0.40 14.35 9.98
N PRO A 77 0.05 15.61 9.88
CA PRO A 77 -0.33 16.54 8.80
C PRO A 77 -0.30 15.93 7.39
N LEU A 78 -1.08 16.53 6.50
CA LEU A 78 -1.18 16.09 5.12
C LEU A 78 0.09 16.41 4.34
N SER A 79 0.82 17.40 4.84
CA SER A 79 2.08 17.81 4.22
C SER A 79 3.12 16.70 4.33
N ALA A 80 2.82 15.71 5.16
CA ALA A 80 3.72 14.59 5.36
C ALA A 80 3.05 13.31 4.88
N LEU A 81 2.22 13.43 3.86
CA LEU A 81 1.51 12.28 3.28
C LEU A 81 2.25 11.78 2.05
N GLY A 82 3.46 12.27 1.84
CA GLY A 82 4.23 11.89 0.68
C GLY A 82 3.77 12.64 -0.54
N MET A 83 4.08 13.94 -0.57
CA MET A 83 3.68 14.82 -1.65
C MET A 83 4.52 14.57 -2.92
N GLN A 84 4.46 13.35 -3.40
CA GLN A 84 5.17 12.96 -4.61
C GLN A 84 4.25 12.12 -5.46
N ASN A 85 4.77 11.44 -6.47
CA ASN A 85 3.92 10.62 -7.33
C ASN A 85 3.50 9.34 -6.63
N GLY A 86 2.49 9.45 -5.78
CA GLY A 86 1.96 8.30 -5.06
C GLY A 86 2.77 7.92 -3.83
N CYS A 87 4.10 7.85 -4.02
CA CYS A 87 5.04 7.47 -2.96
C CYS A 87 5.05 5.96 -2.81
N ARG A 88 5.47 5.46 -1.65
CA ARG A 88 5.52 4.03 -1.40
C ARG A 88 4.91 3.72 -0.05
N VAL A 89 4.34 2.53 0.09
CA VAL A 89 3.75 2.10 1.34
C VAL A 89 3.97 0.61 1.57
N MET A 90 4.47 0.27 2.75
CA MET A 90 4.71 -1.13 3.09
C MET A 90 3.91 -1.49 4.33
N LEU A 91 3.42 -2.72 4.37
CA LEU A 91 2.64 -3.18 5.51
C LEU A 91 3.17 -4.49 6.06
N ILE A 92 3.14 -4.61 7.37
CA ILE A 92 3.59 -5.81 8.04
C ILE A 92 2.38 -6.60 8.52
N GLY A 93 2.00 -7.58 7.72
CA GLY A 93 0.86 -8.41 8.04
C GLY A 93 0.43 -9.24 6.86
N GLU A 94 -0.87 -9.30 6.62
CA GLU A 94 -1.41 -10.08 5.51
C GLU A 94 -2.41 -9.26 4.70
N LYS A 95 -2.75 -9.75 3.52
CA LYS A 95 -3.70 -9.09 2.65
C LYS A 95 -4.71 -10.13 2.15
N SER A 96 -5.34 -10.81 3.09
CA SER A 96 -6.31 -11.85 2.79
C SER A 96 -7.47 -11.35 1.93
N ASN A 97 -7.41 -11.69 0.65
CA ASN A 97 -8.46 -11.32 -0.29
C ASN A 97 -8.42 -12.27 -1.48
N ARG B 1 -6.28 -24.28 4.99
CA ARG B 1 -6.07 -22.87 5.39
C ARG B 1 -6.82 -21.95 4.45
N TYR B 2 -7.22 -20.79 4.97
CA TYR B 2 -7.97 -19.80 4.17
C TYR B 2 -7.11 -18.59 3.86
N HIS B 3 -5.81 -18.71 4.09
CA HIS B 3 -4.89 -17.61 3.82
C HIS B 3 -4.21 -17.82 2.48
N ARG B 4 -4.50 -16.93 1.55
CA ARG B 4 -3.94 -17.00 0.21
C ARG B 4 -2.44 -16.70 0.24
N ARG B 5 -1.64 -17.72 -0.14
CA ARG B 5 -0.18 -17.63 -0.17
C ARG B 5 0.37 -17.09 1.16
N GLY B 6 0.24 -17.89 2.21
CA GLY B 6 0.72 -17.48 3.51
C GLY B 6 1.97 -18.24 3.93
N GLY B 7 3.12 -17.77 3.48
CA GLY B 7 4.37 -18.42 3.85
C GLY B 7 4.90 -19.32 2.76
N TYR B 8 4.02 -20.18 2.26
CA TYR B 8 4.38 -21.12 1.21
C TYR B 8 3.30 -21.07 0.13
N ASP B 9 2.85 -22.22 -0.32
CA ASP B 9 1.81 -22.29 -1.32
C ASP B 9 0.45 -21.99 -0.69
N VAL B 10 -0.62 -22.17 -1.44
CA VAL B 10 -1.96 -21.91 -0.91
C VAL B 10 -2.38 -23.01 0.05
N GLU B 11 -1.66 -24.13 0.02
CA GLU B 11 -1.95 -25.23 0.91
C GLU B 11 -1.19 -25.07 2.22
N ASN B 12 -1.49 -25.93 3.19
CA ASN B 12 -0.82 -25.88 4.49
C ASN B 12 0.64 -26.30 4.41
N GLU B 13 0.97 -27.04 3.34
CA GLU B 13 2.33 -27.54 3.06
C GLU B 13 2.92 -28.33 4.24
N GLU B 14 4.19 -28.71 4.11
CA GLU B 14 4.88 -29.48 5.15
C GLU B 14 6.39 -29.51 4.92
N LYS B 15 6.93 -28.48 4.29
CA LYS B 15 8.37 -28.41 4.02
C LYS B 15 8.99 -27.18 4.66
N VAL B 16 8.36 -26.03 4.46
CA VAL B 16 8.83 -24.75 5.00
C VAL B 16 10.31 -24.52 4.67
N LYS B 17 10.65 -24.50 3.39
CA LYS B 17 12.03 -24.29 2.98
C LYS B 17 12.13 -23.34 1.79
N LEU B 18 11.00 -22.80 1.36
CA LEU B 18 10.98 -21.89 0.21
C LEU B 18 10.09 -20.69 0.51
N GLY B 19 10.60 -19.51 0.24
CA GLY B 19 9.84 -18.30 0.46
C GLY B 19 9.40 -17.66 -0.84
N MET B 20 9.50 -18.42 -1.93
CA MET B 20 9.13 -17.93 -3.25
C MET B 20 7.65 -17.58 -3.32
N THR B 21 6.86 -18.20 -2.45
CA THR B 21 5.43 -17.95 -2.40
C THR B 21 5.02 -17.40 -1.04
N ASN B 22 6.01 -16.93 -0.28
CA ASN B 22 5.76 -16.38 1.07
C ASN B 22 4.76 -15.24 1.01
N SER B 23 4.91 -14.42 -0.02
CA SER B 23 4.04 -13.28 -0.26
C SER B 23 4.18 -12.86 -1.72
N HIS B 24 4.17 -13.86 -2.59
CA HIS B 24 4.32 -13.63 -4.02
C HIS B 24 3.64 -14.74 -4.81
N MET A 1 14.94 4.58 -7.60
CA MET A 1 13.86 4.58 -6.58
C MET A 1 13.45 6.01 -6.21
N ALA A 2 13.98 6.99 -6.94
CA ALA A 2 13.66 8.39 -6.67
C ALA A 2 12.28 8.75 -7.19
N LYS A 3 11.26 8.30 -6.48
CA LYS A 3 9.88 8.59 -6.86
C LYS A 3 9.43 9.91 -6.28
N THR A 4 9.78 10.98 -6.98
CA THR A 4 9.43 12.34 -6.57
C THR A 4 9.57 13.30 -7.75
N GLU A 5 10.42 12.93 -8.70
CA GLU A 5 10.69 13.77 -9.86
C GLU A 5 9.71 13.52 -11.00
N GLU A 6 9.11 12.33 -11.03
CA GLU A 6 8.16 11.99 -12.10
C GLU A 6 6.88 12.80 -11.96
N MET A 7 6.30 12.75 -10.75
CA MET A 7 5.06 13.46 -10.43
C MET A 7 3.84 12.84 -11.12
N VAL A 8 3.91 12.69 -12.43
CA VAL A 8 2.81 12.14 -13.20
C VAL A 8 2.89 10.61 -13.33
N GLN A 9 1.84 9.95 -12.84
CA GLN A 9 1.73 8.50 -12.90
C GLN A 9 0.42 8.12 -13.61
N THR A 10 -0.60 7.74 -12.84
CA THR A 10 -1.90 7.37 -13.41
C THR A 10 -2.87 8.55 -13.28
N GLU A 11 -3.35 9.04 -14.42
CA GLU A 11 -4.26 10.19 -14.43
C GLU A 11 -5.63 9.86 -13.89
N GLU A 12 -6.19 10.82 -13.16
CA GLU A 12 -7.50 10.72 -12.58
C GLU A 12 -8.20 12.05 -12.78
N MET A 13 -9.51 12.09 -12.60
CA MET A 13 -10.28 13.32 -12.78
C MET A 13 -9.90 14.34 -11.72
N GLU A 14 -9.57 13.88 -10.52
CA GLU A 14 -9.19 14.77 -9.44
C GLU A 14 -7.69 14.71 -9.22
N THR A 15 -7.16 13.53 -8.93
CA THR A 15 -5.74 13.36 -8.70
C THR A 15 -4.96 13.57 -10.00
N PRO A 16 -4.01 14.52 -10.00
CA PRO A 16 -3.21 14.84 -11.18
C PRO A 16 -2.12 13.80 -11.47
N ARG A 17 -2.56 12.59 -11.83
CA ARG A 17 -1.66 11.49 -12.14
C ARG A 17 -0.80 11.11 -10.94
N LEU A 18 -1.44 10.64 -9.88
CA LEU A 18 -0.72 10.27 -8.67
C LEU A 18 -1.00 8.83 -8.28
N SER A 19 0.03 8.00 -8.31
CA SER A 19 -0.10 6.58 -7.95
C SER A 19 0.98 6.20 -6.95
N VAL A 20 0.64 5.29 -6.05
CA VAL A 20 1.58 4.85 -5.02
C VAL A 20 2.04 3.42 -5.25
N ILE A 21 3.23 3.11 -4.76
CA ILE A 21 3.78 1.78 -4.88
C ILE A 21 3.52 1.00 -3.59
N VAL A 22 2.57 0.08 -3.65
CA VAL A 22 2.23 -0.75 -2.50
C VAL A 22 3.10 -1.99 -2.50
N THR A 23 3.84 -2.18 -1.43
CA THR A 23 4.73 -3.33 -1.32
C THR A 23 4.41 -4.19 -0.10
N HIS A 24 4.06 -5.44 -0.35
CA HIS A 24 3.74 -6.38 0.70
C HIS A 24 4.75 -7.53 0.66
N SER A 25 5.92 -7.30 1.25
CA SER A 25 7.00 -8.28 1.29
C SER A 25 7.54 -8.56 -0.11
N ASN A 26 6.83 -9.40 -0.85
CA ASN A 26 7.24 -9.76 -2.21
C ASN A 26 6.14 -9.37 -3.19
N GLU A 27 4.98 -9.04 -2.66
CA GLU A 27 3.83 -8.65 -3.46
C GLU A 27 3.89 -7.16 -3.78
N ARG A 28 3.59 -6.81 -5.01
CA ARG A 28 3.61 -5.43 -5.45
C ARG A 28 2.28 -5.04 -6.09
N TYR A 29 1.73 -3.90 -5.67
CA TYR A 29 0.48 -3.42 -6.21
C TYR A 29 0.56 -1.91 -6.48
N ASP A 30 -0.15 -1.47 -7.52
CA ASP A 30 -0.17 -0.06 -7.88
C ASP A 30 -1.54 0.52 -7.55
N LEU A 31 -1.56 1.53 -6.69
CA LEU A 31 -2.83 2.12 -6.29
C LEU A 31 -2.81 3.63 -6.49
N LEU A 32 -3.95 4.18 -6.88
CA LEU A 32 -4.08 5.62 -7.09
C LEU A 32 -4.18 6.35 -5.75
N VAL A 33 -3.62 7.56 -5.70
CA VAL A 33 -3.64 8.37 -4.49
C VAL A 33 -5.04 8.90 -4.21
N THR A 34 -5.40 8.95 -2.94
CA THR A 34 -6.70 9.44 -2.53
C THR A 34 -6.80 10.95 -2.71
N PRO A 35 -7.67 11.40 -3.64
CA PRO A 35 -7.84 12.82 -3.93
C PRO A 35 -8.84 13.50 -3.00
N GLN A 36 -9.46 14.59 -3.49
CA GLN A 36 -10.45 15.35 -2.73
C GLN A 36 -9.79 16.08 -1.56
N GLN A 37 -8.61 16.63 -1.81
CA GLN A 37 -7.88 17.36 -0.79
C GLN A 37 -7.12 18.53 -1.41
N GLY A 38 -5.97 18.26 -1.97
CA GLY A 38 -5.18 19.31 -2.58
C GLY A 38 -4.20 18.77 -3.61
N ASN A 39 -4.76 18.24 -4.71
CA ASN A 39 -3.99 17.67 -5.83
C ASN A 39 -2.80 16.80 -5.39
N SER A 40 -1.63 17.40 -5.27
CA SER A 40 -0.42 16.66 -4.87
C SER A 40 -0.46 16.27 -3.39
N GLU A 41 -1.34 16.92 -2.63
CA GLU A 41 -1.47 16.64 -1.22
C GLU A 41 -2.70 15.77 -0.96
N PRO A 42 -2.47 14.48 -0.59
CA PRO A 42 -3.54 13.53 -0.31
C PRO A 42 -4.23 13.78 1.03
N VAL A 43 -5.29 13.03 1.29
CA VAL A 43 -6.03 13.16 2.54
C VAL A 43 -5.34 12.40 3.67
N VAL A 44 -5.81 12.61 4.90
CA VAL A 44 -5.22 11.93 6.07
C VAL A 44 -5.59 10.45 6.12
N GLN A 45 -6.46 10.04 5.21
CA GLN A 45 -6.89 8.65 5.14
C GLN A 45 -6.25 7.96 3.93
N ASP A 46 -5.43 8.72 3.21
CA ASP A 46 -4.76 8.21 2.00
C ASP A 46 -3.88 7.00 2.30
N LEU A 47 -2.95 7.18 3.22
CA LEU A 47 -2.01 6.13 3.60
C LEU A 47 -2.71 4.81 3.92
N ALA A 48 -3.92 4.91 4.46
CA ALA A 48 -4.69 3.73 4.82
C ALA A 48 -5.43 3.19 3.60
N GLN A 49 -6.05 4.09 2.85
CA GLN A 49 -6.82 3.72 1.67
C GLN A 49 -5.95 3.06 0.61
N LEU A 50 -4.70 3.52 0.49
CA LEU A 50 -3.77 2.98 -0.49
C LEU A 50 -3.58 1.47 -0.33
N VAL A 51 -3.29 1.04 0.89
CA VAL A 51 -3.06 -0.37 1.15
C VAL A 51 -4.38 -1.15 1.17
N GLU A 52 -5.42 -0.52 1.68
CA GLU A 52 -6.73 -1.15 1.76
C GLU A 52 -7.28 -1.44 0.37
N GLU A 53 -7.33 -0.41 -0.46
CA GLU A 53 -7.88 -0.53 -1.82
C GLU A 53 -6.89 -1.22 -2.76
N ALA A 54 -5.72 -1.59 -2.25
CA ALA A 54 -4.72 -2.26 -3.07
C ALA A 54 -5.18 -3.66 -3.45
N THR A 55 -5.95 -4.29 -2.57
CA THR A 55 -6.46 -5.64 -2.83
C THR A 55 -7.75 -5.91 -2.06
N GLY A 56 -8.25 -4.91 -1.36
CA GLY A 56 -9.47 -5.07 -0.59
C GLY A 56 -9.18 -5.76 0.73
N VAL A 57 -8.26 -5.18 1.49
CA VAL A 57 -7.87 -5.72 2.79
C VAL A 57 -8.08 -4.69 3.88
N PRO A 58 -8.77 -5.07 4.98
CA PRO A 58 -9.04 -4.17 6.10
C PRO A 58 -7.75 -3.64 6.75
N LEU A 59 -7.82 -2.40 7.21
CA LEU A 59 -6.68 -1.74 7.85
C LEU A 59 -6.06 -2.54 9.01
N PRO A 60 -6.87 -3.05 9.97
CA PRO A 60 -6.33 -3.82 11.12
C PRO A 60 -5.72 -5.17 10.73
N PHE A 61 -5.58 -5.42 9.44
CA PHE A 61 -5.01 -6.67 8.97
C PHE A 61 -3.62 -6.46 8.38
N GLN A 62 -3.29 -5.21 8.08
CA GLN A 62 -2.01 -4.89 7.49
C GLN A 62 -1.35 -3.72 8.21
N LYS A 63 -0.11 -3.93 8.65
CA LYS A 63 0.63 -2.91 9.37
C LYS A 63 1.33 -1.95 8.41
N LEU A 64 0.64 -0.88 8.05
CA LEU A 64 1.19 0.14 7.16
C LEU A 64 2.24 0.98 7.90
N ILE A 65 3.45 1.02 7.35
CA ILE A 65 4.53 1.79 7.96
C ILE A 65 5.40 2.46 6.90
N PHE A 66 4.95 3.61 6.40
CA PHE A 66 5.69 4.35 5.39
C PHE A 66 5.17 5.78 5.29
N LYS A 67 5.89 6.62 4.54
CA LYS A 67 5.52 8.02 4.35
C LYS A 67 5.61 8.80 5.66
N GLY A 68 6.26 8.21 6.66
CA GLY A 68 6.40 8.86 7.95
C GLY A 68 5.12 8.79 8.76
N LYS A 69 4.34 7.74 8.54
CA LYS A 69 3.09 7.56 9.25
C LYS A 69 2.73 6.09 9.40
N SER A 70 1.82 5.81 10.32
CA SER A 70 1.38 4.44 10.56
C SER A 70 -0.09 4.30 10.21
N LEU A 71 -0.53 3.07 9.96
CA LEU A 71 -1.93 2.79 9.60
C LEU A 71 -2.92 3.46 10.55
N LYS A 72 -3.76 4.31 9.98
CA LYS A 72 -4.77 5.04 10.76
C LYS A 72 -5.60 5.92 9.82
N GLU A 73 -6.78 6.31 10.27
CA GLU A 73 -7.67 7.17 9.47
C GLU A 73 -7.17 8.61 9.51
N MET A 74 -6.27 8.88 10.44
CA MET A 74 -5.69 10.21 10.58
C MET A 74 -4.47 10.16 11.50
N GLU A 75 -3.29 10.15 10.91
CA GLU A 75 -2.05 10.10 11.67
C GLU A 75 -1.35 11.46 11.63
N THR A 76 -0.40 11.62 10.72
CA THR A 76 0.34 12.87 10.60
C THR A 76 -0.28 13.76 9.51
N PRO A 77 -0.04 15.09 9.59
CA PRO A 77 -0.59 16.09 8.65
C PRO A 77 -0.47 15.73 7.17
N LEU A 78 -1.23 16.44 6.34
CA LEU A 78 -1.26 16.21 4.89
C LEU A 78 0.12 16.46 4.27
N SER A 79 0.85 17.40 4.85
CA SER A 79 2.18 17.73 4.37
C SER A 79 3.12 16.52 4.49
N ALA A 80 2.75 15.61 5.39
CA ALA A 80 3.53 14.40 5.62
C ALA A 80 2.84 13.19 5.00
N LEU A 81 1.95 13.45 4.03
CA LEU A 81 1.24 12.38 3.35
C LEU A 81 1.97 11.99 2.07
N GLY A 82 3.18 12.53 1.91
CA GLY A 82 3.96 12.24 0.74
C GLY A 82 3.50 13.07 -0.44
N MET A 83 3.78 14.37 -0.38
CA MET A 83 3.38 15.30 -1.43
C MET A 83 4.24 15.12 -2.67
N GLN A 84 3.97 14.04 -3.38
CA GLN A 84 4.68 13.69 -4.60
C GLN A 84 3.85 12.71 -5.40
N ASN A 85 4.48 11.98 -6.31
CA ASN A 85 3.75 11.02 -7.12
C ASN A 85 3.45 9.74 -6.34
N GLY A 86 2.51 9.84 -5.41
CA GLY A 86 2.09 8.69 -4.62
C GLY A 86 3.04 8.30 -3.51
N CYS A 87 4.33 8.18 -3.86
CA CYS A 87 5.38 7.77 -2.93
C CYS A 87 5.39 6.24 -2.80
N ARG A 88 5.86 5.74 -1.68
CA ARG A 88 5.92 4.29 -1.46
C ARG A 88 5.23 3.93 -0.16
N VAL A 89 4.54 2.79 -0.16
CA VAL A 89 3.84 2.31 1.03
C VAL A 89 4.07 0.81 1.21
N MET A 90 4.54 0.43 2.38
CA MET A 90 4.80 -0.96 2.68
C MET A 90 4.04 -1.38 3.94
N LEU A 91 3.61 -2.62 3.97
CA LEU A 91 2.87 -3.12 5.11
C LEU A 91 3.34 -4.50 5.51
N ILE A 92 3.23 -4.81 6.79
CA ILE A 92 3.62 -6.10 7.31
C ILE A 92 2.38 -6.86 7.76
N GLY A 93 2.33 -8.15 7.42
CA GLY A 93 1.19 -8.97 7.79
C GLY A 93 0.66 -9.74 6.60
N GLU A 94 -0.55 -10.24 6.70
CA GLU A 94 -1.13 -10.99 5.60
C GLU A 94 -2.08 -10.11 4.81
N LYS A 95 -1.99 -10.22 3.49
CA LYS A 95 -2.83 -9.45 2.60
C LYS A 95 -3.78 -10.38 1.88
N SER A 96 -5.05 -10.34 2.27
CA SER A 96 -6.08 -11.19 1.69
C SER A 96 -6.50 -10.69 0.31
N ASN A 97 -7.38 -11.44 -0.32
CA ASN A 97 -7.88 -11.10 -1.64
C ASN A 97 -9.08 -11.98 -1.97
N ARG B 1 -5.95 -25.20 5.94
CA ARG B 1 -6.04 -23.81 6.44
C ARG B 1 -6.57 -22.88 5.35
N TYR B 2 -7.39 -21.93 5.73
CA TYR B 2 -7.97 -20.98 4.79
C TYR B 2 -7.18 -19.67 4.81
N HIS B 3 -5.92 -19.74 4.42
CA HIS B 3 -5.06 -18.57 4.39
C HIS B 3 -4.18 -18.60 3.15
N ARG B 4 -4.67 -18.00 2.07
CA ARG B 4 -3.93 -17.94 0.82
C ARG B 4 -2.64 -17.14 0.98
N ARG B 5 -1.59 -17.60 0.31
CA ARG B 5 -0.28 -16.94 0.36
C ARG B 5 0.22 -16.85 1.80
N GLY B 6 0.32 -18.00 2.44
CA GLY B 6 0.79 -18.05 3.82
C GLY B 6 1.79 -19.16 4.04
N GLY B 7 2.59 -19.43 3.02
CA GLY B 7 3.59 -20.48 3.13
C GLY B 7 4.11 -20.89 1.77
N TYR B 8 3.78 -22.12 1.36
CA TYR B 8 4.22 -22.63 0.06
C TYR B 8 3.32 -22.14 -1.05
N ASP B 9 2.10 -21.78 -0.68
CA ASP B 9 1.11 -21.30 -1.62
C ASP B 9 -0.17 -20.94 -0.90
N VAL B 10 -0.64 -21.86 -0.05
CA VAL B 10 -1.85 -21.64 0.71
C VAL B 10 -1.93 -22.60 1.90
N GLU B 11 -1.45 -23.83 1.71
CA GLU B 11 -1.49 -24.81 2.78
C GLU B 11 -0.30 -24.69 3.72
N ASN B 12 -0.34 -25.49 4.78
CA ASN B 12 0.69 -25.50 5.81
C ASN B 12 1.86 -26.40 5.43
N GLU B 13 1.61 -27.31 4.47
CA GLU B 13 2.61 -28.27 3.96
C GLU B 13 3.37 -28.99 5.09
N GLU B 14 4.53 -29.58 4.77
CA GLU B 14 5.30 -30.32 5.78
C GLU B 14 6.81 -30.25 5.55
N LYS B 15 7.28 -29.22 4.87
CA LYS B 15 8.70 -29.08 4.61
C LYS B 15 9.23 -27.77 5.22
N VAL B 16 8.46 -26.69 5.03
CA VAL B 16 8.81 -25.37 5.56
C VAL B 16 10.24 -24.94 5.21
N LYS B 17 10.41 -24.42 4.01
CA LYS B 17 11.73 -23.94 3.57
C LYS B 17 11.57 -22.92 2.44
N LEU B 18 10.61 -23.15 1.56
CA LEU B 18 10.36 -22.23 0.46
C LEU B 18 9.64 -20.99 0.99
N GLY B 19 9.90 -19.85 0.36
CA GLY B 19 9.26 -18.62 0.78
C GLY B 19 8.84 -17.78 -0.40
N MET B 20 8.91 -18.36 -1.59
CA MET B 20 8.53 -17.65 -2.81
C MET B 20 7.06 -17.24 -2.79
N THR B 21 6.19 -18.16 -2.38
CA THR B 21 4.77 -17.88 -2.32
C THR B 21 4.30 -17.63 -0.89
N ASN B 22 5.22 -17.14 -0.05
CA ASN B 22 4.89 -16.85 1.33
C ASN B 22 4.10 -15.56 1.44
N SER B 23 4.29 -14.69 0.45
CA SER B 23 3.58 -13.41 0.39
C SER B 23 3.67 -12.83 -1.01
N HIS B 24 3.21 -13.59 -1.99
CA HIS B 24 3.22 -13.16 -3.38
C HIS B 24 2.01 -13.75 -4.09
N MET A 1 15.71 4.48 -6.92
CA MET A 1 14.26 4.66 -7.18
C MET A 1 13.92 6.14 -7.30
N ALA A 2 14.18 6.90 -6.24
CA ALA A 2 13.91 8.33 -6.20
C ALA A 2 12.48 8.64 -6.64
N LYS A 3 11.52 8.03 -5.96
CA LYS A 3 10.12 8.24 -6.31
C LYS A 3 9.63 9.55 -5.70
N THR A 4 9.97 10.65 -6.37
CA THR A 4 9.56 11.97 -5.93
C THR A 4 9.44 12.92 -7.11
N GLU A 5 10.56 13.16 -7.78
CA GLU A 5 10.59 14.04 -8.94
C GLU A 5 10.16 13.31 -10.22
N GLU A 6 9.01 12.67 -10.17
CA GLU A 6 8.48 11.96 -11.33
C GLU A 6 7.22 12.62 -11.83
N MET A 7 6.16 12.56 -11.01
CA MET A 7 4.87 13.15 -11.32
C MET A 7 4.24 12.51 -12.56
N VAL A 8 4.74 11.33 -12.94
CA VAL A 8 4.24 10.62 -14.11
C VAL A 8 3.84 9.19 -13.76
N GLN A 9 2.58 9.01 -13.43
CA GLN A 9 2.03 7.70 -13.06
C GLN A 9 0.61 7.56 -13.64
N THR A 10 -0.29 6.96 -12.88
CA THR A 10 -1.66 6.81 -13.32
C THR A 10 -2.46 8.07 -13.01
N GLU A 11 -3.18 8.58 -13.99
CA GLU A 11 -3.95 9.80 -13.83
C GLU A 11 -5.43 9.52 -13.64
N GLU A 12 -6.11 10.41 -12.94
CA GLU A 12 -7.54 10.28 -12.69
C GLU A 12 -8.24 11.62 -12.94
N MET A 13 -9.49 11.71 -12.50
CA MET A 13 -10.27 12.93 -12.67
C MET A 13 -9.72 14.08 -11.83
N GLU A 14 -9.09 13.76 -10.71
CA GLU A 14 -8.54 14.78 -9.84
C GLU A 14 -7.03 14.57 -9.64
N THR A 15 -6.65 13.34 -9.31
CA THR A 15 -5.25 13.01 -9.09
C THR A 15 -4.46 13.07 -10.40
N PRO A 16 -3.51 14.01 -10.51
CA PRO A 16 -2.71 14.19 -11.71
C PRO A 16 -1.48 13.28 -11.76
N ARG A 17 -1.67 12.07 -12.27
CA ARG A 17 -0.58 11.09 -12.40
C ARG A 17 0.06 10.78 -11.05
N LEU A 18 -0.75 10.26 -10.13
CA LEU A 18 -0.28 9.93 -8.79
C LEU A 18 -0.59 8.49 -8.43
N SER A 19 0.46 7.66 -8.36
CA SER A 19 0.31 6.26 -8.01
C SER A 19 1.33 5.87 -6.96
N VAL A 20 0.94 5.02 -6.04
CA VAL A 20 1.83 4.60 -4.96
C VAL A 20 2.30 3.15 -5.13
N ILE A 21 3.47 2.86 -4.59
CA ILE A 21 4.03 1.52 -4.64
C ILE A 21 3.66 0.77 -3.38
N VAL A 22 2.66 -0.09 -3.48
CA VAL A 22 2.20 -0.89 -2.35
C VAL A 22 2.92 -2.24 -2.37
N THR A 23 3.71 -2.51 -1.34
CA THR A 23 4.42 -3.77 -1.28
C THR A 23 4.07 -4.57 -0.03
N HIS A 24 3.96 -5.88 -0.22
CA HIS A 24 3.63 -6.80 0.85
C HIS A 24 4.67 -7.93 0.86
N SER A 25 5.88 -7.59 1.33
CA SER A 25 6.99 -8.55 1.41
C SER A 25 7.47 -8.97 0.01
N ASN A 26 6.63 -9.68 -0.73
CA ASN A 26 6.96 -10.13 -2.06
C ASN A 26 5.75 -9.99 -2.97
N GLU A 27 5.09 -8.84 -2.88
CA GLU A 27 3.91 -8.56 -3.67
C GLU A 27 3.76 -7.04 -3.84
N ARG A 28 3.76 -6.59 -5.09
CA ARG A 28 3.63 -5.17 -5.36
C ARG A 28 2.34 -4.86 -6.11
N TYR A 29 1.64 -3.85 -5.65
CA TYR A 29 0.40 -3.42 -6.27
C TYR A 29 0.47 -1.93 -6.60
N ASP A 30 -0.26 -1.51 -7.61
CA ASP A 30 -0.28 -0.11 -8.00
C ASP A 30 -1.62 0.51 -7.65
N LEU A 31 -1.61 1.40 -6.67
CA LEU A 31 -2.84 2.05 -6.23
C LEU A 31 -2.76 3.55 -6.46
N LEU A 32 -3.89 4.14 -6.83
CA LEU A 32 -3.97 5.57 -7.07
C LEU A 32 -4.10 6.33 -5.76
N VAL A 33 -3.47 7.49 -5.70
CA VAL A 33 -3.51 8.33 -4.51
C VAL A 33 -4.91 8.88 -4.27
N THR A 34 -5.28 9.00 -3.00
CA THR A 34 -6.59 9.52 -2.62
C THR A 34 -6.68 11.02 -2.92
N PRO A 35 -7.52 11.40 -3.90
CA PRO A 35 -7.68 12.79 -4.30
C PRO A 35 -8.71 13.54 -3.46
N GLN A 36 -9.34 14.55 -4.07
CA GLN A 36 -10.35 15.38 -3.40
C GLN A 36 -9.75 16.18 -2.26
N GLN A 37 -8.53 16.66 -2.46
CA GLN A 37 -7.86 17.46 -1.44
C GLN A 37 -7.05 18.58 -2.09
N GLY A 38 -5.78 18.34 -2.36
CA GLY A 38 -4.95 19.35 -2.97
C GLY A 38 -4.09 18.81 -4.09
N ASN A 39 -4.69 17.96 -4.92
CA ASN A 39 -4.01 17.33 -6.06
C ASN A 39 -2.83 16.47 -5.59
N SER A 40 -1.68 17.11 -5.40
CA SER A 40 -0.48 16.43 -4.94
C SER A 40 -0.57 16.18 -3.44
N GLU A 41 -1.47 16.92 -2.79
CA GLU A 41 -1.68 16.78 -1.35
C GLU A 41 -2.86 15.84 -1.09
N PRO A 42 -2.59 14.62 -0.60
CA PRO A 42 -3.63 13.64 -0.31
C PRO A 42 -4.27 13.83 1.07
N VAL A 43 -5.33 13.08 1.34
CA VAL A 43 -6.04 13.16 2.61
C VAL A 43 -5.31 12.35 3.69
N VAL A 44 -5.73 12.49 4.93
CA VAL A 44 -5.12 11.77 6.03
C VAL A 44 -5.45 10.28 5.99
N GLN A 45 -6.42 9.91 5.16
CA GLN A 45 -6.82 8.51 5.03
C GLN A 45 -6.13 7.88 3.83
N ASP A 46 -5.32 8.68 3.14
CA ASP A 46 -4.61 8.21 1.94
C ASP A 46 -3.75 6.97 2.19
N LEU A 47 -2.75 7.12 3.05
CA LEU A 47 -1.84 6.01 3.38
C LEU A 47 -2.60 4.75 3.80
N ALA A 48 -3.77 4.93 4.38
CA ALA A 48 -4.59 3.82 4.82
C ALA A 48 -5.36 3.21 3.65
N GLN A 49 -5.96 4.08 2.84
CA GLN A 49 -6.75 3.64 1.69
C GLN A 49 -5.89 3.02 0.61
N LEU A 50 -4.67 3.53 0.44
CA LEU A 50 -3.74 3.03 -0.56
C LEU A 50 -3.55 1.52 -0.45
N VAL A 51 -3.31 1.05 0.75
CA VAL A 51 -3.12 -0.38 0.98
C VAL A 51 -4.45 -1.09 1.11
N GLU A 52 -5.42 -0.39 1.67
CA GLU A 52 -6.77 -0.94 1.86
C GLU A 52 -7.37 -1.41 0.55
N GLU A 53 -7.41 -0.50 -0.42
CA GLU A 53 -7.99 -0.80 -1.72
C GLU A 53 -6.98 -1.45 -2.65
N ALA A 54 -5.83 -1.83 -2.13
CA ALA A 54 -4.81 -2.48 -2.95
C ALA A 54 -5.23 -3.91 -3.28
N THR A 55 -6.05 -4.49 -2.42
CA THR A 55 -6.54 -5.85 -2.61
C THR A 55 -7.83 -6.08 -1.83
N GLY A 56 -8.35 -5.03 -1.20
CA GLY A 56 -9.55 -5.16 -0.41
C GLY A 56 -9.25 -5.73 0.96
N VAL A 57 -8.25 -5.15 1.60
CA VAL A 57 -7.80 -5.58 2.92
C VAL A 57 -8.30 -4.62 3.99
N PRO A 58 -8.87 -5.15 5.09
CA PRO A 58 -9.35 -4.33 6.19
C PRO A 58 -8.19 -3.68 6.96
N LEU A 59 -8.43 -2.45 7.42
CA LEU A 59 -7.41 -1.69 8.15
C LEU A 59 -6.80 -2.45 9.34
N PRO A 60 -7.60 -3.02 10.27
CA PRO A 60 -7.06 -3.75 11.43
C PRO A 60 -6.51 -5.13 11.07
N PHE A 61 -5.98 -5.27 9.86
CA PHE A 61 -5.42 -6.54 9.41
C PHE A 61 -4.09 -6.33 8.70
N GLN A 62 -3.82 -5.08 8.31
CA GLN A 62 -2.59 -4.74 7.61
C GLN A 62 -1.81 -3.68 8.39
N LYS A 63 -0.54 -3.94 8.64
CA LYS A 63 0.30 -3.02 9.37
C LYS A 63 1.06 -2.10 8.43
N LEU A 64 0.39 -1.04 7.98
CA LEU A 64 0.99 -0.07 7.06
C LEU A 64 1.93 0.87 7.81
N ILE A 65 3.21 0.82 7.43
CA ILE A 65 4.23 1.66 8.05
C ILE A 65 5.11 2.29 6.98
N PHE A 66 4.80 3.54 6.62
CA PHE A 66 5.57 4.27 5.62
C PHE A 66 5.12 5.73 5.57
N LYS A 67 5.75 6.52 4.70
CA LYS A 67 5.44 7.94 4.56
C LYS A 67 5.76 8.70 5.85
N GLY A 68 6.50 8.05 6.73
CA GLY A 68 6.85 8.65 8.01
C GLY A 68 5.69 8.58 8.99
N LYS A 69 4.69 7.75 8.67
CA LYS A 69 3.52 7.60 9.51
C LYS A 69 3.15 6.12 9.64
N SER A 70 1.96 5.87 10.17
CA SER A 70 1.45 4.52 10.35
C SER A 70 -0.04 4.50 10.05
N LEU A 71 -0.58 3.30 9.82
CA LEU A 71 -2.00 3.13 9.51
C LEU A 71 -2.91 3.76 10.58
N LYS A 72 -3.90 4.51 10.12
CA LYS A 72 -4.87 5.18 10.99
C LYS A 72 -5.83 5.97 10.13
N GLU A 73 -6.98 6.31 10.68
CA GLU A 73 -7.98 7.09 9.97
C GLU A 73 -7.49 8.53 9.81
N MET A 74 -6.71 8.97 10.78
CA MET A 74 -6.14 10.30 10.80
C MET A 74 -4.95 10.35 11.74
N GLU A 75 -3.75 10.34 11.19
CA GLU A 75 -2.55 10.35 12.01
C GLU A 75 -1.85 11.72 11.97
N THR A 76 -0.84 11.85 11.11
CA THR A 76 -0.09 13.09 11.00
C THR A 76 -0.59 13.93 9.83
N PRO A 77 -0.28 15.25 9.85
CA PRO A 77 -0.67 16.23 8.82
C PRO A 77 -0.72 15.68 7.38
N LEU A 78 -1.61 16.28 6.60
CA LEU A 78 -1.81 15.91 5.20
C LEU A 78 -0.57 16.23 4.37
N SER A 79 0.13 17.28 4.77
CA SER A 79 1.35 17.69 4.07
C SER A 79 2.45 16.65 4.23
N ALA A 80 2.26 15.76 5.21
CA ALA A 80 3.20 14.70 5.49
C ALA A 80 2.64 13.38 5.00
N LEU A 81 1.88 13.43 3.92
CA LEU A 81 1.30 12.22 3.34
C LEU A 81 2.08 11.79 2.11
N GLY A 82 3.32 12.24 2.01
CA GLY A 82 4.14 11.90 0.88
C GLY A 82 3.92 12.87 -0.26
N MET A 83 4.51 14.05 -0.16
CA MET A 83 4.38 15.09 -1.17
C MET A 83 5.13 14.71 -2.44
N GLN A 84 4.53 13.83 -3.22
CA GLN A 84 5.10 13.37 -4.48
C GLN A 84 4.08 12.51 -5.19
N ASN A 85 4.51 11.84 -6.25
CA ASN A 85 3.61 11.00 -7.01
C ASN A 85 3.37 9.65 -6.32
N GLY A 86 2.47 9.66 -5.35
CA GLY A 86 2.12 8.43 -4.65
C GLY A 86 3.00 8.11 -3.46
N CYS A 87 4.31 8.05 -3.71
CA CYS A 87 5.29 7.70 -2.68
C CYS A 87 5.37 6.18 -2.54
N ARG A 88 5.75 5.70 -1.36
CA ARG A 88 5.86 4.26 -1.13
C ARG A 88 5.08 3.85 0.13
N VAL A 89 4.49 2.66 0.10
CA VAL A 89 3.73 2.14 1.24
C VAL A 89 3.96 0.64 1.38
N MET A 90 4.32 0.21 2.58
CA MET A 90 4.56 -1.20 2.85
C MET A 90 3.79 -1.62 4.09
N LEU A 91 3.14 -2.77 4.02
CA LEU A 91 2.38 -3.25 5.15
C LEU A 91 2.86 -4.63 5.59
N ILE A 92 2.85 -4.84 6.89
CA ILE A 92 3.26 -6.10 7.47
C ILE A 92 2.03 -6.92 7.81
N GLY A 93 2.16 -8.23 7.75
CA GLY A 93 1.04 -9.11 8.04
C GLY A 93 0.59 -9.86 6.81
N GLU A 94 -0.70 -10.05 6.67
CA GLU A 94 -1.25 -10.75 5.52
C GLU A 94 -1.84 -9.77 4.51
N LYS A 95 -2.62 -10.29 3.58
CA LYS A 95 -3.24 -9.46 2.55
C LYS A 95 -4.48 -10.13 1.99
N SER A 96 -5.65 -9.72 2.48
CA SER A 96 -6.91 -10.28 2.03
C SER A 96 -7.22 -9.87 0.60
N ASN A 97 -8.03 -10.66 -0.07
CA ASN A 97 -8.41 -10.40 -1.45
C ASN A 97 -9.67 -11.19 -1.79
N ARG B 1 -4.39 -25.26 7.35
CA ARG B 1 -4.63 -23.87 7.83
C ARG B 1 -5.45 -23.09 6.81
N TYR B 2 -6.26 -22.16 7.29
CA TYR B 2 -7.10 -21.35 6.42
C TYR B 2 -6.50 -19.95 6.24
N HIS B 3 -5.26 -19.92 5.78
CA HIS B 3 -4.57 -18.65 5.56
C HIS B 3 -3.96 -18.64 4.17
N ARG B 4 -4.54 -17.84 3.29
CA ARG B 4 -4.07 -17.73 1.92
C ARG B 4 -2.70 -17.05 1.85
N ARG B 5 -1.75 -17.74 1.24
CA ARG B 5 -0.38 -17.23 1.09
C ARG B 5 0.29 -17.01 2.44
N GLY B 6 0.20 -18.01 3.31
CA GLY B 6 0.80 -17.92 4.63
C GLY B 6 2.17 -18.56 4.65
N GLY B 7 3.12 -17.93 3.98
CA GLY B 7 4.48 -18.47 3.92
C GLY B 7 4.64 -19.44 2.77
N TYR B 8 3.53 -20.06 2.39
CA TYR B 8 3.49 -21.03 1.31
C TYR B 8 2.17 -20.85 0.54
N ASP B 9 1.91 -21.74 -0.39
CA ASP B 9 0.69 -21.71 -1.21
C ASP B 9 -0.55 -21.39 -0.37
N VAL B 10 -0.81 -22.19 0.66
CA VAL B 10 -1.95 -21.95 1.54
C VAL B 10 -2.01 -22.95 2.70
N GLU B 11 -1.43 -24.13 2.52
CA GLU B 11 -1.47 -25.14 3.56
C GLU B 11 -0.35 -24.97 4.59
N ASN B 12 -0.19 -25.98 5.45
CA ASN B 12 0.80 -25.98 6.51
C ASN B 12 2.23 -25.88 5.99
N GLU B 13 2.48 -26.56 4.87
CA GLU B 13 3.82 -26.59 4.24
C GLU B 13 4.77 -27.53 5.00
N GLU B 14 5.54 -28.29 4.23
CA GLU B 14 6.49 -29.24 4.78
C GLU B 14 7.77 -29.26 3.95
N LYS B 15 7.89 -28.31 3.03
CA LYS B 15 9.06 -28.23 2.17
C LYS B 15 9.95 -27.04 2.56
N VAL B 16 9.33 -25.87 2.64
CA VAL B 16 10.03 -24.63 3.02
C VAL B 16 11.17 -24.35 2.05
N LYS B 17 10.83 -24.01 0.82
CA LYS B 17 11.83 -23.74 -0.21
C LYS B 17 11.28 -22.80 -1.28
N LEU B 18 10.16 -22.14 -1.00
CA LEU B 18 9.56 -21.23 -1.95
C LEU B 18 9.20 -19.91 -1.29
N GLY B 19 9.38 -18.83 -2.01
CA GLY B 19 9.07 -17.52 -1.49
C GLY B 19 8.09 -16.78 -2.38
N MET B 20 7.76 -17.36 -3.52
CA MET B 20 6.82 -16.76 -4.47
C MET B 20 5.44 -16.62 -3.84
N THR B 21 5.01 -17.66 -3.14
CA THR B 21 3.70 -17.66 -2.50
C THR B 21 3.82 -17.37 -1.01
N ASN B 22 4.93 -16.76 -0.61
CA ASN B 22 5.17 -16.42 0.78
C ASN B 22 4.20 -15.34 1.25
N SER B 23 3.87 -14.43 0.34
CA SER B 23 2.95 -13.35 0.64
C SER B 23 2.34 -12.81 -0.64
N HIS B 24 2.31 -13.64 -1.67
CA HIS B 24 1.75 -13.27 -2.95
C HIS B 24 0.99 -14.43 -3.56
N MET A 1 15.18 3.79 -6.00
CA MET A 1 13.79 3.94 -6.47
C MET A 1 13.50 5.39 -6.88
N ALA A 2 13.86 6.33 -6.01
CA ALA A 2 13.64 7.76 -6.26
C ALA A 2 12.20 8.05 -6.68
N LYS A 3 11.25 7.48 -5.95
CA LYS A 3 9.84 7.67 -6.27
C LYS A 3 9.35 9.02 -5.77
N THR A 4 9.59 10.04 -6.58
CA THR A 4 9.17 11.40 -6.26
C THR A 4 9.07 12.22 -7.54
N GLU A 5 10.10 12.14 -8.37
CA GLU A 5 10.12 12.87 -9.63
C GLU A 5 9.59 12.01 -10.77
N GLU A 6 8.29 11.75 -10.75
CA GLU A 6 7.65 10.94 -11.79
C GLU A 6 6.33 11.58 -12.25
N MET A 7 5.30 11.39 -11.43
CA MET A 7 3.95 11.91 -11.71
C MET A 7 3.41 11.35 -13.03
N VAL A 8 3.88 10.16 -13.38
CA VAL A 8 3.47 9.49 -14.61
C VAL A 8 3.08 8.05 -14.32
N GLN A 9 2.10 7.88 -13.45
CA GLN A 9 1.62 6.55 -13.06
C GLN A 9 0.16 6.38 -13.48
N THR A 10 -0.64 5.73 -12.65
CA THR A 10 -2.05 5.51 -12.96
C THR A 10 -2.83 6.82 -12.85
N GLU A 11 -3.45 7.22 -13.95
CA GLU A 11 -4.21 8.46 -14.00
C GLU A 11 -5.57 8.34 -13.33
N GLU A 12 -6.08 9.48 -12.86
CA GLU A 12 -7.38 9.54 -12.20
C GLU A 12 -8.04 10.86 -12.57
N MET A 13 -9.32 11.01 -12.25
CA MET A 13 -10.05 12.24 -12.57
C MET A 13 -9.44 13.46 -11.90
N GLU A 14 -8.90 13.27 -10.70
CA GLU A 14 -8.29 14.37 -9.98
C GLU A 14 -6.78 14.19 -9.89
N THR A 15 -6.36 13.05 -9.36
CA THR A 15 -4.95 12.74 -9.21
C THR A 15 -4.25 12.58 -10.56
N PRO A 16 -3.29 13.45 -10.87
CA PRO A 16 -2.56 13.43 -12.14
C PRO A 16 -1.54 12.29 -12.23
N ARG A 17 -2.04 11.06 -12.32
CA ARG A 17 -1.20 9.86 -12.44
C ARG A 17 -0.35 9.64 -11.20
N LEU A 18 -0.98 9.11 -10.15
CA LEU A 18 -0.30 8.86 -8.90
C LEU A 18 -0.55 7.43 -8.41
N SER A 19 0.51 6.66 -8.30
CA SER A 19 0.41 5.28 -7.84
C SER A 19 1.37 5.04 -6.68
N VAL A 20 0.89 4.35 -5.68
CA VAL A 20 1.70 4.05 -4.51
C VAL A 20 2.14 2.59 -4.52
N ILE A 21 3.37 2.35 -4.09
CA ILE A 21 3.90 1.00 -4.03
C ILE A 21 3.54 0.35 -2.70
N VAL A 22 2.51 -0.49 -2.73
CA VAL A 22 2.08 -1.19 -1.53
C VAL A 22 2.91 -2.45 -1.38
N THR A 23 3.72 -2.51 -0.34
CA THR A 23 4.58 -3.65 -0.12
C THR A 23 4.25 -4.37 1.19
N HIS A 24 3.90 -5.64 1.06
CA HIS A 24 3.59 -6.48 2.20
C HIS A 24 4.63 -7.60 2.25
N SER A 25 5.74 -7.31 2.94
CA SER A 25 6.86 -8.25 3.07
C SER A 25 7.60 -8.36 1.72
N ASN A 26 6.88 -8.78 0.69
CA ASN A 26 7.42 -8.90 -0.65
C ASN A 26 6.27 -8.78 -1.66
N GLU A 27 5.04 -8.80 -1.13
CA GLU A 27 3.83 -8.69 -1.94
C GLU A 27 3.66 -7.25 -2.39
N ARG A 28 3.74 -7.02 -3.68
CA ARG A 28 3.62 -5.67 -4.22
C ARG A 28 2.28 -5.45 -4.90
N TYR A 29 1.66 -4.32 -4.59
CA TYR A 29 0.39 -3.93 -5.19
C TYR A 29 0.49 -2.48 -5.66
N ASP A 30 -0.36 -2.09 -6.59
CA ASP A 30 -0.35 -0.74 -7.12
C ASP A 30 -1.69 -0.07 -6.90
N LEU A 31 -1.71 0.95 -6.06
CA LEU A 31 -2.95 1.65 -5.75
C LEU A 31 -2.84 3.13 -6.12
N LEU A 32 -3.97 3.71 -6.49
CA LEU A 32 -4.03 5.12 -6.86
C LEU A 32 -4.21 5.98 -5.61
N VAL A 33 -3.54 7.11 -5.58
CA VAL A 33 -3.60 8.05 -4.46
C VAL A 33 -5.01 8.60 -4.28
N THR A 34 -5.43 8.74 -3.03
CA THR A 34 -6.74 9.23 -2.69
C THR A 34 -6.89 10.72 -3.02
N PRO A 35 -7.83 11.07 -3.92
CA PRO A 35 -8.09 12.44 -4.32
C PRO A 35 -9.07 13.14 -3.38
N GLN A 36 -9.89 14.06 -3.92
CA GLN A 36 -10.88 14.80 -3.15
C GLN A 36 -10.23 15.84 -2.25
N GLN A 37 -9.14 16.43 -2.71
CA GLN A 37 -8.44 17.45 -1.93
C GLN A 37 -7.75 18.45 -2.84
N GLY A 38 -6.48 18.22 -3.14
CA GLY A 38 -5.73 19.13 -3.97
C GLY A 38 -4.94 18.42 -5.05
N ASN A 39 -5.36 17.19 -5.36
CA ASN A 39 -4.73 16.32 -6.38
C ASN A 39 -3.26 15.96 -6.07
N SER A 40 -2.45 16.94 -5.69
CA SER A 40 -1.06 16.68 -5.38
C SER A 40 -0.89 16.38 -3.89
N GLU A 41 -1.82 16.89 -3.09
CA GLU A 41 -1.81 16.66 -1.65
C GLU A 41 -2.89 15.65 -1.28
N PRO A 42 -2.49 14.43 -0.91
CA PRO A 42 -3.42 13.37 -0.53
C PRO A 42 -4.13 13.66 0.80
N VAL A 43 -5.33 13.10 0.96
CA VAL A 43 -6.11 13.30 2.17
C VAL A 43 -5.44 12.64 3.38
N VAL A 44 -5.90 13.00 4.58
CA VAL A 44 -5.33 12.44 5.80
C VAL A 44 -5.57 10.93 5.91
N GLN A 45 -6.59 10.45 5.21
CA GLN A 45 -6.94 9.03 5.21
C GLN A 45 -6.31 8.31 4.03
N ASP A 46 -5.49 9.01 3.26
CA ASP A 46 -4.85 8.45 2.07
C ASP A 46 -3.97 7.24 2.40
N LEU A 47 -3.01 7.44 3.30
CA LEU A 47 -2.09 6.37 3.69
C LEU A 47 -2.84 5.13 4.16
N ALA A 48 -4.00 5.35 4.76
CA ALA A 48 -4.82 4.26 5.25
C ALA A 48 -5.62 3.63 4.11
N GLN A 49 -6.18 4.48 3.27
CA GLN A 49 -6.97 4.02 2.13
C GLN A 49 -6.12 3.22 1.15
N LEU A 50 -4.92 3.71 0.90
CA LEU A 50 -3.98 3.06 -0.02
C LEU A 50 -3.71 1.61 0.36
N VAL A 51 -3.32 1.39 1.60
CA VAL A 51 -3.01 0.06 2.08
C VAL A 51 -4.28 -0.80 2.20
N GLU A 52 -5.39 -0.17 2.53
CA GLU A 52 -6.66 -0.88 2.67
C GLU A 52 -7.17 -1.34 1.32
N GLU A 53 -7.26 -0.41 0.39
CA GLU A 53 -7.76 -0.70 -0.96
C GLU A 53 -6.80 -1.59 -1.74
N ALA A 54 -5.60 -1.78 -1.21
CA ALA A 54 -4.59 -2.62 -1.86
C ALA A 54 -5.06 -4.07 -1.99
N THR A 55 -5.90 -4.51 -1.07
CA THR A 55 -6.40 -5.88 -1.11
C THR A 55 -7.73 -6.03 -0.37
N GLY A 56 -8.31 -4.91 0.03
CA GLY A 56 -9.56 -4.96 0.77
C GLY A 56 -9.35 -5.51 2.16
N VAL A 57 -8.38 -4.94 2.87
CA VAL A 57 -8.06 -5.37 4.22
C VAL A 57 -8.25 -4.23 5.20
N PRO A 58 -9.04 -4.44 6.27
CA PRO A 58 -9.29 -3.42 7.30
C PRO A 58 -8.00 -2.83 7.87
N LEU A 59 -8.06 -1.55 8.20
CA LEU A 59 -6.91 -0.83 8.75
C LEU A 59 -6.27 -1.51 9.97
N PRO A 60 -7.05 -1.87 11.02
CA PRO A 60 -6.50 -2.49 12.23
C PRO A 60 -5.87 -3.86 12.00
N PHE A 61 -6.02 -4.41 10.80
CA PHE A 61 -5.47 -5.72 10.49
C PHE A 61 -4.05 -5.62 9.94
N GLN A 62 -3.74 -4.52 9.26
CA GLN A 62 -2.41 -4.34 8.69
C GLN A 62 -1.73 -3.08 9.24
N LYS A 63 -0.54 -3.28 9.82
CA LYS A 63 0.22 -2.18 10.40
C LYS A 63 0.96 -1.40 9.33
N LEU A 64 0.33 -0.35 8.82
CA LEU A 64 0.91 0.51 7.79
C LEU A 64 1.96 1.43 8.41
N ILE A 65 3.19 1.33 7.93
CA ILE A 65 4.28 2.16 8.42
C ILE A 65 5.10 2.73 7.25
N PHE A 66 4.77 3.94 6.83
CA PHE A 66 5.48 4.59 5.74
C PHE A 66 5.00 6.03 5.60
N LYS A 67 5.61 6.77 4.66
CA LYS A 67 5.28 8.18 4.41
C LYS A 67 5.61 9.03 5.63
N GLY A 68 6.32 8.44 6.58
CA GLY A 68 6.67 9.14 7.80
C GLY A 68 5.50 9.20 8.76
N LYS A 69 4.54 8.31 8.58
CA LYS A 69 3.34 8.27 9.41
C LYS A 69 2.98 6.84 9.79
N SER A 70 1.84 6.68 10.44
CA SER A 70 1.35 5.37 10.85
C SER A 70 -0.12 5.25 10.49
N LEU A 71 -0.61 4.01 10.43
CA LEU A 71 -2.01 3.74 10.09
C LEU A 71 -2.96 4.47 11.04
N LYS A 72 -3.79 5.33 10.47
CA LYS A 72 -4.78 6.09 11.23
C LYS A 72 -5.62 6.91 10.26
N GLU A 73 -6.83 7.28 10.70
CA GLU A 73 -7.72 8.08 9.87
C GLU A 73 -7.17 9.50 9.73
N MET A 74 -6.60 10.01 10.80
CA MET A 74 -6.02 11.33 10.80
C MET A 74 -4.75 11.35 11.63
N GLU A 75 -3.60 11.31 10.95
CA GLU A 75 -2.31 11.33 11.62
C GLU A 75 -1.61 12.66 11.35
N THR A 76 -0.51 12.61 10.61
CA THR A 76 0.23 13.82 10.28
C THR A 76 -0.44 14.55 9.11
N PRO A 77 -0.24 15.89 9.01
CA PRO A 77 -0.82 16.75 7.97
C PRO A 77 -0.77 16.18 6.54
N LEU A 78 -1.57 16.79 5.67
CA LEU A 78 -1.66 16.37 4.26
C LEU A 78 -0.35 16.58 3.53
N SER A 79 0.36 17.65 3.88
CA SER A 79 1.64 17.94 3.26
C SER A 79 2.67 16.89 3.67
N ALA A 80 2.31 16.10 4.67
CA ALA A 80 3.16 15.03 5.16
C ALA A 80 2.57 13.69 4.75
N LEU A 81 1.73 13.70 3.73
CA LEU A 81 1.11 12.49 3.20
C LEU A 81 1.94 11.96 2.05
N GLY A 82 3.13 12.52 1.90
CA GLY A 82 4.02 12.12 0.82
C GLY A 82 3.90 13.06 -0.35
N MET A 83 4.70 14.12 -0.34
CA MET A 83 4.70 15.12 -1.41
C MET A 83 5.38 14.57 -2.66
N GLN A 84 4.74 13.58 -3.27
CA GLN A 84 5.26 12.94 -4.47
C GLN A 84 4.11 12.27 -5.21
N ASN A 85 4.43 11.55 -6.28
CA ASN A 85 3.42 10.88 -7.08
C ASN A 85 2.95 9.56 -6.47
N GLY A 86 2.65 9.58 -5.18
CA GLY A 86 2.17 8.38 -4.52
C GLY A 86 3.05 7.90 -3.40
N CYS A 87 4.35 7.81 -3.66
CA CYS A 87 5.34 7.35 -2.67
C CYS A 87 5.20 5.83 -2.48
N ARG A 88 5.45 5.35 -1.28
CA ARG A 88 5.36 3.92 -0.99
C ARG A 88 4.67 3.69 0.34
N VAL A 89 4.05 2.52 0.48
CA VAL A 89 3.36 2.15 1.71
C VAL A 89 3.63 0.68 2.03
N MET A 90 4.23 0.43 3.19
CA MET A 90 4.55 -0.92 3.60
C MET A 90 3.80 -1.25 4.87
N LEU A 91 3.28 -2.47 4.97
CA LEU A 91 2.54 -2.88 6.14
C LEU A 91 3.06 -4.20 6.69
N ILE A 92 3.06 -4.30 8.01
CA ILE A 92 3.52 -5.50 8.68
C ILE A 92 2.40 -6.07 9.52
N GLY A 93 1.58 -6.91 8.91
CA GLY A 93 0.46 -7.51 9.62
C GLY A 93 -0.32 -8.46 8.75
N GLU A 94 -1.64 -8.45 8.93
CA GLU A 94 -2.53 -9.32 8.18
C GLU A 94 -2.80 -8.78 6.78
N LYS A 95 -3.30 -9.65 5.93
CA LYS A 95 -3.65 -9.31 4.56
C LYS A 95 -4.79 -10.22 4.10
N SER A 96 -5.99 -9.95 4.60
CA SER A 96 -7.17 -10.74 4.27
C SER A 96 -7.55 -10.60 2.79
N ASN A 97 -7.36 -11.69 2.05
CA ASN A 97 -7.67 -11.71 0.62
C ASN A 97 -7.53 -13.12 0.09
N ARG B 1 -5.29 -23.14 1.06
CA ARG B 1 -5.60 -22.20 2.17
C ARG B 1 -6.22 -20.92 1.62
N TYR B 2 -7.00 -20.22 2.44
CA TYR B 2 -7.65 -18.98 1.99
C TYR B 2 -6.74 -17.77 2.18
N HIS B 3 -5.50 -17.90 1.73
CA HIS B 3 -4.53 -16.82 1.86
C HIS B 3 -3.40 -17.01 0.86
N ARG B 4 -3.22 -16.03 -0.02
CA ARG B 4 -2.15 -16.09 -1.00
C ARG B 4 -0.86 -15.59 -0.37
N ARG B 5 0.28 -16.15 -0.82
CA ARG B 5 1.60 -15.77 -0.30
C ARG B 5 1.68 -16.02 1.20
N GLY B 6 1.72 -17.29 1.56
CA GLY B 6 1.81 -17.65 2.96
C GLY B 6 2.76 -18.80 3.17
N GLY B 7 4.04 -18.55 2.97
CA GLY B 7 5.03 -19.59 3.11
C GLY B 7 5.30 -20.28 1.79
N TYR B 8 4.24 -20.55 1.06
CA TYR B 8 4.32 -21.19 -0.24
C TYR B 8 3.21 -20.64 -1.13
N ASP B 9 2.64 -21.49 -1.97
CA ASP B 9 1.57 -21.09 -2.87
C ASP B 9 0.27 -20.83 -2.09
N VAL B 10 -0.85 -20.86 -2.78
CA VAL B 10 -2.14 -20.62 -2.15
C VAL B 10 -2.59 -21.85 -1.35
N GLU B 11 -1.73 -22.84 -1.25
CA GLU B 11 -2.04 -24.05 -0.51
C GLU B 11 -1.18 -24.14 0.75
N ASN B 12 -1.61 -24.98 1.69
CA ASN B 12 -0.88 -25.17 2.95
C ASN B 12 0.43 -25.88 2.72
N GLU B 13 0.45 -26.72 1.67
CA GLU B 13 1.63 -27.51 1.26
C GLU B 13 2.14 -28.41 2.39
N GLU B 14 3.23 -29.14 2.12
CA GLU B 14 3.81 -30.05 3.09
C GLU B 14 5.33 -30.18 2.95
N LYS B 15 5.93 -29.43 2.04
CA LYS B 15 7.36 -29.51 1.83
C LYS B 15 8.09 -28.48 2.69
N VAL B 16 7.64 -27.23 2.60
CA VAL B 16 8.20 -26.13 3.39
C VAL B 16 9.71 -25.97 3.20
N LYS B 17 10.10 -25.48 2.03
CA LYS B 17 11.50 -25.27 1.71
C LYS B 17 11.67 -24.42 0.45
N LEU B 18 10.62 -23.70 0.10
CA LEU B 18 10.64 -22.84 -1.08
C LEU B 18 10.01 -21.49 -0.76
N GLY B 19 10.85 -20.52 -0.43
CA GLY B 19 10.36 -19.20 -0.07
C GLY B 19 10.01 -18.34 -1.27
N MET B 20 9.88 -18.96 -2.43
CA MET B 20 9.56 -18.23 -3.66
C MET B 20 8.21 -17.50 -3.52
N THR B 21 7.22 -18.18 -2.98
CA THR B 21 5.90 -17.60 -2.80
C THR B 21 5.62 -17.33 -1.32
N ASN B 22 6.68 -17.34 -0.51
CA ASN B 22 6.55 -17.11 0.93
C ASN B 22 5.83 -15.81 1.21
N SER B 23 6.18 -14.78 0.45
CA SER B 23 5.57 -13.47 0.58
C SER B 23 5.54 -12.75 -0.75
N HIS B 24 5.96 -13.44 -1.80
CA HIS B 24 6.00 -12.86 -3.14
C HIS B 24 4.99 -13.56 -4.03
N MET A 1 14.81 4.61 -7.67
CA MET A 1 13.73 4.27 -6.70
C MET A 1 13.19 5.53 -6.03
N ALA A 2 13.72 6.69 -6.41
CA ALA A 2 13.27 7.96 -5.86
C ALA A 2 11.99 8.41 -6.54
N LYS A 3 10.87 7.83 -6.13
CA LYS A 3 9.57 8.15 -6.70
C LYS A 3 9.05 9.49 -6.21
N THR A 4 9.88 10.52 -6.30
CA THR A 4 9.52 11.85 -5.88
C THR A 4 9.63 12.82 -7.06
N GLU A 5 10.38 12.41 -8.07
CA GLU A 5 10.59 13.25 -9.25
C GLU A 5 9.98 12.63 -10.49
N GLU A 6 8.79 12.04 -10.35
CA GLU A 6 8.12 11.44 -11.49
C GLU A 6 6.86 12.22 -11.85
N MET A 7 5.80 12.05 -11.06
CA MET A 7 4.52 12.73 -11.28
C MET A 7 3.95 12.41 -12.65
N VAL A 8 4.25 11.23 -13.14
CA VAL A 8 3.75 10.78 -14.44
C VAL A 8 3.13 9.40 -14.34
N GLN A 9 2.36 9.19 -13.28
CA GLN A 9 1.71 7.91 -13.05
C GLN A 9 0.27 7.94 -13.59
N THR A 10 -0.66 7.38 -12.82
CA THR A 10 -2.07 7.32 -13.22
C THR A 10 -2.76 8.68 -13.03
N GLU A 11 -3.28 9.21 -14.13
CA GLU A 11 -3.98 10.49 -14.11
C GLU A 11 -5.45 10.28 -13.76
N GLU A 12 -6.05 11.26 -13.12
CA GLU A 12 -7.46 11.18 -12.73
C GLU A 12 -8.09 12.56 -12.72
N MET A 13 -9.32 12.63 -12.24
CA MET A 13 -10.06 13.90 -12.16
C MET A 13 -9.26 14.97 -11.42
N GLU A 14 -8.70 14.60 -10.28
CA GLU A 14 -7.92 15.55 -9.49
C GLU A 14 -6.47 15.12 -9.40
N THR A 15 -6.24 13.83 -9.17
CA THR A 15 -4.91 13.29 -9.05
C THR A 15 -4.09 13.51 -10.31
N PRO A 16 -3.01 14.30 -10.21
CA PRO A 16 -2.14 14.62 -11.35
C PRO A 16 -1.08 13.54 -11.60
N ARG A 17 -1.54 12.40 -12.10
CA ARG A 17 -0.67 11.27 -12.41
C ARG A 17 0.08 10.81 -11.17
N LEU A 18 -0.69 10.38 -10.17
CA LEU A 18 -0.14 9.93 -8.91
C LEU A 18 -0.50 8.48 -8.64
N SER A 19 0.48 7.67 -8.28
CA SER A 19 0.26 6.26 -7.98
C SER A 19 1.28 5.79 -6.96
N VAL A 20 0.81 5.10 -5.95
CA VAL A 20 1.67 4.61 -4.89
C VAL A 20 1.96 3.13 -5.06
N ILE A 21 3.16 2.72 -4.64
CA ILE A 21 3.54 1.32 -4.72
C ILE A 21 3.21 0.63 -3.40
N VAL A 22 2.09 -0.06 -3.37
CA VAL A 22 1.68 -0.79 -2.19
C VAL A 22 2.34 -2.16 -2.20
N THR A 23 3.28 -2.36 -1.29
CA THR A 23 3.99 -3.62 -1.23
C THR A 23 3.77 -4.36 0.08
N HIS A 24 3.67 -5.67 -0.03
CA HIS A 24 3.49 -6.56 1.10
C HIS A 24 4.47 -7.71 0.93
N SER A 25 5.71 -7.47 1.34
CA SER A 25 6.80 -8.45 1.26
C SER A 25 7.22 -8.65 -0.20
N ASN A 26 6.33 -9.23 -1.00
CA ASN A 26 6.60 -9.49 -2.40
C ASN A 26 5.40 -9.06 -3.25
N GLU A 27 4.52 -8.28 -2.63
CA GLU A 27 3.32 -7.79 -3.30
C GLU A 27 3.61 -6.48 -4.04
N ARG A 28 2.83 -6.20 -5.08
CA ARG A 28 2.99 -4.99 -5.87
C ARG A 28 1.66 -4.55 -6.46
N TYR A 29 1.05 -3.53 -5.87
CA TYR A 29 -0.22 -3.01 -6.35
C TYR A 29 -0.09 -1.52 -6.66
N ASP A 30 -0.62 -1.12 -7.81
CA ASP A 30 -0.60 0.27 -8.25
C ASP A 30 -1.89 0.94 -7.79
N LEU A 31 -1.81 1.76 -6.75
CA LEU A 31 -2.99 2.42 -6.22
C LEU A 31 -2.92 3.92 -6.42
N LEU A 32 -4.04 4.50 -6.82
CA LEU A 32 -4.13 5.93 -7.05
C LEU A 32 -4.23 6.68 -5.73
N VAL A 33 -3.53 7.81 -5.64
CA VAL A 33 -3.53 8.63 -4.44
C VAL A 33 -4.93 9.21 -4.19
N THR A 34 -5.32 9.27 -2.93
CA THR A 34 -6.63 9.79 -2.55
C THR A 34 -6.67 11.31 -2.66
N PRO A 35 -7.42 11.84 -3.64
CA PRO A 35 -7.56 13.27 -3.87
C PRO A 35 -8.73 13.89 -3.10
N GLN A 36 -9.38 14.89 -3.72
CA GLN A 36 -10.52 15.58 -3.15
C GLN A 36 -10.07 16.53 -2.05
N GLN A 37 -8.89 17.10 -2.23
CA GLN A 37 -8.32 18.02 -1.25
C GLN A 37 -7.38 19.02 -1.93
N GLY A 38 -6.22 18.54 -2.36
CA GLY A 38 -5.27 19.42 -2.99
C GLY A 38 -4.40 18.73 -4.00
N ASN A 39 -5.01 17.89 -4.84
CA ASN A 39 -4.33 17.12 -5.92
C ASN A 39 -3.01 16.46 -5.48
N SER A 40 -1.93 17.23 -5.48
CA SER A 40 -0.62 16.73 -5.09
C SER A 40 -0.54 16.47 -3.59
N GLU A 41 -1.43 17.09 -2.83
CA GLU A 41 -1.48 16.90 -1.39
C GLU A 41 -2.61 15.93 -1.03
N PRO A 42 -2.25 14.69 -0.64
CA PRO A 42 -3.23 13.66 -0.29
C PRO A 42 -3.93 13.92 1.04
N VAL A 43 -5.10 13.30 1.21
CA VAL A 43 -5.88 13.43 2.44
C VAL A 43 -5.26 12.61 3.57
N VAL A 44 -5.72 12.83 4.80
CA VAL A 44 -5.19 12.10 5.95
C VAL A 44 -5.47 10.60 5.85
N GLN A 45 -6.54 10.25 5.14
CA GLN A 45 -6.91 8.85 4.97
C GLN A 45 -6.27 8.24 3.74
N ASP A 46 -5.38 8.99 3.09
CA ASP A 46 -4.71 8.51 1.87
C ASP A 46 -3.95 7.22 2.11
N LEU A 47 -2.89 7.29 2.92
CA LEU A 47 -2.05 6.12 3.20
C LEU A 47 -2.88 4.95 3.74
N ALA A 48 -3.97 5.26 4.41
CA ALA A 48 -4.84 4.24 4.97
C ALA A 48 -5.68 3.59 3.88
N GLN A 49 -6.13 4.39 2.94
CA GLN A 49 -6.97 3.90 1.85
C GLN A 49 -6.13 3.20 0.78
N LEU A 50 -4.92 3.71 0.55
CA LEU A 50 -4.01 3.14 -0.45
C LEU A 50 -3.79 1.65 -0.21
N VAL A 51 -3.52 1.28 1.03
CA VAL A 51 -3.27 -0.12 1.36
C VAL A 51 -4.58 -0.92 1.40
N GLU A 52 -5.66 -0.29 1.85
CA GLU A 52 -6.94 -0.94 1.94
C GLU A 52 -7.50 -1.30 0.57
N GLU A 53 -7.59 -0.29 -0.31
CA GLU A 53 -8.12 -0.49 -1.65
C GLU A 53 -7.15 -1.28 -2.54
N ALA A 54 -5.96 -1.55 -2.03
CA ALA A 54 -4.96 -2.29 -2.78
C ALA A 54 -5.22 -3.79 -2.74
N THR A 55 -6.37 -4.18 -2.21
CA THR A 55 -6.75 -5.59 -2.10
C THR A 55 -8.17 -5.75 -1.58
N GLY A 56 -8.61 -4.77 -0.80
CA GLY A 56 -9.93 -4.83 -0.20
C GLY A 56 -9.85 -5.44 1.18
N VAL A 57 -8.85 -5.02 1.94
CA VAL A 57 -8.61 -5.53 3.29
C VAL A 57 -8.76 -4.40 4.29
N PRO A 58 -9.50 -4.65 5.39
CA PRO A 58 -9.71 -3.65 6.44
C PRO A 58 -8.39 -3.21 7.07
N LEU A 59 -8.35 -1.94 7.49
CA LEU A 59 -7.15 -1.36 8.10
C LEU A 59 -6.59 -2.20 9.27
N PRO A 60 -7.41 -2.57 10.28
CA PRO A 60 -6.93 -3.35 11.44
C PRO A 60 -6.33 -4.71 11.08
N PHE A 61 -6.51 -5.15 9.84
CA PHE A 61 -5.98 -6.44 9.42
C PHE A 61 -4.51 -6.33 9.03
N GLN A 62 -4.12 -5.16 8.55
CA GLN A 62 -2.75 -4.93 8.12
C GLN A 62 -2.09 -3.85 8.97
N LYS A 63 -0.84 -3.54 8.64
CA LYS A 63 -0.09 -2.51 9.37
C LYS A 63 0.74 -1.68 8.40
N LEU A 64 0.19 -0.55 7.99
CA LEU A 64 0.86 0.33 7.05
C LEU A 64 1.98 1.10 7.75
N ILE A 65 3.21 0.89 7.28
CA ILE A 65 4.37 1.56 7.85
C ILE A 65 5.25 2.14 6.74
N PHE A 66 5.02 3.39 6.41
CA PHE A 66 5.77 4.09 5.37
C PHE A 66 5.39 5.57 5.36
N LYS A 67 6.10 6.36 4.57
CA LYS A 67 5.85 7.80 4.45
C LYS A 67 6.15 8.52 5.77
N GLY A 68 6.77 7.81 6.70
CA GLY A 68 7.06 8.39 8.01
C GLY A 68 5.83 8.45 8.88
N LYS A 69 4.82 7.66 8.52
CA LYS A 69 3.57 7.64 9.27
C LYS A 69 3.15 6.20 9.57
N SER A 70 2.00 6.08 10.21
CA SER A 70 1.43 4.79 10.56
C SER A 70 0.01 4.70 10.02
N LEU A 71 -0.56 3.50 10.02
CA LEU A 71 -1.91 3.30 9.52
C LEU A 71 -2.94 3.99 10.42
N LYS A 72 -3.71 4.89 9.82
CA LYS A 72 -4.75 5.62 10.53
C LYS A 72 -5.41 6.61 9.58
N GLU A 73 -6.70 6.83 9.76
CA GLU A 73 -7.45 7.77 8.92
C GLU A 73 -7.05 9.21 9.23
N MET A 74 -6.35 9.40 10.33
CA MET A 74 -5.90 10.72 10.73
C MET A 74 -4.66 10.61 11.60
N GLU A 75 -3.60 10.10 11.00
CA GLU A 75 -2.33 9.92 11.70
C GLU A 75 -1.58 11.24 11.80
N THR A 76 -1.02 11.69 10.69
CA THR A 76 -0.27 12.93 10.66
C THR A 76 -0.73 13.84 9.51
N PRO A 77 -0.43 15.15 9.59
CA PRO A 77 -0.82 16.18 8.61
C PRO A 77 -0.77 15.74 7.14
N LEU A 78 -1.61 16.41 6.35
CA LEU A 78 -1.74 16.13 4.91
C LEU A 78 -0.45 16.42 4.18
N SER A 79 0.22 17.50 4.55
CA SER A 79 1.48 17.86 3.93
C SER A 79 2.54 16.77 4.14
N ALA A 80 2.34 15.98 5.17
CA ALA A 80 3.26 14.90 5.50
C ALA A 80 2.70 13.57 5.02
N LEU A 81 1.79 13.62 4.05
CA LEU A 81 1.18 12.42 3.49
C LEU A 81 1.97 11.94 2.27
N GLY A 82 3.12 12.56 2.05
CA GLY A 82 3.92 12.20 0.91
C GLY A 82 3.56 13.06 -0.28
N MET A 83 3.98 14.32 -0.24
CA MET A 83 3.69 15.29 -1.29
C MET A 83 4.51 15.01 -2.56
N GLN A 84 4.33 13.83 -3.11
CA GLN A 84 5.02 13.44 -4.32
C GLN A 84 4.09 12.61 -5.18
N ASN A 85 4.62 11.88 -6.15
CA ASN A 85 3.78 11.09 -7.03
C ASN A 85 3.33 9.77 -6.39
N GLY A 86 2.75 9.86 -5.20
CA GLY A 86 2.26 8.68 -4.53
C GLY A 86 3.26 8.09 -3.57
N CYS A 87 4.51 7.94 -4.02
CA CYS A 87 5.58 7.36 -3.22
C CYS A 87 5.36 5.84 -3.06
N ARG A 88 5.72 5.30 -1.91
CA ARG A 88 5.57 3.88 -1.65
C ARG A 88 4.96 3.65 -0.27
N VAL A 89 4.29 2.51 -0.10
CA VAL A 89 3.68 2.16 1.17
C VAL A 89 3.76 0.64 1.38
N MET A 90 4.23 0.24 2.54
CA MET A 90 4.36 -1.18 2.84
C MET A 90 3.56 -1.52 4.10
N LEU A 91 3.03 -2.73 4.15
CA LEU A 91 2.27 -3.15 5.30
C LEU A 91 2.74 -4.51 5.80
N ILE A 92 2.79 -4.64 7.11
CA ILE A 92 3.20 -5.88 7.75
C ILE A 92 1.96 -6.63 8.23
N GLY A 93 1.68 -7.75 7.57
CA GLY A 93 0.52 -8.54 7.94
C GLY A 93 0.10 -9.44 6.80
N GLU A 94 -1.20 -9.53 6.57
CA GLU A 94 -1.72 -10.38 5.49
C GLU A 94 -2.71 -9.60 4.64
N LYS A 95 -2.90 -10.04 3.41
CA LYS A 95 -3.81 -9.38 2.48
C LYS A 95 -4.91 -10.35 2.05
N SER A 96 -6.15 -9.99 2.35
CA SER A 96 -7.29 -10.81 1.98
C SER A 96 -7.97 -10.24 0.74
N ASN A 97 -7.82 -10.93 -0.38
CA ASN A 97 -8.43 -10.50 -1.64
C ASN A 97 -9.13 -11.66 -2.31
N ARG B 1 -4.61 -25.19 6.95
CA ARG B 1 -4.58 -23.78 7.40
C ARG B 1 -5.34 -22.90 6.43
N TYR B 2 -6.11 -21.95 6.97
CA TYR B 2 -6.89 -21.04 6.14
C TYR B 2 -6.15 -19.72 5.97
N HIS B 3 -4.88 -19.81 5.61
CA HIS B 3 -4.05 -18.63 5.40
C HIS B 3 -3.34 -18.71 4.06
N ARG B 4 -3.79 -17.91 3.11
CA ARG B 4 -3.21 -17.88 1.78
C ARG B 4 -1.77 -17.36 1.83
N ARG B 5 -0.90 -18.02 1.06
CA ARG B 5 0.51 -17.65 1.00
C ARG B 5 1.18 -17.70 2.37
N GLY B 6 0.78 -18.66 3.19
CA GLY B 6 1.36 -18.79 4.52
C GLY B 6 2.66 -19.57 4.50
N GLY B 7 3.64 -19.08 3.77
CA GLY B 7 4.91 -19.78 3.66
C GLY B 7 4.90 -20.77 2.52
N TYR B 8 3.77 -20.84 1.85
CA TYR B 8 3.56 -21.72 0.72
C TYR B 8 2.37 -21.20 -0.08
N ASP B 9 1.87 -21.99 -1.01
CA ASP B 9 0.73 -21.58 -1.82
C ASP B 9 -0.49 -21.29 -0.96
N VAL B 10 -0.87 -22.25 -0.12
CA VAL B 10 -2.03 -22.07 0.75
C VAL B 10 -2.01 -23.01 1.96
N GLU B 11 -1.47 -24.21 1.78
CA GLU B 11 -1.44 -25.20 2.86
C GLU B 11 -0.18 -25.09 3.72
N ASN B 12 -0.03 -26.06 4.63
CA ASN B 12 1.10 -26.10 5.57
C ASN B 12 2.43 -26.39 4.87
N GLU B 13 2.45 -27.45 4.06
CA GLU B 13 3.65 -27.90 3.33
C GLU B 13 4.62 -28.61 4.29
N GLU B 14 5.11 -29.77 3.86
CA GLU B 14 6.03 -30.55 4.68
C GLU B 14 7.49 -30.29 4.29
N LYS B 15 7.70 -29.87 3.05
CA LYS B 15 9.04 -29.59 2.56
C LYS B 15 9.60 -28.32 3.17
N VAL B 16 8.87 -27.22 3.02
CA VAL B 16 9.28 -25.92 3.56
C VAL B 16 10.68 -25.55 3.08
N LYS B 17 10.78 -25.25 1.79
CA LYS B 17 12.06 -24.89 1.18
C LYS B 17 11.86 -23.96 0.00
N LEU B 18 10.68 -23.36 -0.09
CA LEU B 18 10.38 -22.46 -1.19
C LEU B 18 9.94 -21.10 -0.66
N GLY B 19 10.83 -20.12 -0.80
CA GLY B 19 10.54 -18.78 -0.34
C GLY B 19 9.78 -17.99 -1.39
N MET B 20 9.68 -18.58 -2.58
CA MET B 20 8.98 -17.96 -3.70
C MET B 20 7.53 -17.63 -3.33
N THR B 21 6.92 -18.52 -2.55
CA THR B 21 5.53 -18.33 -2.12
C THR B 21 5.46 -18.09 -0.61
N ASN B 22 6.44 -17.35 -0.10
CA ASN B 22 6.51 -17.06 1.33
C ASN B 22 5.33 -16.21 1.80
N SER B 23 4.94 -15.23 1.01
CA SER B 23 3.82 -14.35 1.34
C SER B 23 3.17 -13.79 0.08
N HIS B 24 3.47 -14.43 -1.04
CA HIS B 24 2.94 -14.03 -2.34
C HIS B 24 3.03 -15.20 -3.30
N MET A 1 15.83 4.37 -5.94
CA MET A 1 14.40 4.35 -6.34
C MET A 1 13.99 5.69 -6.97
N ALA A 2 14.03 6.75 -6.15
CA ALA A 2 13.66 8.09 -6.61
C ALA A 2 12.25 8.10 -7.20
N LYS A 3 11.27 7.91 -6.34
CA LYS A 3 9.87 7.90 -6.76
C LYS A 3 9.22 9.25 -6.45
N THR A 4 9.95 10.31 -6.74
CA THR A 4 9.46 11.65 -6.49
C THR A 4 9.24 12.41 -7.80
N GLU A 5 10.31 12.52 -8.58
CA GLU A 5 10.26 13.23 -9.85
C GLU A 5 9.78 12.33 -10.98
N GLU A 6 8.54 11.90 -10.90
CA GLU A 6 7.95 11.05 -11.93
C GLU A 6 6.56 11.59 -12.31
N MET A 7 5.59 11.35 -11.45
CA MET A 7 4.20 11.80 -11.66
C MET A 7 3.65 11.35 -13.01
N VAL A 8 3.95 10.12 -13.38
CA VAL A 8 3.49 9.55 -14.65
C VAL A 8 3.03 8.11 -14.46
N GLN A 9 2.42 7.84 -13.32
CA GLN A 9 1.92 6.50 -13.00
C GLN A 9 0.43 6.38 -13.32
N THR A 10 -0.28 5.58 -12.54
CA THR A 10 -1.71 5.38 -12.73
C THR A 10 -2.49 6.68 -12.53
N GLU A 11 -3.30 7.03 -13.52
CA GLU A 11 -4.09 8.27 -13.48
C GLU A 11 -5.58 7.96 -13.32
N GLU A 12 -6.30 8.88 -12.69
CA GLU A 12 -7.74 8.73 -12.49
C GLU A 12 -8.44 10.06 -12.72
N MET A 13 -9.37 10.43 -11.85
CA MET A 13 -10.09 11.68 -11.97
C MET A 13 -9.21 12.87 -11.63
N GLU A 14 -8.97 13.08 -10.34
CA GLU A 14 -8.13 14.18 -9.90
C GLU A 14 -6.68 13.72 -9.82
N THR A 15 -6.49 12.47 -9.41
CA THR A 15 -5.17 11.88 -9.28
C THR A 15 -4.35 12.04 -10.56
N PRO A 16 -3.31 12.90 -10.52
CA PRO A 16 -2.47 13.16 -11.67
C PRO A 16 -1.35 12.15 -11.83
N ARG A 17 -1.71 10.95 -12.26
CA ARG A 17 -0.75 9.87 -12.47
C ARG A 17 0.02 9.56 -11.19
N LEU A 18 -0.73 9.35 -10.11
CA LEU A 18 -0.16 9.07 -8.81
C LEU A 18 -0.57 7.68 -8.31
N SER A 19 0.40 6.79 -8.15
CA SER A 19 0.13 5.45 -7.65
C SER A 19 1.17 5.09 -6.60
N VAL A 20 0.72 4.42 -5.55
CA VAL A 20 1.58 4.06 -4.44
C VAL A 20 2.12 2.63 -4.56
N ILE A 21 3.26 2.42 -3.90
CA ILE A 21 3.90 1.11 -3.86
C ILE A 21 3.55 0.41 -2.55
N VAL A 22 2.53 -0.44 -2.59
CA VAL A 22 2.10 -1.18 -1.41
C VAL A 22 3.03 -2.36 -1.17
N THR A 23 3.75 -2.34 -0.06
CA THR A 23 4.69 -3.41 0.25
C THR A 23 4.31 -4.13 1.54
N HIS A 24 4.27 -5.45 1.47
CA HIS A 24 3.96 -6.28 2.62
C HIS A 24 4.93 -7.45 2.67
N SER A 25 6.00 -7.28 3.45
CA SER A 25 7.05 -8.31 3.59
C SER A 25 7.85 -8.41 2.29
N ASN A 26 7.17 -8.80 1.22
CA ASN A 26 7.77 -8.93 -0.10
C ASN A 26 6.69 -8.72 -1.15
N GLU A 27 5.44 -8.80 -0.71
CA GLU A 27 4.28 -8.62 -1.56
C GLU A 27 4.18 -7.16 -1.99
N ARG A 28 3.85 -6.93 -3.26
CA ARG A 28 3.74 -5.58 -3.78
C ARG A 28 2.47 -5.40 -4.61
N TYR A 29 1.76 -4.32 -4.34
CA TYR A 29 0.54 -3.98 -5.05
C TYR A 29 0.60 -2.53 -5.51
N ASP A 30 -0.15 -2.21 -6.56
CA ASP A 30 -0.19 -0.85 -7.08
C ASP A 30 -1.57 -0.25 -6.84
N LEU A 31 -1.63 0.75 -5.98
CA LEU A 31 -2.90 1.39 -5.66
C LEU A 31 -2.87 2.86 -6.04
N LEU A 32 -4.03 3.37 -6.43
CA LEU A 32 -4.16 4.77 -6.84
C LEU A 32 -4.24 5.66 -5.60
N VAL A 33 -3.65 6.84 -5.69
CA VAL A 33 -3.68 7.80 -4.59
C VAL A 33 -5.08 8.36 -4.36
N THR A 34 -5.45 8.49 -3.10
CA THR A 34 -6.77 8.99 -2.72
C THR A 34 -6.89 10.48 -3.06
N PRO A 35 -7.80 10.83 -3.99
CA PRO A 35 -8.01 12.21 -4.41
C PRO A 35 -9.03 12.95 -3.54
N GLN A 36 -9.68 13.95 -4.14
CA GLN A 36 -10.70 14.76 -3.47
C GLN A 36 -10.07 15.72 -2.47
N GLN A 37 -8.98 16.37 -2.89
CA GLN A 37 -8.29 17.32 -2.03
C GLN A 37 -7.52 18.35 -2.87
N GLY A 38 -6.30 17.99 -3.25
CA GLY A 38 -5.50 18.91 -4.04
C GLY A 38 -4.41 18.20 -4.82
N ASN A 39 -4.81 17.46 -5.85
CA ASN A 39 -3.90 16.70 -6.74
C ASN A 39 -2.79 15.94 -6.00
N SER A 40 -1.65 16.59 -5.79
CA SER A 40 -0.52 15.96 -5.11
C SER A 40 -0.69 15.95 -3.60
N GLU A 41 -1.79 16.51 -3.13
CA GLU A 41 -2.07 16.55 -1.70
C GLU A 41 -3.22 15.58 -1.38
N PRO A 42 -2.87 14.35 -1.00
CA PRO A 42 -3.85 13.31 -0.67
C PRO A 42 -4.51 13.54 0.69
N VAL A 43 -5.67 12.94 0.90
CA VAL A 43 -6.41 13.07 2.15
C VAL A 43 -5.64 12.44 3.30
N VAL A 44 -6.04 12.73 4.53
CA VAL A 44 -5.37 12.17 5.70
C VAL A 44 -5.63 10.66 5.80
N GLN A 45 -6.68 10.21 5.15
CA GLN A 45 -7.03 8.79 5.15
C GLN A 45 -6.39 8.08 3.96
N ASP A 46 -5.56 8.80 3.22
CA ASP A 46 -4.90 8.24 2.04
C ASP A 46 -4.02 7.05 2.39
N LEU A 47 -3.06 7.27 3.28
CA LEU A 47 -2.13 6.21 3.68
C LEU A 47 -2.88 5.00 4.21
N ALA A 48 -4.03 5.24 4.81
CA ALA A 48 -4.85 4.16 5.37
C ALA A 48 -5.65 3.48 4.26
N GLN A 49 -6.01 4.24 3.24
CA GLN A 49 -6.80 3.72 2.13
C GLN A 49 -5.93 2.93 1.17
N LEU A 50 -4.72 3.44 0.93
CA LEU A 50 -3.77 2.81 0.02
C LEU A 50 -3.51 1.35 0.39
N VAL A 51 -3.35 1.11 1.68
CA VAL A 51 -3.08 -0.23 2.16
C VAL A 51 -4.38 -1.05 2.31
N GLU A 52 -5.47 -0.37 2.65
CA GLU A 52 -6.75 -1.03 2.84
C GLU A 52 -7.30 -1.54 1.50
N GLU A 53 -7.36 -0.66 0.51
CA GLU A 53 -7.89 -1.01 -0.80
C GLU A 53 -6.87 -1.78 -1.64
N ALA A 54 -5.76 -2.17 -1.00
CA ALA A 54 -4.73 -2.93 -1.70
C ALA A 54 -5.20 -4.35 -1.93
N THR A 55 -5.88 -4.90 -0.94
CA THR A 55 -6.39 -6.26 -1.03
C THR A 55 -7.67 -6.42 -0.21
N GLY A 56 -8.24 -5.29 0.22
CA GLY A 56 -9.44 -5.33 1.03
C GLY A 56 -9.15 -5.71 2.46
N VAL A 57 -8.12 -5.10 3.02
CA VAL A 57 -7.69 -5.38 4.39
C VAL A 57 -8.11 -4.25 5.33
N PRO A 58 -8.84 -4.58 6.39
CA PRO A 58 -9.27 -3.58 7.37
C PRO A 58 -8.08 -3.04 8.17
N LEU A 59 -8.14 -1.75 8.51
CA LEU A 59 -7.07 -1.06 9.26
C LEU A 59 -6.54 -1.86 10.46
N PRO A 60 -7.40 -2.37 11.37
CA PRO A 60 -6.94 -3.13 12.56
C PRO A 60 -6.21 -4.44 12.23
N PHE A 61 -6.15 -4.82 10.97
CA PHE A 61 -5.49 -6.06 10.58
C PHE A 61 -4.10 -5.80 10.01
N GLN A 62 -3.79 -4.53 9.77
CA GLN A 62 -2.50 -4.18 9.22
C GLN A 62 -1.82 -3.12 10.07
N LYS A 63 -0.61 -2.75 9.70
CA LYS A 63 0.15 -1.74 10.42
C LYS A 63 0.96 -0.91 9.44
N LEU A 64 0.32 0.13 8.90
CA LEU A 64 0.98 1.01 7.94
C LEU A 64 2.04 1.86 8.63
N ILE A 65 3.28 1.74 8.17
CA ILE A 65 4.38 2.50 8.73
C ILE A 65 5.29 3.03 7.62
N PHE A 66 4.82 4.08 6.95
CA PHE A 66 5.58 4.70 5.88
C PHE A 66 5.08 6.12 5.65
N LYS A 67 5.75 6.84 4.75
CA LYS A 67 5.42 8.23 4.43
C LYS A 67 5.64 9.12 5.66
N GLY A 68 6.34 8.58 6.65
CA GLY A 68 6.59 9.32 7.88
C GLY A 68 5.33 9.44 8.71
N LYS A 69 4.39 8.53 8.48
CA LYS A 69 3.11 8.54 9.19
C LYS A 69 2.79 7.16 9.76
N SER A 70 1.67 7.09 10.46
CA SER A 70 1.22 5.85 11.06
C SER A 70 -0.22 5.60 10.62
N LEU A 71 -0.63 4.33 10.59
CA LEU A 71 -1.98 3.95 10.18
C LEU A 71 -3.04 4.66 11.03
N LYS A 72 -3.80 5.55 10.38
CA LYS A 72 -4.85 6.30 11.06
C LYS A 72 -5.68 7.05 10.02
N GLU A 73 -6.89 7.42 10.41
CA GLU A 73 -7.78 8.16 9.50
C GLU A 73 -7.46 9.65 9.54
N MET A 74 -6.58 10.02 10.46
CA MET A 74 -6.17 11.42 10.62
C MET A 74 -4.94 11.50 11.51
N GLU A 75 -3.77 11.33 10.91
CA GLU A 75 -2.52 11.37 11.65
C GLU A 75 -1.84 12.73 11.49
N THR A 76 -1.06 12.89 10.44
CA THR A 76 -0.35 14.14 10.19
C THR A 76 -0.92 14.85 8.96
N PRO A 77 -0.74 16.18 8.87
CA PRO A 77 -1.23 17.03 7.77
C PRO A 77 -0.95 16.48 6.36
N LEU A 78 -1.69 17.02 5.40
CA LEU A 78 -1.57 16.63 3.99
C LEU A 78 -0.20 16.95 3.43
N SER A 79 0.46 17.94 4.03
CA SER A 79 1.78 18.35 3.60
C SER A 79 2.81 17.23 3.78
N ALA A 80 2.47 16.29 4.66
CA ALA A 80 3.34 15.15 4.93
C ALA A 80 2.63 13.85 4.58
N LEU A 81 1.76 13.90 3.58
CA LEU A 81 1.03 12.72 3.14
C LEU A 81 1.84 11.97 2.08
N GLY A 82 2.96 12.55 1.70
CA GLY A 82 3.81 11.97 0.69
C GLY A 82 3.70 12.73 -0.60
N MET A 83 4.46 13.82 -0.70
CA MET A 83 4.45 14.69 -1.88
C MET A 83 5.21 14.06 -3.06
N GLN A 84 4.98 12.78 -3.27
CA GLN A 84 5.60 12.06 -4.37
C GLN A 84 4.50 11.57 -5.29
N ASN A 85 4.87 10.89 -6.36
CA ASN A 85 3.87 10.37 -7.29
C ASN A 85 3.27 9.09 -6.76
N GLY A 86 2.72 9.17 -5.56
CA GLY A 86 2.12 8.03 -4.91
C GLY A 86 2.86 7.64 -3.65
N CYS A 87 4.19 7.75 -3.69
CA CYS A 87 5.06 7.40 -2.57
C CYS A 87 5.04 5.89 -2.34
N ARG A 88 5.48 5.45 -1.17
CA ARG A 88 5.51 4.03 -0.85
C ARG A 88 4.83 3.78 0.49
N VAL A 89 4.14 2.66 0.60
CA VAL A 89 3.47 2.30 1.85
C VAL A 89 3.72 0.84 2.18
N MET A 90 4.18 0.59 3.39
CA MET A 90 4.46 -0.77 3.83
C MET A 90 3.79 -1.04 5.15
N LEU A 91 3.28 -2.25 5.31
CA LEU A 91 2.61 -2.63 6.54
C LEU A 91 3.13 -3.97 7.04
N ILE A 92 3.27 -4.08 8.34
CA ILE A 92 3.74 -5.30 8.96
C ILE A 92 2.60 -5.93 9.76
N GLY A 93 2.06 -7.02 9.24
CA GLY A 93 0.97 -7.69 9.90
C GLY A 93 0.24 -8.65 8.98
N GLU A 94 -1.07 -8.66 9.06
CA GLU A 94 -1.88 -9.55 8.23
C GLU A 94 -2.26 -8.86 6.92
N LYS A 95 -2.87 -9.61 6.03
CA LYS A 95 -3.30 -9.09 4.75
C LYS A 95 -4.47 -9.90 4.21
N SER A 96 -5.69 -9.43 4.46
CA SER A 96 -6.88 -10.10 3.99
C SER A 96 -7.00 -9.97 2.48
N ASN A 97 -7.69 -10.92 1.86
CA ASN A 97 -7.89 -10.93 0.42
C ASN A 97 -8.96 -11.94 0.05
N ARG B 1 -6.44 -24.04 2.90
CA ARG B 1 -6.39 -22.67 3.45
C ARG B 1 -6.78 -21.66 2.37
N TYR B 2 -7.30 -20.52 2.80
CA TYR B 2 -7.71 -19.48 1.87
C TYR B 2 -6.96 -18.19 2.14
N HIS B 3 -5.66 -18.21 1.91
CA HIS B 3 -4.84 -17.03 2.13
C HIS B 3 -3.75 -16.91 1.08
N ARG B 4 -3.77 -15.78 0.39
CA ARG B 4 -2.80 -15.48 -0.65
C ARG B 4 -1.38 -15.41 -0.07
N ARG B 5 -0.42 -16.01 -0.78
CA ARG B 5 0.97 -16.01 -0.39
C ARG B 5 1.16 -16.42 1.07
N GLY B 6 0.44 -17.46 1.49
CA GLY B 6 0.54 -17.93 2.86
C GLY B 6 1.72 -18.86 3.06
N GLY B 7 2.92 -18.36 2.74
CA GLY B 7 4.12 -19.17 2.88
C GLY B 7 4.42 -19.91 1.60
N TYR B 8 3.43 -19.91 0.71
CA TYR B 8 3.53 -20.57 -0.58
C TYR B 8 2.50 -19.96 -1.53
N ASP B 9 2.37 -20.53 -2.72
CA ASP B 9 1.44 -20.05 -3.75
C ASP B 9 0.09 -19.61 -3.17
N VAL B 10 -0.58 -20.49 -2.46
CA VAL B 10 -1.88 -20.16 -1.86
C VAL B 10 -2.34 -21.25 -0.90
N GLU B 11 -1.98 -22.49 -1.21
CA GLU B 11 -2.37 -23.62 -0.37
C GLU B 11 -1.39 -23.81 0.78
N ASN B 12 -1.63 -24.85 1.58
CA ASN B 12 -0.79 -25.15 2.73
C ASN B 12 0.60 -25.59 2.31
N GLU B 13 0.65 -26.60 1.43
CA GLU B 13 1.92 -27.15 0.93
C GLU B 13 2.67 -27.90 2.04
N GLU B 14 3.38 -28.95 1.65
CA GLU B 14 4.13 -29.74 2.61
C GLU B 14 5.60 -29.85 2.25
N LYS B 15 6.03 -29.08 1.26
CA LYS B 15 7.43 -29.08 0.85
C LYS B 15 8.24 -28.24 1.82
N VAL B 16 7.83 -26.98 1.97
CA VAL B 16 8.46 -26.03 2.88
C VAL B 16 9.95 -25.88 2.57
N LYS B 17 10.26 -25.59 1.32
CA LYS B 17 11.64 -25.41 0.90
C LYS B 17 11.73 -24.38 -0.22
N LEU B 18 10.63 -23.69 -0.48
CA LEU B 18 10.58 -22.68 -1.54
C LEU B 18 10.09 -21.35 -0.97
N GLY B 19 10.91 -20.32 -1.10
CA GLY B 19 10.54 -19.01 -0.60
C GLY B 19 10.11 -18.07 -1.71
N MET B 20 10.15 -18.55 -2.94
CA MET B 20 9.76 -17.75 -4.11
C MET B 20 8.33 -17.24 -4.00
N THR B 21 7.48 -18.02 -3.34
CA THR B 21 6.08 -17.64 -3.18
C THR B 21 5.71 -17.53 -1.70
N ASN B 22 6.71 -17.36 -0.84
CA ASN B 22 6.48 -17.26 0.60
C ASN B 22 5.73 -15.97 0.93
N SER B 23 6.00 -14.93 0.17
CA SER B 23 5.36 -13.64 0.37
C SER B 23 5.30 -12.86 -0.94
N HIS B 24 5.33 -13.57 -2.05
CA HIS B 24 5.27 -12.94 -3.36
C HIS B 24 4.54 -13.85 -4.33
N MET A 1 15.49 4.49 -7.26
CA MET A 1 14.38 4.43 -6.28
C MET A 1 13.96 5.84 -5.87
N ALA A 2 14.25 6.82 -6.70
CA ALA A 2 13.90 8.20 -6.43
C ALA A 2 12.49 8.48 -6.91
N LYS A 3 11.51 7.88 -6.23
CA LYS A 3 10.12 8.06 -6.58
C LYS A 3 9.62 9.40 -6.09
N THR A 4 10.04 10.45 -6.76
CA THR A 4 9.64 11.81 -6.41
C THR A 4 9.55 12.67 -7.67
N GLU A 5 10.57 12.61 -8.50
CA GLU A 5 10.61 13.40 -9.73
C GLU A 5 9.94 12.63 -10.88
N GLU A 6 8.63 12.49 -10.80
CA GLU A 6 7.87 11.78 -11.83
C GLU A 6 6.50 12.43 -12.03
N MET A 7 5.57 12.11 -11.11
CA MET A 7 4.19 12.65 -11.15
C MET A 7 3.51 12.32 -12.48
N VAL A 8 3.85 11.18 -13.05
CA VAL A 8 3.27 10.74 -14.31
C VAL A 8 2.80 9.29 -14.23
N GLN A 9 1.91 9.03 -13.28
CA GLN A 9 1.36 7.68 -13.08
C GLN A 9 -0.11 7.65 -13.48
N THR A 10 -0.91 6.85 -12.77
CA THR A 10 -2.34 6.74 -13.04
C THR A 10 -3.04 8.08 -12.80
N GLU A 11 -3.77 8.55 -13.80
CA GLU A 11 -4.47 9.82 -13.69
C GLU A 11 -5.93 9.61 -13.27
N GLU A 12 -6.54 10.67 -12.76
CA GLU A 12 -7.92 10.66 -12.34
C GLU A 12 -8.53 12.04 -12.59
N MET A 13 -9.46 12.46 -11.74
CA MET A 13 -10.07 13.78 -11.89
C MET A 13 -9.23 14.83 -11.19
N GLU A 14 -8.94 14.59 -9.91
CA GLU A 14 -8.13 15.52 -9.14
C GLU A 14 -6.69 15.03 -9.09
N THR A 15 -6.53 13.72 -8.95
CA THR A 15 -5.22 13.10 -8.89
C THR A 15 -4.43 13.34 -10.18
N PRO A 16 -3.33 14.09 -10.08
CA PRO A 16 -2.49 14.41 -11.23
C PRO A 16 -1.46 13.33 -11.52
N ARG A 17 -1.95 12.15 -11.89
CA ARG A 17 -1.09 11.01 -12.22
C ARG A 17 -0.24 10.63 -11.01
N LEU A 18 -0.92 10.21 -9.95
CA LEU A 18 -0.27 9.84 -8.71
C LEU A 18 -0.67 8.43 -8.27
N SER A 19 0.26 7.49 -8.35
CA SER A 19 0.00 6.12 -7.91
C SER A 19 1.08 5.67 -6.94
N VAL A 20 0.68 4.91 -5.94
CA VAL A 20 1.60 4.46 -4.90
C VAL A 20 1.99 2.99 -5.09
N ILE A 21 3.19 2.66 -4.62
CA ILE A 21 3.69 1.30 -4.68
C ILE A 21 3.32 0.57 -3.41
N VAL A 22 2.31 -0.29 -3.49
CA VAL A 22 1.87 -1.07 -2.34
C VAL A 22 2.56 -2.43 -2.34
N THR A 23 3.48 -2.62 -1.41
CA THR A 23 4.21 -3.88 -1.35
C THR A 23 3.90 -4.67 -0.07
N HIS A 24 3.77 -5.97 -0.25
CA HIS A 24 3.48 -6.90 0.82
C HIS A 24 4.54 -8.00 0.79
N SER A 25 5.72 -7.66 1.32
CA SER A 25 6.88 -8.56 1.37
C SER A 25 7.47 -8.77 -0.02
N ASN A 26 6.67 -9.31 -0.94
CA ASN A 26 7.10 -9.57 -2.30
C ASN A 26 6.04 -9.08 -3.28
N GLU A 27 4.78 -9.19 -2.87
CA GLU A 27 3.67 -8.76 -3.69
C GLU A 27 3.69 -7.24 -3.85
N ARG A 28 3.63 -6.76 -5.08
CA ARG A 28 3.66 -5.33 -5.34
C ARG A 28 2.52 -4.92 -6.27
N TYR A 29 1.60 -4.11 -5.76
CA TYR A 29 0.47 -3.64 -6.53
C TYR A 29 0.57 -2.13 -6.71
N ASP A 30 -0.18 -1.59 -7.67
CA ASP A 30 -0.17 -0.15 -7.92
C ASP A 30 -1.55 0.42 -7.65
N LEU A 31 -1.63 1.33 -6.69
CA LEU A 31 -2.90 1.94 -6.31
C LEU A 31 -2.85 3.45 -6.50
N LEU A 32 -3.98 4.04 -6.85
CA LEU A 32 -4.06 5.48 -7.05
C LEU A 32 -4.13 6.19 -5.70
N VAL A 33 -3.46 7.34 -5.61
CA VAL A 33 -3.46 8.12 -4.37
C VAL A 33 -4.85 8.70 -4.11
N THR A 34 -5.21 8.81 -2.84
CA THR A 34 -6.52 9.31 -2.44
C THR A 34 -6.63 10.82 -2.68
N PRO A 35 -7.52 11.23 -3.61
CA PRO A 35 -7.73 12.63 -3.93
C PRO A 35 -8.78 13.28 -3.02
N GLN A 36 -9.49 14.28 -3.55
CA GLN A 36 -10.52 15.00 -2.82
C GLN A 36 -9.91 15.80 -1.68
N GLN A 37 -8.76 16.41 -1.95
CA GLN A 37 -8.07 17.21 -0.96
C GLN A 37 -7.29 18.33 -1.67
N GLY A 38 -6.11 17.99 -2.17
CA GLY A 38 -5.30 18.97 -2.85
C GLY A 38 -4.34 18.34 -3.84
N ASN A 39 -4.88 17.47 -4.69
CA ASN A 39 -4.13 16.75 -5.75
C ASN A 39 -2.80 16.15 -5.26
N SER A 40 -1.74 16.96 -5.22
CA SER A 40 -0.44 16.50 -4.77
C SER A 40 -0.45 16.21 -3.27
N GLU A 41 -1.40 16.83 -2.57
CA GLU A 41 -1.56 16.63 -1.14
C GLU A 41 -2.81 15.79 -0.87
N PRO A 42 -2.62 14.49 -0.59
CA PRO A 42 -3.72 13.56 -0.32
C PRO A 42 -4.29 13.71 1.08
N VAL A 43 -5.41 13.03 1.34
CA VAL A 43 -6.05 13.07 2.64
C VAL A 43 -5.26 12.25 3.66
N VAL A 44 -5.61 12.37 4.94
CA VAL A 44 -4.90 11.62 5.98
C VAL A 44 -5.27 10.14 5.93
N GLN A 45 -6.38 9.84 5.28
CA GLN A 45 -6.86 8.46 5.15
C GLN A 45 -6.20 7.78 3.95
N ASP A 46 -5.37 8.54 3.25
CA ASP A 46 -4.67 8.05 2.07
C ASP A 46 -3.82 6.82 2.38
N LEU A 47 -2.95 6.95 3.37
CA LEU A 47 -2.05 5.87 3.78
C LEU A 47 -2.80 4.57 4.08
N ALA A 48 -4.05 4.71 4.52
CA ALA A 48 -4.86 3.55 4.85
C ALA A 48 -5.58 3.02 3.62
N GLN A 49 -6.18 3.93 2.84
CA GLN A 49 -6.94 3.55 1.65
C GLN A 49 -6.05 2.89 0.61
N LEU A 50 -4.82 3.38 0.47
CA LEU A 50 -3.88 2.84 -0.52
C LEU A 50 -3.68 1.34 -0.35
N VAL A 51 -3.42 0.91 0.88
CA VAL A 51 -3.19 -0.50 1.16
C VAL A 51 -4.51 -1.26 1.28
N GLU A 52 -5.54 -0.58 1.76
CA GLU A 52 -6.85 -1.19 1.93
C GLU A 52 -7.46 -1.59 0.58
N GLU A 53 -7.52 -0.65 -0.34
CA GLU A 53 -8.11 -0.89 -1.66
C GLU A 53 -7.14 -1.66 -2.57
N ALA A 54 -6.00 -2.05 -2.03
CA ALA A 54 -5.00 -2.79 -2.79
C ALA A 54 -5.43 -4.24 -2.97
N THR A 55 -6.47 -4.65 -2.25
CA THR A 55 -6.98 -6.03 -2.34
C THR A 55 -8.33 -6.16 -1.62
N GLY A 56 -8.54 -5.29 -0.63
CA GLY A 56 -9.77 -5.35 0.14
C GLY A 56 -9.50 -5.83 1.55
N VAL A 57 -8.43 -5.29 2.14
CA VAL A 57 -8.02 -5.67 3.48
C VAL A 57 -8.41 -4.60 4.50
N PRO A 58 -8.97 -5.00 5.65
CA PRO A 58 -9.34 -4.07 6.72
C PRO A 58 -8.11 -3.47 7.41
N LEU A 59 -8.30 -2.29 8.00
CA LEU A 59 -7.22 -1.59 8.70
C LEU A 59 -6.49 -2.49 9.73
N PRO A 60 -7.21 -3.15 10.67
CA PRO A 60 -6.59 -4.01 11.69
C PRO A 60 -6.06 -5.34 11.14
N PHE A 61 -5.73 -5.37 9.86
CA PHE A 61 -5.21 -6.57 9.22
C PHE A 61 -3.88 -6.28 8.53
N GLN A 62 -3.73 -5.04 8.09
CA GLN A 62 -2.52 -4.62 7.40
C GLN A 62 -1.74 -3.60 8.24
N LYS A 63 -0.54 -3.95 8.63
CA LYS A 63 0.29 -3.06 9.43
C LYS A 63 1.05 -2.12 8.51
N LEU A 64 0.36 -1.06 8.08
CA LEU A 64 0.95 -0.05 7.20
C LEU A 64 2.08 0.69 7.90
N ILE A 65 3.28 0.63 7.33
CA ILE A 65 4.44 1.30 7.89
C ILE A 65 5.25 1.96 6.77
N PHE A 66 4.94 3.22 6.49
CA PHE A 66 5.63 3.98 5.46
C PHE A 66 5.12 5.43 5.47
N LYS A 67 5.72 6.28 4.63
CA LYS A 67 5.35 7.69 4.54
C LYS A 67 5.62 8.42 5.86
N GLY A 68 6.41 7.78 6.72
CA GLY A 68 6.73 8.36 8.01
C GLY A 68 5.59 8.21 8.99
N LYS A 69 4.60 7.39 8.62
CA LYS A 69 3.43 7.17 9.45
C LYS A 69 3.14 5.68 9.59
N SER A 70 1.96 5.36 10.09
CA SER A 70 1.54 3.98 10.27
C SER A 70 0.03 3.87 10.10
N LEU A 71 -0.46 2.64 10.05
CA LEU A 71 -1.90 2.37 9.86
C LEU A 71 -2.76 3.19 10.83
N LYS A 72 -3.50 4.15 10.27
CA LYS A 72 -4.37 5.02 11.03
C LYS A 72 -5.35 5.71 10.10
N GLU A 73 -6.52 6.05 10.61
CA GLU A 73 -7.52 6.75 9.81
C GLU A 73 -7.07 8.18 9.60
N MET A 74 -6.48 8.75 10.65
CA MET A 74 -5.97 10.10 10.61
C MET A 74 -4.63 10.14 11.35
N GLU A 75 -3.63 10.73 10.71
CA GLU A 75 -2.32 10.81 11.31
C GLU A 75 -1.70 12.19 11.04
N THR A 76 -0.38 12.23 10.90
CA THR A 76 0.34 13.47 10.67
C THR A 76 -0.15 14.20 9.42
N PRO A 77 0.11 15.54 9.36
CA PRO A 77 -0.27 16.44 8.28
C PRO A 77 -0.36 15.83 6.87
N LEU A 78 -1.26 16.40 6.07
CA LEU A 78 -1.50 15.97 4.70
C LEU A 78 -0.25 16.15 3.84
N SER A 79 0.46 17.24 4.08
CA SER A 79 1.69 17.52 3.34
C SER A 79 2.78 16.49 3.68
N ALA A 80 2.51 15.71 4.72
CA ALA A 80 3.44 14.68 5.16
C ALA A 80 2.95 13.31 4.70
N LEU A 81 2.02 13.31 3.75
CA LEU A 81 1.47 12.07 3.19
C LEU A 81 2.28 11.64 1.99
N GLY A 82 3.52 12.11 1.92
CA GLY A 82 4.37 11.77 0.80
C GLY A 82 4.03 12.61 -0.41
N MET A 83 4.33 13.90 -0.34
CA MET A 83 4.06 14.83 -1.42
C MET A 83 4.95 14.53 -2.63
N GLN A 84 4.49 13.59 -3.44
CA GLN A 84 5.18 13.16 -4.63
C GLN A 84 4.24 12.29 -5.46
N ASN A 85 4.78 11.50 -6.36
CA ASN A 85 3.96 10.64 -7.21
C ASN A 85 3.47 9.40 -6.47
N GLY A 86 2.56 9.60 -5.53
CA GLY A 86 1.99 8.49 -4.79
C GLY A 86 2.84 8.04 -3.60
N CYS A 87 4.15 7.99 -3.81
CA CYS A 87 5.11 7.56 -2.78
C CYS A 87 5.10 6.03 -2.68
N ARG A 88 5.55 5.49 -1.55
CA ARG A 88 5.60 4.05 -1.34
C ARG A 88 4.94 3.68 -0.01
N VAL A 89 4.27 2.53 0.01
CA VAL A 89 3.62 2.05 1.22
C VAL A 89 3.77 0.53 1.34
N MET A 90 4.02 0.05 2.55
CA MET A 90 4.17 -1.37 2.78
C MET A 90 3.47 -1.75 4.08
N LEU A 91 2.96 -2.98 4.12
CA LEU A 91 2.28 -3.45 5.31
C LEU A 91 2.88 -4.78 5.78
N ILE A 92 3.16 -4.85 7.07
CA ILE A 92 3.72 -6.05 7.65
C ILE A 92 2.63 -6.81 8.39
N GLY A 93 1.88 -7.59 7.64
CA GLY A 93 0.81 -8.36 8.21
C GLY A 93 0.18 -9.30 7.19
N GLU A 94 -1.12 -9.19 7.01
CA GLU A 94 -1.84 -10.03 6.06
C GLU A 94 -2.50 -9.16 4.99
N LYS A 95 -2.65 -9.70 3.80
CA LYS A 95 -3.28 -8.98 2.71
C LYS A 95 -4.41 -9.82 2.12
N SER A 96 -5.53 -9.82 2.84
CA SER A 96 -6.71 -10.57 2.43
C SER A 96 -7.16 -10.19 1.01
N ASN A 97 -7.52 -11.21 0.24
CA ASN A 97 -7.97 -11.01 -1.13
C ASN A 97 -9.11 -11.98 -1.43
N ARG B 1 -6.36 -24.43 4.90
CA ARG B 1 -6.38 -23.00 5.26
C ARG B 1 -6.76 -22.14 4.07
N TYR B 2 -7.31 -20.97 4.34
CA TYR B 2 -7.71 -20.04 3.28
C TYR B 2 -6.78 -18.83 3.24
N HIS B 3 -5.70 -18.89 4.01
CA HIS B 3 -4.72 -17.81 4.06
C HIS B 3 -3.70 -17.94 2.93
N ARG B 4 -4.08 -17.44 1.77
CA ARG B 4 -3.22 -17.48 0.61
C ARG B 4 -2.09 -16.45 0.76
N ARG B 5 -0.91 -16.80 0.25
CA ARG B 5 0.26 -15.91 0.32
C ARG B 5 0.66 -15.67 1.78
N GLY B 6 0.50 -16.70 2.60
CA GLY B 6 0.85 -16.58 4.01
C GLY B 6 1.89 -17.59 4.41
N GLY B 7 3.09 -17.47 3.86
CA GLY B 7 4.16 -18.38 4.16
C GLY B 7 4.39 -19.37 3.03
N TYR B 8 3.36 -19.54 2.23
CA TYR B 8 3.39 -20.44 1.09
C TYR B 8 2.32 -20.01 0.10
N ASP B 9 2.30 -20.66 -1.07
CA ASP B 9 1.34 -20.37 -2.13
C ASP B 9 -0.07 -20.17 -1.59
N VAL B 10 -0.64 -21.23 -1.03
CA VAL B 10 -1.98 -21.15 -0.47
C VAL B 10 -2.09 -21.98 0.81
N GLU B 11 -1.42 -23.12 0.86
CA GLU B 11 -1.46 -23.99 2.03
C GLU B 11 -0.30 -23.69 2.98
N ASN B 12 -0.20 -24.48 4.03
CA ASN B 12 0.86 -24.31 5.01
C ASN B 12 2.14 -25.01 4.55
N GLU B 13 1.96 -26.14 3.86
CA GLU B 13 3.08 -26.94 3.34
C GLU B 13 3.80 -27.66 4.49
N GLU B 14 4.37 -28.82 4.19
CA GLU B 14 5.08 -29.61 5.19
C GLU B 14 6.56 -29.24 5.20
N LYS B 15 7.07 -28.83 4.06
CA LYS B 15 8.49 -28.44 3.94
C LYS B 15 8.74 -27.10 4.63
N VAL B 16 7.98 -26.08 4.24
CA VAL B 16 8.12 -24.73 4.79
C VAL B 16 9.57 -24.24 4.71
N LYS B 17 10.05 -24.03 3.49
CA LYS B 17 11.42 -23.58 3.28
C LYS B 17 11.54 -22.76 2.00
N LEU B 18 10.41 -22.29 1.47
CA LEU B 18 10.40 -21.51 0.25
C LEU B 18 9.87 -20.10 0.51
N GLY B 19 10.73 -19.12 0.35
CA GLY B 19 10.34 -17.74 0.58
C GLY B 19 9.72 -17.12 -0.67
N MET B 20 9.94 -17.76 -1.81
CA MET B 20 9.42 -17.30 -3.08
C MET B 20 7.89 -17.26 -3.07
N THR B 21 7.30 -18.10 -2.24
CA THR B 21 5.85 -18.16 -2.13
C THR B 21 5.38 -17.65 -0.78
N ASN B 22 6.28 -17.02 -0.03
CA ASN B 22 5.96 -16.50 1.31
C ASN B 22 4.82 -15.50 1.23
N SER B 23 4.92 -14.58 0.28
CA SER B 23 3.91 -13.56 0.07
C SER B 23 4.01 -13.03 -1.36
N HIS B 24 3.84 -13.93 -2.31
CA HIS B 24 3.93 -13.59 -3.72
C HIS B 24 2.54 -13.49 -4.34
N MET A 1 15.07 4.73 -6.69
CA MET A 1 14.30 5.03 -5.46
C MET A 1 13.89 6.51 -5.43
N ALA A 2 14.26 7.26 -6.46
CA ALA A 2 13.91 8.68 -6.51
C ALA A 2 12.48 8.89 -7.01
N LYS A 3 11.54 8.27 -6.33
CA LYS A 3 10.14 8.38 -6.68
C LYS A 3 9.57 9.69 -6.14
N THR A 4 9.78 10.76 -6.90
CA THR A 4 9.28 12.06 -6.53
C THR A 4 9.03 12.93 -7.77
N GLU A 5 10.10 13.25 -8.47
CA GLU A 5 10.01 14.09 -9.66
C GLU A 5 9.68 13.26 -10.89
N GLU A 6 8.56 12.56 -10.84
CA GLU A 6 8.12 11.75 -11.96
C GLU A 6 6.73 12.20 -12.39
N MET A 7 5.75 12.03 -11.50
CA MET A 7 4.37 12.43 -11.74
C MET A 7 3.81 11.83 -13.03
N VAL A 8 4.13 10.57 -13.29
CA VAL A 8 3.64 9.89 -14.48
C VAL A 8 3.12 8.50 -14.14
N GLN A 9 2.20 8.44 -13.19
CA GLN A 9 1.59 7.19 -12.76
C GLN A 9 0.15 7.10 -13.27
N THR A 10 -0.72 6.41 -12.53
CA THR A 10 -2.11 6.27 -12.92
C THR A 10 -2.82 7.63 -12.87
N GLU A 11 -3.56 7.93 -13.92
CA GLU A 11 -4.26 9.20 -14.02
C GLU A 11 -5.71 9.06 -13.56
N GLU A 12 -6.27 10.17 -13.09
CA GLU A 12 -7.66 10.20 -12.62
C GLU A 12 -8.28 11.54 -13.00
N MET A 13 -9.35 11.93 -12.30
CA MET A 13 -10.03 13.19 -12.59
C MET A 13 -9.38 14.33 -11.80
N GLU A 14 -8.71 13.98 -10.72
CA GLU A 14 -8.02 14.96 -9.90
C GLU A 14 -6.55 14.57 -9.73
N THR A 15 -6.33 13.32 -9.39
CA THR A 15 -4.99 12.81 -9.20
C THR A 15 -4.18 12.96 -10.48
N PRO A 16 -3.11 13.78 -10.45
CA PRO A 16 -2.27 14.03 -11.61
C PRO A 16 -1.22 12.94 -11.81
N ARG A 17 -1.70 11.75 -12.16
CA ARG A 17 -0.83 10.61 -12.39
C ARG A 17 -0.02 10.30 -11.12
N LEU A 18 -0.74 9.97 -10.06
CA LEU A 18 -0.13 9.69 -8.77
C LEU A 18 -0.53 8.30 -8.26
N SER A 19 0.45 7.41 -8.12
CA SER A 19 0.20 6.07 -7.62
C SER A 19 1.26 5.68 -6.62
N VAL A 20 0.87 4.91 -5.61
CA VAL A 20 1.77 4.49 -4.57
C VAL A 20 2.18 3.03 -4.73
N ILE A 21 3.35 2.71 -4.20
CA ILE A 21 3.86 1.35 -4.26
C ILE A 21 3.57 0.65 -2.93
N VAL A 22 2.54 -0.19 -2.92
CA VAL A 22 2.18 -0.91 -1.72
C VAL A 22 2.95 -2.21 -1.65
N THR A 23 3.92 -2.28 -0.76
CA THR A 23 4.74 -3.46 -0.61
C THR A 23 4.47 -4.21 0.69
N HIS A 24 4.47 -5.53 0.59
CA HIS A 24 4.24 -6.40 1.74
C HIS A 24 5.23 -7.56 1.67
N SER A 25 6.41 -7.34 2.25
CA SER A 25 7.47 -8.34 2.29
C SER A 25 8.06 -8.57 0.89
N ASN A 26 7.29 -9.17 0.00
CA ASN A 26 7.75 -9.42 -1.36
C ASN A 26 6.68 -9.02 -2.37
N GLU A 27 5.54 -8.54 -1.87
CA GLU A 27 4.44 -8.12 -2.73
C GLU A 27 4.61 -6.69 -3.18
N ARG A 28 3.99 -6.37 -4.32
CA ARG A 28 4.06 -5.02 -4.88
C ARG A 28 2.76 -4.70 -5.60
N TYR A 29 1.90 -3.94 -4.94
CA TYR A 29 0.62 -3.55 -5.53
C TYR A 29 0.68 -2.09 -5.98
N ASP A 30 -0.10 -1.78 -7.00
CA ASP A 30 -0.15 -0.43 -7.54
C ASP A 30 -1.49 0.21 -7.23
N LEU A 31 -1.49 1.18 -6.35
CA LEU A 31 -2.72 1.84 -5.94
C LEU A 31 -2.66 3.34 -6.24
N LEU A 32 -3.76 3.88 -6.74
CA LEU A 32 -3.83 5.30 -7.06
C LEU A 32 -4.03 6.13 -5.79
N VAL A 33 -3.38 7.29 -5.75
CA VAL A 33 -3.47 8.19 -4.60
C VAL A 33 -4.89 8.68 -4.41
N THR A 34 -5.31 8.76 -3.15
CA THR A 34 -6.65 9.21 -2.81
C THR A 34 -6.77 10.72 -2.98
N PRO A 35 -7.54 11.17 -3.98
CA PRO A 35 -7.73 12.59 -4.27
C PRO A 35 -8.88 13.20 -3.46
N GLN A 36 -9.53 14.22 -4.04
CA GLN A 36 -10.66 14.91 -3.42
C GLN A 36 -10.15 15.84 -2.32
N GLN A 37 -9.02 16.46 -2.57
CA GLN A 37 -8.43 17.38 -1.60
C GLN A 37 -7.62 18.46 -2.31
N GLY A 38 -6.42 18.10 -2.75
CA GLY A 38 -5.58 19.06 -3.42
C GLY A 38 -4.68 18.42 -4.46
N ASN A 39 -5.27 17.55 -5.28
CA ASN A 39 -4.59 16.81 -6.37
C ASN A 39 -3.28 16.13 -5.94
N SER A 40 -2.21 16.89 -5.78
CA SER A 40 -0.92 16.34 -5.38
C SER A 40 -0.88 16.14 -3.87
N GLU A 41 -1.87 16.70 -3.18
CA GLU A 41 -1.97 16.57 -1.74
C GLU A 41 -3.07 15.58 -1.38
N PRO A 42 -2.68 14.38 -0.92
CA PRO A 42 -3.63 13.32 -0.55
C PRO A 42 -4.42 13.64 0.71
N VAL A 43 -5.54 12.93 0.90
CA VAL A 43 -6.38 13.13 2.07
C VAL A 43 -5.78 12.44 3.29
N VAL A 44 -6.40 12.67 4.45
CA VAL A 44 -5.93 12.07 5.69
C VAL A 44 -6.06 10.55 5.69
N GLN A 45 -7.06 10.04 4.98
CA GLN A 45 -7.28 8.60 4.91
C GLN A 45 -6.55 7.97 3.73
N ASP A 46 -5.71 8.75 3.06
CA ASP A 46 -4.98 8.26 1.90
C ASP A 46 -4.06 7.09 2.23
N LEU A 47 -3.10 7.32 3.11
CA LEU A 47 -2.13 6.30 3.50
C LEU A 47 -2.82 5.00 3.93
N ALA A 48 -4.00 5.12 4.52
CA ALA A 48 -4.75 3.97 4.96
C ALA A 48 -5.48 3.31 3.80
N GLN A 49 -6.14 4.14 2.98
CA GLN A 49 -6.89 3.66 1.84
C GLN A 49 -6.00 2.95 0.83
N LEU A 50 -4.81 3.49 0.61
CA LEU A 50 -3.85 2.91 -0.33
C LEU A 50 -3.57 1.46 -0.01
N VAL A 51 -3.19 1.21 1.24
CA VAL A 51 -2.87 -0.14 1.68
C VAL A 51 -4.12 -1.01 1.76
N GLU A 52 -5.24 -0.39 2.10
CA GLU A 52 -6.51 -1.11 2.21
C GLU A 52 -6.99 -1.59 0.85
N GLU A 53 -7.17 -0.66 -0.07
CA GLU A 53 -7.67 -0.95 -1.41
C GLU A 53 -6.75 -1.91 -2.16
N ALA A 54 -5.49 -1.93 -1.78
CA ALA A 54 -4.50 -2.80 -2.42
C ALA A 54 -4.95 -4.27 -2.44
N THR A 55 -5.61 -4.72 -1.38
CA THR A 55 -6.06 -6.11 -1.32
C THR A 55 -7.46 -6.26 -0.74
N GLY A 56 -8.11 -5.13 -0.46
CA GLY A 56 -9.44 -5.18 0.11
C GLY A 56 -9.40 -5.64 1.56
N VAL A 57 -8.37 -5.20 2.26
CA VAL A 57 -8.16 -5.56 3.66
C VAL A 57 -8.34 -4.35 4.55
N PRO A 58 -9.05 -4.51 5.68
CA PRO A 58 -9.28 -3.41 6.64
C PRO A 58 -7.97 -2.89 7.23
N LEU A 59 -7.97 -1.62 7.62
CA LEU A 59 -6.80 -0.96 8.18
C LEU A 59 -6.19 -1.70 9.38
N PRO A 60 -6.98 -2.05 10.42
CA PRO A 60 -6.45 -2.72 11.63
C PRO A 60 -5.82 -4.10 11.37
N PHE A 61 -5.89 -4.58 10.14
CA PHE A 61 -5.32 -5.88 9.81
C PHE A 61 -3.93 -5.74 9.18
N GLN A 62 -3.51 -4.50 8.93
CA GLN A 62 -2.20 -4.27 8.34
C GLN A 62 -1.49 -3.09 9.01
N LYS A 63 -0.32 -3.37 9.58
CA LYS A 63 0.47 -2.36 10.26
C LYS A 63 1.25 -1.49 9.26
N LEU A 64 0.62 -0.41 8.82
CA LEU A 64 1.25 0.51 7.89
C LEU A 64 2.26 1.39 8.61
N ILE A 65 3.51 1.35 8.15
CA ILE A 65 4.58 2.16 8.73
C ILE A 65 5.41 2.83 7.64
N PHE A 66 4.89 3.92 7.09
CA PHE A 66 5.58 4.66 6.04
C PHE A 66 5.00 6.07 5.94
N LYS A 67 5.61 6.90 5.09
CA LYS A 67 5.18 8.30 4.91
C LYS A 67 5.36 9.08 6.20
N GLY A 68 6.17 8.53 7.11
CA GLY A 68 6.38 9.18 8.39
C GLY A 68 5.13 9.14 9.23
N LYS A 69 4.30 8.14 8.97
CA LYS A 69 3.04 7.98 9.67
C LYS A 69 2.77 6.51 9.99
N SER A 70 1.59 6.24 10.48
CA SER A 70 1.17 4.90 10.81
C SER A 70 -0.27 4.70 10.35
N LEU A 71 -0.76 3.46 10.41
CA LEU A 71 -2.12 3.16 9.98
C LEU A 71 -3.14 3.94 10.79
N LYS A 72 -3.82 4.87 10.14
CA LYS A 72 -4.83 5.70 10.79
C LYS A 72 -5.66 6.43 9.76
N GLU A 73 -6.88 6.78 10.14
CA GLU A 73 -7.78 7.51 9.25
C GLU A 73 -7.35 8.97 9.16
N MET A 74 -6.64 9.42 10.18
CA MET A 74 -6.14 10.79 10.23
C MET A 74 -5.12 10.91 11.35
N GLU A 75 -3.93 11.41 11.01
CA GLU A 75 -2.87 11.55 11.99
C GLU A 75 -2.18 12.91 11.86
N THR A 76 -1.16 12.98 11.01
CA THR A 76 -0.42 14.21 10.81
C THR A 76 -0.90 14.95 9.56
N PRO A 77 -0.53 16.24 9.42
CA PRO A 77 -0.89 17.11 8.29
C PRO A 77 -0.97 16.40 6.94
N LEU A 78 -1.93 16.82 6.12
CA LEU A 78 -2.16 16.24 4.80
C LEU A 78 -1.00 16.53 3.86
N SER A 79 -0.37 17.68 4.03
CA SER A 79 0.77 18.06 3.19
C SER A 79 1.97 17.16 3.49
N ALA A 80 1.84 16.35 4.53
CA ALA A 80 2.89 15.42 4.93
C ALA A 80 2.47 13.99 4.60
N LEU A 81 1.45 13.86 3.75
CA LEU A 81 0.94 12.55 3.34
C LEU A 81 1.77 12.00 2.19
N GLY A 82 2.91 12.60 1.94
CA GLY A 82 3.76 12.17 0.85
C GLY A 82 3.51 12.99 -0.39
N MET A 83 4.07 14.20 -0.41
CA MET A 83 3.90 15.12 -1.53
C MET A 83 4.79 14.73 -2.70
N GLN A 84 4.59 13.52 -3.19
CA GLN A 84 5.34 12.99 -4.31
C GLN A 84 4.36 12.40 -5.30
N ASN A 85 4.84 11.67 -6.29
CA ASN A 85 3.97 11.06 -7.28
C ASN A 85 3.40 9.74 -6.76
N GLY A 86 2.82 9.79 -5.56
CA GLY A 86 2.25 8.61 -4.98
C GLY A 86 2.94 8.21 -3.70
N CYS A 87 4.26 8.38 -3.66
CA CYS A 87 5.08 8.02 -2.52
C CYS A 87 5.15 6.51 -2.38
N ARG A 88 5.49 6.02 -1.18
CA ARG A 88 5.60 4.58 -0.95
C ARG A 88 4.93 4.22 0.37
N VAL A 89 4.48 2.96 0.48
CA VAL A 89 3.83 2.49 1.70
C VAL A 89 4.19 1.03 1.99
N MET A 90 4.57 0.74 3.23
CA MET A 90 4.93 -0.61 3.62
C MET A 90 4.16 -1.01 4.88
N LEU A 91 3.55 -2.18 4.84
CA LEU A 91 2.79 -2.67 5.97
C LEU A 91 3.26 -4.05 6.41
N ILE A 92 3.14 -4.31 7.69
CA ILE A 92 3.53 -5.59 8.26
C ILE A 92 2.30 -6.34 8.75
N GLY A 93 2.23 -7.62 8.46
CA GLY A 93 1.09 -8.41 8.88
C GLY A 93 0.60 -9.33 7.78
N GLU A 94 -0.70 -9.27 7.50
CA GLU A 94 -1.29 -10.10 6.48
C GLU A 94 -2.07 -9.26 5.47
N LYS A 95 -2.21 -9.78 4.26
CA LYS A 95 -2.93 -9.10 3.21
C LYS A 95 -3.91 -10.05 2.55
N SER A 96 -4.95 -10.42 3.31
CA SER A 96 -5.97 -11.34 2.84
C SER A 96 -6.69 -10.81 1.60
N ASN A 97 -6.20 -11.21 0.44
CA ASN A 97 -6.79 -10.80 -0.82
C ASN A 97 -7.69 -11.90 -1.35
N ARG B 1 -4.27 -24.11 5.34
CA ARG B 1 -4.24 -22.93 6.23
C ARG B 1 -5.07 -21.81 5.63
N TYR B 2 -5.70 -21.00 6.48
CA TYR B 2 -6.54 -19.89 6.01
C TYR B 2 -5.72 -18.63 5.75
N HIS B 3 -4.46 -18.81 5.35
CA HIS B 3 -3.59 -17.68 5.10
C HIS B 3 -3.24 -17.59 3.62
N ARG B 4 -3.69 -16.52 2.97
CA ARG B 4 -3.43 -16.29 1.56
C ARG B 4 -1.93 -16.20 1.29
N ARG B 5 -1.42 -17.17 0.53
CA ARG B 5 0.00 -17.22 0.18
C ARG B 5 0.87 -17.24 1.44
N GLY B 6 0.40 -17.96 2.45
CA GLY B 6 1.13 -18.07 3.69
C GLY B 6 2.13 -19.20 3.68
N GLY B 7 3.38 -18.88 3.39
CA GLY B 7 4.42 -19.89 3.35
C GLY B 7 4.52 -20.58 2.01
N TYR B 8 3.38 -21.00 1.50
CA TYR B 8 3.30 -21.66 0.21
C TYR B 8 2.22 -20.98 -0.63
N ASP B 9 1.74 -21.65 -1.67
CA ASP B 9 0.70 -21.10 -2.55
C ASP B 9 -0.44 -20.52 -1.72
N VAL B 10 -0.90 -21.30 -0.75
CA VAL B 10 -1.99 -20.90 0.13
C VAL B 10 -2.33 -22.03 1.10
N GLU B 11 -2.08 -23.25 0.67
CA GLU B 11 -2.36 -24.42 1.48
C GLU B 11 -1.28 -24.63 2.55
N ASN B 12 -1.54 -25.61 3.41
CA ASN B 12 -0.63 -25.95 4.49
C ASN B 12 0.65 -26.56 3.95
N GLU B 13 0.54 -27.18 2.78
CA GLU B 13 1.66 -27.82 2.08
C GLU B 13 2.31 -28.93 2.92
N GLU B 14 3.30 -29.60 2.34
CA GLU B 14 4.00 -30.68 3.03
C GLU B 14 5.35 -30.97 2.38
N LYS B 15 5.87 -29.98 1.67
CA LYS B 15 7.16 -30.14 1.00
C LYS B 15 8.24 -29.37 1.74
N VAL B 16 7.98 -28.08 1.96
CA VAL B 16 8.91 -27.19 2.66
C VAL B 16 10.25 -27.12 1.92
N LYS B 17 10.28 -26.34 0.84
CA LYS B 17 11.49 -26.19 0.04
C LYS B 17 11.36 -25.03 -0.96
N LEU B 18 10.14 -24.53 -1.15
CA LEU B 18 9.91 -23.43 -2.08
C LEU B 18 9.34 -22.23 -1.36
N GLY B 19 10.02 -21.10 -1.46
CA GLY B 19 9.56 -19.89 -0.82
C GLY B 19 9.08 -18.85 -1.82
N MET B 20 8.77 -19.30 -3.03
CA MET B 20 8.30 -18.40 -4.08
C MET B 20 6.99 -17.72 -3.71
N THR B 21 6.14 -18.44 -2.98
CA THR B 21 4.86 -17.90 -2.56
C THR B 21 4.81 -17.78 -1.04
N ASN B 22 5.97 -17.63 -0.43
CA ASN B 22 6.07 -17.51 1.03
C ASN B 22 5.32 -16.28 1.52
N SER B 23 5.43 -15.19 0.75
CA SER B 23 4.77 -13.94 1.08
C SER B 23 4.70 -13.07 -0.16
N HIS B 24 4.16 -13.63 -1.23
CA HIS B 24 4.02 -12.92 -2.49
C HIS B 24 2.82 -13.44 -3.25
N MET A 1 15.74 4.11 -7.01
CA MET A 1 14.95 4.77 -5.96
C MET A 1 14.59 6.19 -6.40
N ALA A 2 14.53 7.12 -5.45
CA ALA A 2 14.21 8.52 -5.73
C ALA A 2 12.81 8.66 -6.31
N LYS A 3 11.86 7.91 -5.76
CA LYS A 3 10.48 7.96 -6.24
C LYS A 3 9.82 9.25 -5.77
N THR A 4 10.08 10.31 -6.50
CA THR A 4 9.53 11.63 -6.20
C THR A 4 9.49 12.48 -7.45
N GLU A 5 10.58 12.43 -8.21
CA GLU A 5 10.71 13.20 -9.44
C GLU A 5 10.12 12.45 -10.62
N GLU A 6 8.81 12.19 -10.58
CA GLU A 6 8.14 11.48 -11.67
C GLU A 6 6.76 12.08 -11.95
N MET A 7 5.76 11.64 -11.19
CA MET A 7 4.37 12.12 -11.33
C MET A 7 3.75 11.65 -12.64
N VAL A 8 4.22 10.52 -13.16
CA VAL A 8 3.68 9.97 -14.40
C VAL A 8 3.25 8.52 -14.19
N GLN A 9 2.29 8.34 -13.28
CA GLN A 9 1.78 7.00 -12.98
C GLN A 9 0.30 6.88 -13.33
N THR A 10 -0.44 6.15 -12.50
CA THR A 10 -1.87 5.93 -12.70
C THR A 10 -2.66 7.24 -12.72
N GLU A 11 -3.30 7.52 -13.85
CA GLU A 11 -4.08 8.73 -14.00
C GLU A 11 -5.52 8.51 -13.56
N GLU A 12 -6.10 9.50 -12.91
CA GLU A 12 -7.48 9.41 -12.44
C GLU A 12 -8.14 10.77 -12.56
N MET A 13 -9.47 10.79 -12.40
CA MET A 13 -10.26 12.02 -12.50
C MET A 13 -9.69 13.16 -11.66
N GLU A 14 -9.37 12.89 -10.41
CA GLU A 14 -8.84 13.91 -9.51
C GLU A 14 -7.41 13.57 -9.08
N THR A 15 -6.80 12.58 -9.71
CA THR A 15 -5.44 12.19 -9.37
C THR A 15 -4.50 12.41 -10.56
N PRO A 16 -3.50 13.28 -10.39
CA PRO A 16 -2.54 13.61 -11.46
C PRO A 16 -1.45 12.56 -11.64
N ARG A 17 -1.86 11.33 -11.97
CA ARG A 17 -0.94 10.22 -12.22
C ARG A 17 -0.09 9.88 -10.99
N LEU A 18 -0.75 9.38 -9.94
CA LEU A 18 -0.07 9.03 -8.70
C LEU A 18 -0.30 7.56 -8.35
N SER A 19 0.79 6.82 -8.19
CA SER A 19 0.72 5.40 -7.85
C SER A 19 1.66 5.11 -6.68
N VAL A 20 1.16 4.43 -5.67
CA VAL A 20 1.95 4.11 -4.50
C VAL A 20 2.42 2.66 -4.51
N ILE A 21 3.60 2.43 -3.96
CA ILE A 21 4.15 1.09 -3.88
C ILE A 21 3.71 0.44 -2.58
N VAL A 22 2.70 -0.41 -2.67
CA VAL A 22 2.19 -1.11 -1.50
C VAL A 22 2.94 -2.42 -1.32
N THR A 23 3.96 -2.40 -0.48
CA THR A 23 4.76 -3.58 -0.24
C THR A 23 4.40 -4.23 1.11
N HIS A 24 4.84 -5.47 1.27
CA HIS A 24 4.59 -6.26 2.46
C HIS A 24 5.56 -7.43 2.47
N SER A 25 6.72 -7.20 3.09
CA SER A 25 7.78 -8.21 3.19
C SER A 25 8.46 -8.41 1.82
N ASN A 26 7.68 -8.87 0.85
CA ASN A 26 8.20 -9.09 -0.50
C ASN A 26 7.12 -8.77 -1.54
N GLU A 27 5.95 -8.38 -1.05
CA GLU A 27 4.82 -8.04 -1.91
C GLU A 27 5.04 -6.74 -2.67
N ARG A 28 4.29 -6.56 -3.75
CA ARG A 28 4.39 -5.37 -4.57
C ARG A 28 3.05 -5.13 -5.27
N TYR A 29 2.16 -4.41 -4.61
CA TYR A 29 0.86 -4.10 -5.17
C TYR A 29 0.80 -2.65 -5.60
N ASP A 30 0.10 -2.38 -6.69
CA ASP A 30 -0.03 -1.03 -7.21
C ASP A 30 -1.36 -0.44 -6.82
N LEU A 31 -1.34 0.76 -6.25
CA LEU A 31 -2.57 1.42 -5.82
C LEU A 31 -2.50 2.90 -6.16
N LEU A 32 -3.66 3.46 -6.49
CA LEU A 32 -3.76 4.86 -6.85
C LEU A 32 -3.99 5.72 -5.60
N VAL A 33 -3.37 6.88 -5.57
CA VAL A 33 -3.51 7.80 -4.43
C VAL A 33 -4.95 8.28 -4.30
N THR A 34 -5.41 8.38 -3.06
CA THR A 34 -6.76 8.81 -2.76
C THR A 34 -7.01 10.23 -3.29
N PRO A 35 -7.96 10.37 -4.22
CA PRO A 35 -8.29 11.67 -4.82
C PRO A 35 -9.15 12.53 -3.89
N GLN A 36 -9.85 13.50 -4.49
CA GLN A 36 -10.73 14.42 -3.75
C GLN A 36 -9.91 15.28 -2.78
N GLN A 37 -8.82 15.85 -3.27
CA GLN A 37 -7.96 16.69 -2.46
C GLN A 37 -7.13 17.63 -3.34
N GLY A 38 -6.06 18.19 -2.77
CA GLY A 38 -5.22 19.10 -3.51
C GLY A 38 -4.19 18.42 -4.39
N ASN A 39 -4.71 17.68 -5.39
CA ASN A 39 -3.90 16.94 -6.37
C ASN A 39 -2.69 16.22 -5.75
N SER A 40 -1.54 16.87 -5.72
CA SER A 40 -0.32 16.27 -5.17
C SER A 40 -0.45 15.99 -3.67
N GLU A 41 -1.34 16.72 -3.01
CA GLU A 41 -1.55 16.56 -1.58
C GLU A 41 -2.76 15.65 -1.33
N PRO A 42 -2.52 14.40 -0.91
CA PRO A 42 -3.58 13.43 -0.63
C PRO A 42 -4.30 13.71 0.68
N VAL A 43 -5.40 13.02 0.90
CA VAL A 43 -6.19 13.20 2.13
C VAL A 43 -5.48 12.57 3.33
N VAL A 44 -5.89 12.94 4.53
CA VAL A 44 -5.27 12.41 5.75
C VAL A 44 -5.59 10.92 5.93
N GLN A 45 -6.56 10.44 5.17
CA GLN A 45 -6.98 9.04 5.24
C GLN A 45 -6.31 8.24 4.11
N ASP A 46 -5.57 8.93 3.27
CA ASP A 46 -4.89 8.30 2.13
C ASP A 46 -3.91 7.24 2.60
N LEU A 47 -3.14 7.57 3.63
CA LEU A 47 -2.14 6.66 4.19
C LEU A 47 -2.75 5.31 4.57
N ALA A 48 -4.04 5.32 4.90
CA ALA A 48 -4.73 4.10 5.28
C ALA A 48 -5.42 3.49 4.08
N GLN A 49 -6.06 4.33 3.27
CA GLN A 49 -6.78 3.87 2.09
C GLN A 49 -5.87 3.19 1.09
N LEU A 50 -4.66 3.72 0.94
CA LEU A 50 -3.67 3.17 0.01
C LEU A 50 -3.44 1.69 0.25
N VAL A 51 -3.17 1.33 1.49
CA VAL A 51 -2.89 -0.06 1.85
C VAL A 51 -4.17 -0.87 1.91
N GLU A 52 -5.24 -0.26 2.42
CA GLU A 52 -6.52 -0.94 2.56
C GLU A 52 -7.08 -1.35 1.20
N GLU A 53 -7.25 -0.37 0.31
CA GLU A 53 -7.79 -0.61 -1.02
C GLU A 53 -6.86 -1.46 -1.89
N ALA A 54 -5.57 -1.46 -1.54
CA ALA A 54 -4.56 -2.20 -2.30
C ALA A 54 -4.87 -3.68 -2.39
N THR A 55 -5.36 -4.27 -1.31
CA THR A 55 -5.67 -5.70 -1.32
C THR A 55 -6.96 -6.02 -0.55
N GLY A 56 -7.64 -4.99 -0.08
CA GLY A 56 -8.87 -5.19 0.66
C GLY A 56 -8.60 -5.63 2.08
N VAL A 57 -7.58 -5.05 2.69
CA VAL A 57 -7.21 -5.39 4.05
C VAL A 57 -7.78 -4.37 5.02
N PRO A 58 -8.53 -4.83 6.04
CA PRO A 58 -9.11 -3.93 7.04
C PRO A 58 -8.04 -3.22 7.88
N LEU A 59 -8.37 -2.02 8.35
CA LEU A 59 -7.42 -1.23 9.15
C LEU A 59 -6.92 -1.98 10.39
N PRO A 60 -7.82 -2.56 11.23
CA PRO A 60 -7.40 -3.29 12.44
C PRO A 60 -6.85 -4.68 12.10
N PHE A 61 -5.93 -4.72 11.16
CA PHE A 61 -5.30 -5.96 10.72
C PHE A 61 -3.92 -5.66 10.17
N GLN A 62 -3.84 -4.58 9.41
CA GLN A 62 -2.57 -4.15 8.82
C GLN A 62 -1.95 -3.06 9.67
N LYS A 63 -0.74 -2.65 9.32
CA LYS A 63 -0.05 -1.60 10.06
C LYS A 63 0.85 -0.79 9.13
N LEU A 64 0.32 0.33 8.65
CA LEU A 64 1.07 1.22 7.75
C LEU A 64 2.21 1.91 8.50
N ILE A 65 3.43 1.66 8.04
CA ILE A 65 4.62 2.27 8.61
C ILE A 65 5.46 2.89 7.51
N PHE A 66 4.94 3.94 6.91
CA PHE A 66 5.64 4.64 5.83
C PHE A 66 5.05 6.04 5.69
N LYS A 67 5.59 6.82 4.75
CA LYS A 67 5.15 8.20 4.50
C LYS A 67 5.41 9.07 5.73
N GLY A 68 6.19 8.56 6.67
CA GLY A 68 6.50 9.28 7.88
C GLY A 68 5.28 9.39 8.78
N LYS A 69 4.49 8.33 8.83
CA LYS A 69 3.28 8.31 9.64
C LYS A 69 2.78 6.88 9.82
N SER A 70 1.62 6.74 10.45
CA SER A 70 1.03 5.44 10.69
C SER A 70 -0.35 5.37 10.04
N LEU A 71 -1.00 4.22 10.14
CA LEU A 71 -2.33 4.05 9.55
C LEU A 71 -3.40 4.58 10.51
N LYS A 72 -4.30 5.37 9.97
CA LYS A 72 -5.38 5.97 10.76
C LYS A 72 -6.34 6.70 9.82
N GLU A 73 -7.56 6.92 10.29
CA GLU A 73 -8.56 7.65 9.51
C GLU A 73 -8.15 9.11 9.40
N MET A 74 -7.29 9.52 10.32
CA MET A 74 -6.77 10.86 10.37
C MET A 74 -5.45 10.85 11.14
N GLU A 75 -4.37 11.29 10.50
CA GLU A 75 -3.08 11.28 11.15
C GLU A 75 -2.44 12.67 11.14
N THR A 76 -1.71 12.98 10.08
CA THR A 76 -1.01 14.26 9.97
C THR A 76 -1.43 15.03 8.70
N PRO A 77 -1.08 16.34 8.62
CA PRO A 77 -1.40 17.21 7.48
C PRO A 77 -1.19 16.60 6.10
N LEU A 78 -1.99 17.07 5.13
CA LEU A 78 -1.94 16.59 3.75
C LEU A 78 -0.56 16.76 3.12
N SER A 79 0.11 17.86 3.43
CA SER A 79 1.44 18.14 2.88
C SER A 79 2.47 17.12 3.35
N ALA A 80 2.13 16.35 4.38
CA ALA A 80 3.03 15.33 4.91
C ALA A 80 2.61 13.95 4.45
N LEU A 81 1.55 13.89 3.64
CA LEU A 81 1.03 12.63 3.13
C LEU A 81 1.81 12.16 1.91
N GLY A 82 3.01 12.69 1.74
CA GLY A 82 3.83 12.32 0.60
C GLY A 82 3.33 12.94 -0.68
N MET A 83 3.55 14.24 -0.82
CA MET A 83 3.12 14.99 -2.00
C MET A 83 4.01 14.69 -3.21
N GLN A 84 4.00 13.44 -3.63
CA GLN A 84 4.79 13.00 -4.76
C GLN A 84 3.99 11.99 -5.58
N ASN A 85 4.66 11.25 -6.45
CA ASN A 85 3.98 10.28 -7.30
C ASN A 85 3.61 9.02 -6.53
N GLY A 86 2.59 9.13 -5.68
CA GLY A 86 2.12 7.98 -4.93
C GLY A 86 2.88 7.73 -3.65
N CYS A 87 4.22 7.72 -3.76
CA CYS A 87 5.11 7.46 -2.63
C CYS A 87 5.22 5.96 -2.38
N ARG A 88 5.62 5.58 -1.18
CA ARG A 88 5.78 4.17 -0.83
C ARG A 88 5.07 3.89 0.49
N VAL A 89 4.42 2.72 0.59
CA VAL A 89 3.71 2.32 1.80
C VAL A 89 3.94 0.85 2.08
N MET A 90 4.11 0.52 3.35
CA MET A 90 4.33 -0.86 3.76
C MET A 90 3.56 -1.14 5.04
N LEU A 91 3.08 -2.37 5.17
CA LEU A 91 2.34 -2.75 6.35
C LEU A 91 2.87 -4.05 6.92
N ILE A 92 2.97 -4.09 8.24
CA ILE A 92 3.45 -5.28 8.92
C ILE A 92 2.27 -6.01 9.56
N GLY A 93 2.02 -7.21 9.07
CA GLY A 93 0.93 -8.00 9.57
C GLY A 93 0.41 -8.96 8.52
N GLU A 94 -0.90 -9.11 8.45
CA GLU A 94 -1.51 -10.01 7.48
C GLU A 94 -2.30 -9.24 6.44
N LYS A 95 -2.80 -9.96 5.45
CA LYS A 95 -3.59 -9.37 4.37
C LYS A 95 -4.82 -10.23 4.13
N SER A 96 -5.94 -9.84 4.72
CA SER A 96 -7.18 -10.59 4.57
C SER A 96 -7.77 -10.42 3.18
N ASN A 97 -7.32 -11.23 2.25
CA ASN A 97 -7.82 -11.18 0.88
C ASN A 97 -8.12 -12.59 0.41
N ARG B 1 -5.72 -24.47 4.80
CA ARG B 1 -5.59 -23.21 5.57
C ARG B 1 -6.15 -22.04 4.76
N TYR B 2 -6.34 -20.90 5.42
CA TYR B 2 -6.88 -19.72 4.76
C TYR B 2 -5.95 -18.53 4.95
N HIS B 3 -4.80 -18.57 4.30
CA HIS B 3 -3.83 -17.48 4.39
C HIS B 3 -3.25 -17.20 3.01
N ARG B 4 -3.74 -16.13 2.40
CA ARG B 4 -3.27 -15.73 1.08
C ARG B 4 -1.78 -15.45 1.13
N ARG B 5 -1.01 -16.20 0.33
CA ARG B 5 0.44 -16.08 0.28
C ARG B 5 1.05 -16.59 1.59
N GLY B 6 0.67 -17.79 1.97
CA GLY B 6 1.18 -18.38 3.19
C GLY B 6 2.17 -19.49 2.93
N GLY B 7 3.43 -19.12 2.82
CA GLY B 7 4.48 -20.10 2.58
C GLY B 7 4.68 -20.38 1.11
N TYR B 8 3.66 -20.93 0.46
CA TYR B 8 3.73 -21.26 -0.95
C TYR B 8 2.77 -20.41 -1.78
N ASP B 9 1.48 -20.67 -1.61
CA ASP B 9 0.47 -19.92 -2.34
C ASP B 9 -0.72 -19.58 -1.45
N VAL B 10 -1.29 -20.59 -0.82
CA VAL B 10 -2.43 -20.39 0.07
C VAL B 10 -2.66 -21.60 0.97
N GLU B 11 -2.17 -22.77 0.54
CA GLU B 11 -2.34 -23.99 1.31
C GLU B 11 -1.06 -24.33 2.08
N ASN B 12 -1.19 -25.25 3.03
CA ASN B 12 -0.06 -25.66 3.85
C ASN B 12 0.92 -26.54 3.05
N GLU B 13 0.36 -27.27 2.08
CA GLU B 13 1.12 -28.17 1.21
C GLU B 13 2.09 -29.09 1.99
N GLU B 14 3.09 -29.66 1.32
CA GLU B 14 4.02 -30.56 2.01
C GLU B 14 5.37 -30.71 1.30
N LYS B 15 5.90 -29.62 0.77
CA LYS B 15 7.19 -29.67 0.10
C LYS B 15 8.21 -28.80 0.83
N VAL B 16 7.81 -27.55 1.10
CA VAL B 16 8.65 -26.58 1.80
C VAL B 16 10.04 -26.48 1.18
N LYS B 17 10.10 -26.10 -0.09
CA LYS B 17 11.38 -25.96 -0.77
C LYS B 17 11.35 -24.80 -1.77
N LEU B 18 10.26 -24.05 -1.75
CA LEU B 18 10.11 -22.90 -2.65
C LEU B 18 9.64 -21.69 -1.86
N GLY B 19 9.91 -20.51 -2.38
CA GLY B 19 9.50 -19.29 -1.72
C GLY B 19 9.18 -18.17 -2.69
N MET B 20 8.94 -18.55 -3.94
CA MET B 20 8.62 -17.58 -5.00
C MET B 20 7.42 -16.72 -4.63
N THR B 21 6.42 -17.32 -4.00
CA THR B 21 5.23 -16.61 -3.59
C THR B 21 5.01 -16.74 -2.09
N ASN B 22 6.11 -16.85 -1.36
CA ASN B 22 6.07 -16.99 0.11
C ASN B 22 5.34 -15.80 0.73
N SER B 23 5.61 -14.62 0.19
CA SER B 23 4.98 -13.39 0.64
C SER B 23 5.10 -12.34 -0.46
N HIS B 24 4.95 -12.78 -1.70
CA HIS B 24 5.05 -11.92 -2.86
C HIS B 24 3.80 -12.04 -3.72
N MET A 1 15.81 3.27 -5.85
CA MET A 1 14.39 3.47 -6.19
C MET A 1 14.10 4.96 -6.34
N ALA A 2 13.62 5.33 -7.52
CA ALA A 2 13.29 6.72 -7.81
C ALA A 2 11.78 6.88 -7.99
N LYS A 3 11.14 7.51 -7.02
CA LYS A 3 9.71 7.71 -7.07
C LYS A 3 9.36 9.11 -6.59
N THR A 4 10.25 10.05 -6.85
CA THR A 4 10.05 11.43 -6.45
C THR A 4 9.87 12.35 -7.66
N GLU A 5 10.75 12.20 -8.65
CA GLU A 5 10.70 13.03 -9.84
C GLU A 5 9.95 12.33 -10.97
N GLU A 6 8.90 11.61 -10.63
CA GLU A 6 8.12 10.89 -11.63
C GLU A 6 6.83 11.64 -11.97
N MET A 7 5.79 11.44 -11.15
CA MET A 7 4.49 12.09 -11.35
C MET A 7 3.89 11.78 -12.72
N VAL A 8 4.10 10.57 -13.20
CA VAL A 8 3.55 10.15 -14.50
C VAL A 8 3.01 8.73 -14.41
N GLN A 9 2.21 8.48 -13.39
CA GLN A 9 1.61 7.17 -13.17
C GLN A 9 0.15 7.16 -13.61
N THR A 10 -0.71 6.49 -12.84
CA THR A 10 -2.13 6.43 -13.15
C THR A 10 -2.82 7.75 -12.85
N GLU A 11 -3.55 8.29 -13.81
CA GLU A 11 -4.24 9.56 -13.62
C GLU A 11 -5.73 9.35 -13.45
N GLU A 12 -6.31 10.13 -12.55
CA GLU A 12 -7.73 10.07 -12.26
C GLU A 12 -8.39 11.37 -12.69
N MET A 13 -9.23 11.94 -11.85
CA MET A 13 -9.88 13.21 -12.14
C MET A 13 -9.15 14.31 -11.39
N GLU A 14 -8.81 14.01 -10.14
CA GLU A 14 -8.09 14.96 -9.31
C GLU A 14 -6.65 14.50 -9.16
N THR A 15 -6.46 13.19 -9.02
CA THR A 15 -5.14 12.60 -8.89
C THR A 15 -4.36 12.73 -10.20
N PRO A 16 -3.31 13.57 -10.22
CA PRO A 16 -2.50 13.80 -11.41
C PRO A 16 -1.37 12.79 -11.58
N ARG A 17 -1.72 11.60 -12.08
CA ARG A 17 -0.74 10.54 -12.34
C ARG A 17 0.02 10.20 -11.06
N LEU A 18 -0.72 9.90 -10.00
CA LEU A 18 -0.12 9.56 -8.72
C LEU A 18 -0.54 8.16 -8.27
N SER A 19 0.41 7.25 -8.21
CA SER A 19 0.15 5.88 -7.80
C SER A 19 1.16 5.46 -6.72
N VAL A 20 0.68 4.75 -5.72
CA VAL A 20 1.52 4.31 -4.62
C VAL A 20 1.89 2.82 -4.76
N ILE A 21 3.01 2.45 -4.17
CA ILE A 21 3.47 1.07 -4.20
C ILE A 21 3.09 0.38 -2.89
N VAL A 22 2.04 -0.43 -2.93
CA VAL A 22 1.58 -1.17 -1.77
C VAL A 22 2.34 -2.49 -1.68
N THR A 23 3.08 -2.68 -0.60
CA THR A 23 3.86 -3.90 -0.45
C THR A 23 3.49 -4.69 0.79
N HIS A 24 3.07 -5.93 0.57
CA HIS A 24 2.73 -6.82 1.67
C HIS A 24 3.88 -7.82 1.81
N SER A 25 4.93 -7.39 2.50
CA SER A 25 6.13 -8.20 2.72
C SER A 25 6.94 -8.34 1.42
N ASN A 26 6.30 -8.86 0.38
CA ASN A 26 6.95 -9.03 -0.92
C ASN A 26 5.98 -8.75 -2.06
N GLU A 27 4.68 -8.91 -1.80
CA GLU A 27 3.65 -8.64 -2.81
C GLU A 27 3.61 -7.15 -3.15
N ARG A 28 3.42 -6.84 -4.42
CA ARG A 28 3.38 -5.45 -4.85
C ARG A 28 2.04 -5.14 -5.51
N TYR A 29 1.44 -4.02 -5.11
CA TYR A 29 0.17 -3.58 -5.67
C TYR A 29 0.25 -2.10 -6.06
N ASP A 30 -0.53 -1.71 -7.05
CA ASP A 30 -0.54 -0.32 -7.51
C ASP A 30 -1.88 0.32 -7.19
N LEU A 31 -1.86 1.29 -6.29
CA LEU A 31 -3.10 1.97 -5.89
C LEU A 31 -3.01 3.46 -6.22
N LEU A 32 -4.14 4.02 -6.62
CA LEU A 32 -4.21 5.43 -6.95
C LEU A 32 -4.34 6.27 -5.69
N VAL A 33 -3.58 7.36 -5.64
CA VAL A 33 -3.59 8.26 -4.49
C VAL A 33 -4.99 8.83 -4.27
N THR A 34 -5.38 8.92 -3.01
CA THR A 34 -6.68 9.43 -2.62
C THR A 34 -6.87 10.88 -3.07
N PRO A 35 -7.80 11.12 -4.00
CA PRO A 35 -8.07 12.45 -4.54
C PRO A 35 -8.98 13.27 -3.63
N GLN A 36 -9.64 14.28 -4.23
CA GLN A 36 -10.56 15.16 -3.52
C GLN A 36 -9.83 15.97 -2.46
N GLN A 37 -8.79 16.68 -2.88
CA GLN A 37 -8.02 17.52 -1.98
C GLN A 37 -7.25 18.58 -2.76
N GLY A 38 -6.00 18.27 -3.13
CA GLY A 38 -5.21 19.23 -3.87
C GLY A 38 -4.12 18.58 -4.69
N ASN A 39 -4.50 17.98 -5.82
CA ASN A 39 -3.59 17.29 -6.75
C ASN A 39 -2.52 16.46 -6.04
N SER A 40 -1.33 17.01 -5.89
CA SER A 40 -0.22 16.31 -5.26
C SER A 40 -0.45 16.04 -3.78
N GLU A 41 -1.34 16.80 -3.17
CA GLU A 41 -1.65 16.63 -1.75
C GLU A 41 -2.96 15.86 -1.57
N PRO A 42 -2.88 14.65 -1.01
CA PRO A 42 -4.05 13.81 -0.75
C PRO A 42 -4.69 14.12 0.61
N VAL A 43 -5.65 13.30 1.00
CA VAL A 43 -6.33 13.48 2.28
C VAL A 43 -5.54 12.84 3.42
N VAL A 44 -6.04 12.97 4.63
CA VAL A 44 -5.36 12.41 5.80
C VAL A 44 -5.55 10.90 5.86
N GLN A 45 -6.66 10.41 5.32
CA GLN A 45 -6.97 8.98 5.33
C GLN A 45 -6.26 8.27 4.18
N ASP A 46 -5.49 9.03 3.41
CA ASP A 46 -4.76 8.49 2.26
C ASP A 46 -3.86 7.33 2.65
N LEU A 47 -3.08 7.52 3.72
CA LEU A 47 -2.15 6.51 4.20
C LEU A 47 -2.85 5.17 4.48
N ALA A 48 -4.13 5.24 4.82
CA ALA A 48 -4.89 4.04 5.10
C ALA A 48 -5.67 3.57 3.88
N GLN A 49 -6.19 4.52 3.13
CA GLN A 49 -6.99 4.22 1.93
C GLN A 49 -6.16 3.49 0.88
N LEU A 50 -4.91 3.90 0.71
CA LEU A 50 -4.02 3.29 -0.28
C LEU A 50 -3.88 1.79 -0.07
N VAL A 51 -3.57 1.39 1.15
CA VAL A 51 -3.39 -0.02 1.46
C VAL A 51 -4.74 -0.74 1.57
N GLU A 52 -5.77 0.00 2.01
CA GLU A 52 -7.10 -0.55 2.15
C GLU A 52 -7.69 -0.91 0.79
N GLU A 53 -7.69 0.05 -0.12
CA GLU A 53 -8.23 -0.14 -1.46
C GLU A 53 -7.35 -1.05 -2.31
N ALA A 54 -6.18 -1.39 -1.79
CA ALA A 54 -5.24 -2.25 -2.50
C ALA A 54 -5.84 -3.63 -2.74
N THR A 55 -6.41 -4.22 -1.70
CA THR A 55 -7.02 -5.55 -1.83
C THR A 55 -8.29 -5.70 -0.99
N GLY A 56 -8.76 -4.59 -0.43
CA GLY A 56 -9.96 -4.63 0.39
C GLY A 56 -9.67 -5.13 1.79
N VAL A 57 -8.64 -4.58 2.41
CA VAL A 57 -8.25 -4.98 3.75
C VAL A 57 -8.71 -3.93 4.76
N PRO A 58 -9.34 -4.36 5.87
CA PRO A 58 -9.78 -3.44 6.91
C PRO A 58 -8.60 -2.76 7.62
N LEU A 59 -8.81 -1.51 8.03
CA LEU A 59 -7.77 -0.72 8.71
C LEU A 59 -7.07 -1.47 9.84
N PRO A 60 -7.80 -2.03 10.84
CA PRO A 60 -7.18 -2.74 11.96
C PRO A 60 -6.49 -4.06 11.57
N PHE A 61 -6.52 -4.40 10.29
CA PHE A 61 -5.89 -5.63 9.82
C PHE A 61 -4.60 -5.35 9.09
N GLN A 62 -4.42 -4.12 8.63
CA GLN A 62 -3.23 -3.75 7.90
C GLN A 62 -2.40 -2.74 8.68
N LYS A 63 -1.24 -3.17 9.15
CA LYS A 63 -0.37 -2.31 9.91
C LYS A 63 0.48 -1.44 8.99
N LEU A 64 -0.11 -0.34 8.52
CA LEU A 64 0.55 0.58 7.63
C LEU A 64 1.71 1.29 8.33
N ILE A 65 2.92 1.02 7.87
CA ILE A 65 4.11 1.63 8.44
C ILE A 65 5.02 2.12 7.32
N PHE A 66 4.72 3.31 6.83
CA PHE A 66 5.49 3.93 5.75
C PHE A 66 5.14 5.41 5.66
N LYS A 67 5.87 6.14 4.80
CA LYS A 67 5.65 7.57 4.60
C LYS A 67 6.00 8.36 5.86
N GLY A 68 6.58 7.67 6.84
CA GLY A 68 6.92 8.31 8.09
C GLY A 68 5.69 8.54 8.93
N LYS A 69 4.68 7.70 8.71
CA LYS A 69 3.41 7.79 9.44
C LYS A 69 2.94 6.40 9.84
N SER A 70 1.74 6.33 10.43
CA SER A 70 1.18 5.07 10.85
C SER A 70 -0.27 4.95 10.38
N LEU A 71 -0.81 3.74 10.46
CA LEU A 71 -2.18 3.46 10.04
C LEU A 71 -3.20 4.17 10.94
N LYS A 72 -4.00 5.05 10.34
CA LYS A 72 -5.02 5.79 11.07
C LYS A 72 -5.91 6.54 10.10
N GLU A 73 -7.00 7.07 10.59
CA GLU A 73 -7.92 7.84 9.76
C GLU A 73 -7.36 9.24 9.53
N MET A 74 -6.75 9.79 10.57
CA MET A 74 -6.12 11.10 10.50
C MET A 74 -5.11 11.26 11.62
N GLU A 75 -3.83 11.32 11.27
CA GLU A 75 -2.78 11.44 12.26
C GLU A 75 -1.85 12.62 11.98
N THR A 76 -0.84 12.38 11.17
CA THR A 76 0.15 13.40 10.84
C THR A 76 -0.33 14.30 9.68
N PRO A 77 0.26 15.51 9.57
CA PRO A 77 -0.07 16.51 8.53
C PRO A 77 -0.23 15.94 7.12
N LEU A 78 -1.09 16.59 6.35
CA LEU A 78 -1.39 16.19 4.97
C LEU A 78 -0.22 16.50 4.05
N SER A 79 0.53 17.54 4.38
CA SER A 79 1.68 17.94 3.57
C SER A 79 2.71 16.83 3.54
N ALA A 80 2.74 16.04 4.62
CA ALA A 80 3.66 14.93 4.73
C ALA A 80 2.96 13.60 4.48
N LEU A 81 1.81 13.66 3.81
CA LEU A 81 1.05 12.46 3.50
C LEU A 81 1.68 11.73 2.33
N GLY A 82 2.38 12.50 1.50
CA GLY A 82 3.04 11.94 0.34
C GLY A 82 3.55 13.02 -0.58
N MET A 83 4.69 13.60 -0.24
CA MET A 83 5.26 14.67 -1.04
C MET A 83 6.03 14.10 -2.24
N GLN A 84 5.31 13.38 -3.07
CA GLN A 84 5.86 12.77 -4.28
C GLN A 84 4.75 12.04 -5.01
N ASN A 85 5.09 11.31 -6.06
CA ASN A 85 4.08 10.60 -6.84
C ASN A 85 3.64 9.31 -6.16
N GLY A 86 2.69 9.43 -5.24
CA GLY A 86 2.15 8.28 -4.55
C GLY A 86 2.96 7.82 -3.36
N CYS A 87 4.27 7.71 -3.55
CA CYS A 87 5.19 7.25 -2.50
C CYS A 87 5.06 5.73 -2.35
N ARG A 88 5.52 5.18 -1.24
CA ARG A 88 5.45 3.74 -1.00
C ARG A 88 4.71 3.47 0.30
N VAL A 89 4.05 2.32 0.38
CA VAL A 89 3.32 1.94 1.59
C VAL A 89 3.46 0.44 1.84
N MET A 90 3.76 0.09 3.08
CA MET A 90 3.91 -1.31 3.46
C MET A 90 3.09 -1.58 4.71
N LEU A 91 2.51 -2.77 4.78
CA LEU A 91 1.71 -3.12 5.94
C LEU A 91 2.18 -4.44 6.53
N ILE A 92 2.42 -4.44 7.83
CA ILE A 92 2.87 -5.64 8.53
C ILE A 92 1.69 -6.31 9.20
N GLY A 93 0.95 -7.06 8.41
CA GLY A 93 -0.22 -7.77 8.91
C GLY A 93 -0.76 -8.72 7.89
N GLU A 94 -2.08 -8.90 7.89
CA GLU A 94 -2.72 -9.80 6.96
C GLU A 94 -3.25 -9.04 5.74
N LYS A 95 -3.19 -9.69 4.60
CA LYS A 95 -3.67 -9.11 3.35
C LYS A 95 -4.93 -9.84 2.90
N SER A 96 -6.06 -9.40 3.43
CA SER A 96 -7.34 -10.01 3.12
C SER A 96 -7.83 -9.58 1.75
N ASN A 97 -8.28 -10.55 0.95
CA ASN A 97 -8.79 -10.28 -0.38
C ASN A 97 -9.79 -11.34 -0.78
N ARG B 1 -3.81 -24.45 5.26
CA ARG B 1 -3.90 -23.09 5.82
C ARG B 1 -4.67 -22.16 4.89
N TYR B 2 -5.46 -21.28 5.47
CA TYR B 2 -6.27 -20.35 4.69
C TYR B 2 -5.62 -18.97 4.66
N HIS B 3 -4.38 -18.91 4.19
CA HIS B 3 -3.66 -17.66 4.08
C HIS B 3 -2.84 -17.65 2.80
N ARG B 4 -3.24 -16.80 1.86
CA ARG B 4 -2.55 -16.68 0.59
C ARG B 4 -1.10 -16.26 0.82
N ARG B 5 -0.18 -16.91 0.10
CA ARG B 5 1.26 -16.63 0.22
C ARG B 5 1.76 -16.92 1.63
N GLY B 6 1.17 -17.93 2.26
CA GLY B 6 1.60 -18.30 3.59
C GLY B 6 2.72 -19.31 3.54
N GLY B 7 3.94 -18.82 3.33
CA GLY B 7 5.08 -19.71 3.23
C GLY B 7 5.28 -20.19 1.82
N TYR B 8 4.21 -20.73 1.26
CA TYR B 8 4.20 -21.21 -0.11
C TYR B 8 3.06 -20.51 -0.85
N ASP B 9 2.64 -21.04 -1.98
CA ASP B 9 1.56 -20.43 -2.76
C ASP B 9 0.36 -20.10 -1.89
N VAL B 10 -0.03 -21.04 -1.03
CA VAL B 10 -1.17 -20.84 -0.14
C VAL B 10 -1.31 -22.00 0.84
N GLU B 11 -0.90 -23.19 0.43
CA GLU B 11 -1.03 -24.38 1.29
C GLU B 11 0.15 -24.53 2.26
N ASN B 12 -0.08 -25.31 3.30
CA ASN B 12 0.90 -25.59 4.35
C ASN B 12 1.97 -26.55 3.84
N GLU B 13 1.58 -27.35 2.84
CA GLU B 13 2.46 -28.35 2.20
C GLU B 13 3.30 -29.14 3.22
N GLU B 14 4.45 -29.66 2.79
CA GLU B 14 5.31 -30.44 3.67
C GLU B 14 6.78 -30.44 3.20
N LYS B 15 7.14 -29.46 2.40
CA LYS B 15 8.49 -29.36 1.89
C LYS B 15 9.20 -28.19 2.57
N VAL B 16 8.52 -27.05 2.58
CA VAL B 16 9.01 -25.82 3.20
C VAL B 16 10.47 -25.54 2.84
N LYS B 17 10.76 -25.42 1.56
CA LYS B 17 12.13 -25.14 1.12
C LYS B 17 12.16 -24.16 -0.04
N LEU B 18 11.00 -23.77 -0.55
CA LEU B 18 10.92 -22.84 -1.67
C LEU B 18 10.52 -21.45 -1.17
N GLY B 19 11.09 -20.41 -1.77
CA GLY B 19 10.77 -19.06 -1.36
C GLY B 19 10.17 -18.24 -2.49
N MET B 20 9.81 -18.92 -3.57
CA MET B 20 9.22 -18.27 -4.73
C MET B 20 7.90 -17.59 -4.37
N THR B 21 7.15 -18.22 -3.48
CA THR B 21 5.86 -17.70 -3.07
C THR B 21 5.76 -17.59 -1.55
N ASN B 22 6.89 -17.28 -0.90
CA ASN B 22 6.92 -17.16 0.55
C ASN B 22 6.02 -16.03 1.02
N SER B 23 5.95 -14.96 0.23
CA SER B 23 5.11 -13.81 0.53
C SER B 23 4.91 -12.97 -0.71
N HIS B 24 4.85 -13.64 -1.87
CA HIS B 24 4.67 -12.95 -3.13
C HIS B 24 3.72 -13.73 -4.03
N MET A 1 15.60 4.67 -7.80
CA MET A 1 14.75 4.30 -6.64
C MET A 1 14.03 5.53 -6.08
N ALA A 2 14.43 6.71 -6.54
CA ALA A 2 13.83 7.94 -6.06
C ALA A 2 12.51 8.20 -6.77
N LYS A 3 11.46 7.55 -6.30
CA LYS A 3 10.14 7.72 -6.90
C LYS A 3 9.46 8.94 -6.28
N THR A 4 10.01 10.11 -6.59
CA THR A 4 9.47 11.36 -6.09
C THR A 4 9.16 12.29 -7.24
N GLU A 5 10.20 12.75 -7.92
CA GLU A 5 10.07 13.67 -9.05
C GLU A 5 9.67 12.92 -10.31
N GLU A 6 8.37 12.70 -10.49
CA GLU A 6 7.86 12.01 -11.66
C GLU A 6 6.56 12.64 -12.14
N MET A 7 5.52 12.52 -11.32
CA MET A 7 4.19 13.07 -11.63
C MET A 7 3.65 12.50 -12.96
N VAL A 8 4.06 11.28 -13.28
CA VAL A 8 3.62 10.62 -14.51
C VAL A 8 3.09 9.23 -14.20
N GLN A 9 2.06 9.17 -13.39
CA GLN A 9 1.45 7.91 -13.01
C GLN A 9 -0.01 7.88 -13.48
N THR A 10 -0.84 7.11 -12.78
CA THR A 10 -2.25 7.01 -13.12
C THR A 10 -2.94 8.36 -12.91
N GLU A 11 -3.70 8.79 -13.90
CA GLU A 11 -4.37 10.08 -13.83
C GLU A 11 -5.76 9.95 -13.23
N GLU A 12 -6.23 11.03 -12.63
CA GLU A 12 -7.54 11.07 -12.01
C GLU A 12 -8.14 12.46 -12.17
N MET A 13 -9.41 12.60 -11.81
CA MET A 13 -10.11 13.88 -11.91
C MET A 13 -9.40 15.00 -11.15
N GLU A 14 -8.80 14.67 -10.02
CA GLU A 14 -8.08 15.67 -9.22
C GLU A 14 -6.61 15.32 -9.14
N THR A 15 -6.30 14.07 -8.84
CA THR A 15 -4.93 13.61 -8.71
C THR A 15 -4.17 13.78 -10.03
N PRO A 16 -3.11 14.61 -10.03
CA PRO A 16 -2.30 14.88 -11.23
C PRO A 16 -1.31 13.76 -11.55
N ARG A 17 -1.86 12.61 -11.94
CA ARG A 17 -1.05 11.45 -12.31
C ARG A 17 -0.18 10.99 -11.13
N LEU A 18 -0.84 10.62 -10.03
CA LEU A 18 -0.16 10.17 -8.83
C LEU A 18 -0.55 8.73 -8.50
N SER A 19 0.43 7.90 -8.18
CA SER A 19 0.19 6.50 -7.84
C SER A 19 1.23 6.01 -6.87
N VAL A 20 0.81 5.10 -6.01
CA VAL A 20 1.68 4.55 -4.98
C VAL A 20 2.01 3.08 -5.25
N ILE A 21 3.17 2.64 -4.79
CA ILE A 21 3.57 1.26 -4.95
C ILE A 21 3.28 0.50 -3.66
N VAL A 22 2.21 -0.26 -3.66
CA VAL A 22 1.83 -1.03 -2.49
C VAL A 22 2.59 -2.34 -2.49
N THR A 23 3.54 -2.47 -1.58
CA THR A 23 4.35 -3.67 -1.51
C THR A 23 4.05 -4.50 -0.27
N HIS A 24 3.88 -5.80 -0.49
CA HIS A 24 3.60 -6.74 0.57
C HIS A 24 4.52 -7.93 0.41
N SER A 25 5.74 -7.79 0.91
CA SER A 25 6.77 -8.83 0.82
C SER A 25 7.24 -8.98 -0.62
N ASN A 26 6.48 -9.73 -1.41
CA ASN A 26 6.80 -9.95 -2.81
C ASN A 26 5.67 -9.43 -3.69
N GLU A 27 4.53 -9.20 -3.07
CA GLU A 27 3.36 -8.68 -3.75
C GLU A 27 3.51 -7.19 -4.03
N ARG A 28 3.17 -6.78 -5.25
CA ARG A 28 3.28 -5.39 -5.65
C ARG A 28 2.03 -4.93 -6.36
N TYR A 29 1.30 -4.00 -5.75
CA TYR A 29 0.09 -3.47 -6.33
C TYR A 29 0.25 -1.99 -6.61
N ASP A 30 -0.53 -1.47 -7.54
CA ASP A 30 -0.46 -0.05 -7.90
C ASP A 30 -1.79 0.63 -7.59
N LEU A 31 -1.77 1.59 -6.70
CA LEU A 31 -2.98 2.30 -6.32
C LEU A 31 -2.84 3.80 -6.56
N LEU A 32 -3.97 4.45 -6.81
CA LEU A 32 -3.99 5.87 -7.06
C LEU A 32 -4.06 6.64 -5.74
N VAL A 33 -3.40 7.79 -5.69
CA VAL A 33 -3.40 8.62 -4.49
C VAL A 33 -4.79 9.18 -4.22
N THR A 34 -5.21 9.13 -2.97
CA THR A 34 -6.52 9.59 -2.56
C THR A 34 -6.65 11.12 -2.71
N PRO A 35 -7.53 11.58 -3.60
CA PRO A 35 -7.75 13.00 -3.85
C PRO A 35 -8.71 13.63 -2.83
N GLN A 36 -9.39 14.70 -3.25
CA GLN A 36 -10.36 15.41 -2.41
C GLN A 36 -9.65 16.19 -1.30
N GLN A 37 -8.46 16.70 -1.63
CA GLN A 37 -7.70 17.47 -0.66
C GLN A 37 -6.96 18.61 -1.36
N GLY A 38 -5.75 18.36 -1.82
CA GLY A 38 -4.98 19.38 -2.49
C GLY A 38 -4.05 18.82 -3.53
N ASN A 39 -4.63 18.10 -4.51
CA ASN A 39 -3.89 17.49 -5.63
C ASN A 39 -2.63 16.73 -5.18
N SER A 40 -1.51 17.44 -5.06
CA SER A 40 -0.26 16.84 -4.65
C SER A 40 -0.33 16.37 -3.20
N GLU A 41 -1.17 17.03 -2.41
CA GLU A 41 -1.35 16.68 -1.00
C GLU A 41 -2.67 15.95 -0.82
N PRO A 42 -2.61 14.66 -0.49
CA PRO A 42 -3.81 13.83 -0.29
C PRO A 42 -4.37 13.94 1.13
N VAL A 43 -5.49 13.25 1.37
CA VAL A 43 -6.12 13.25 2.68
C VAL A 43 -5.34 12.40 3.68
N VAL A 44 -5.72 12.48 4.95
CA VAL A 44 -5.02 11.71 5.98
C VAL A 44 -5.36 10.22 5.89
N GLN A 45 -6.53 9.91 5.35
CA GLN A 45 -6.95 8.52 5.19
C GLN A 45 -6.27 7.87 4.00
N ASP A 46 -5.52 8.66 3.25
CA ASP A 46 -4.82 8.18 2.05
C ASP A 46 -3.89 7.01 2.37
N LEU A 47 -3.09 7.18 3.43
CA LEU A 47 -2.14 6.15 3.84
C LEU A 47 -2.83 4.80 4.09
N ALA A 48 -4.10 4.84 4.44
CA ALA A 48 -4.87 3.64 4.69
C ALA A 48 -5.56 3.15 3.43
N GLN A 49 -6.15 4.09 2.70
CA GLN A 49 -6.87 3.78 1.46
C GLN A 49 -5.96 3.17 0.41
N LEU A 50 -4.72 3.66 0.35
CA LEU A 50 -3.73 3.17 -0.60
C LEU A 50 -3.55 1.66 -0.49
N VAL A 51 -3.60 1.14 0.73
CA VAL A 51 -3.41 -0.28 0.96
C VAL A 51 -4.74 -1.02 0.94
N GLU A 52 -5.77 -0.42 1.55
CA GLU A 52 -7.09 -1.02 1.61
C GLU A 52 -7.66 -1.24 0.21
N GLU A 53 -7.69 -0.18 -0.58
CA GLU A 53 -8.24 -0.24 -1.94
C GLU A 53 -7.33 -1.00 -2.90
N ALA A 54 -6.18 -1.43 -2.42
CA ALA A 54 -5.24 -2.16 -3.25
C ALA A 54 -5.59 -3.63 -3.38
N THR A 55 -6.57 -4.09 -2.59
CA THR A 55 -6.97 -5.49 -2.62
C THR A 55 -8.33 -5.73 -1.95
N GLY A 56 -8.70 -4.83 -1.05
CA GLY A 56 -9.96 -4.99 -0.34
C GLY A 56 -9.71 -5.58 1.04
N VAL A 57 -8.66 -5.11 1.68
CA VAL A 57 -8.29 -5.59 3.01
C VAL A 57 -8.69 -4.57 4.06
N PRO A 58 -9.31 -5.03 5.16
CA PRO A 58 -9.71 -4.14 6.26
C PRO A 58 -8.50 -3.48 6.93
N LEU A 59 -8.70 -2.27 7.44
CA LEU A 59 -7.63 -1.50 8.09
C LEU A 59 -6.88 -2.30 9.16
N PRO A 60 -7.57 -2.94 10.13
CA PRO A 60 -6.90 -3.71 11.21
C PRO A 60 -6.21 -4.99 10.73
N PHE A 61 -6.15 -5.20 9.42
CA PHE A 61 -5.52 -6.40 8.88
C PHE A 61 -4.25 -6.05 8.10
N GLN A 62 -4.02 -4.77 7.87
CA GLN A 62 -2.83 -4.33 7.14
C GLN A 62 -2.05 -3.30 7.95
N LYS A 63 -0.92 -3.73 8.49
CA LYS A 63 -0.07 -2.86 9.30
C LYS A 63 0.75 -1.96 8.38
N LEU A 64 0.09 -0.93 7.86
CA LEU A 64 0.74 0.03 6.97
C LEU A 64 1.77 0.87 7.72
N ILE A 65 3.02 0.81 7.26
CA ILE A 65 4.10 1.58 7.87
C ILE A 65 5.08 2.05 6.79
N PHE A 66 4.92 3.29 6.36
CA PHE A 66 5.78 3.87 5.33
C PHE A 66 5.57 5.37 5.24
N LYS A 67 6.45 6.03 4.50
CA LYS A 67 6.43 7.49 4.28
C LYS A 67 6.22 8.27 5.59
N GLY A 68 6.87 7.79 6.66
CA GLY A 68 6.79 8.43 7.96
C GLY A 68 5.40 8.38 8.57
N LYS A 69 4.61 7.41 8.17
CA LYS A 69 3.26 7.28 8.69
C LYS A 69 2.93 5.82 8.99
N SER A 70 1.76 5.61 9.57
CA SER A 70 1.30 4.27 9.92
C SER A 70 -0.21 4.19 9.76
N LEU A 71 -0.73 2.97 9.64
CA LEU A 71 -2.16 2.73 9.47
C LEU A 71 -2.99 3.47 10.52
N LYS A 72 -3.95 4.26 10.03
CA LYS A 72 -4.84 5.04 10.88
C LYS A 72 -5.74 5.88 9.99
N GLU A 73 -6.83 6.40 10.56
CA GLU A 73 -7.76 7.23 9.80
C GLU A 73 -7.17 8.63 9.68
N MET A 74 -6.48 9.04 10.73
CA MET A 74 -5.84 10.33 10.79
C MET A 74 -4.74 10.31 11.84
N GLU A 75 -3.54 10.71 11.44
CA GLU A 75 -2.41 10.71 12.36
C GLU A 75 -1.52 11.93 12.10
N THR A 76 -0.57 11.79 11.20
CA THR A 76 0.35 12.88 10.88
C THR A 76 -0.26 13.80 9.82
N PRO A 77 0.18 15.08 9.80
CA PRO A 77 -0.32 16.10 8.85
C PRO A 77 -0.36 15.63 7.39
N LEU A 78 -1.23 16.28 6.62
CA LEU A 78 -1.44 15.96 5.21
C LEU A 78 -0.23 16.39 4.38
N SER A 79 0.43 17.44 4.83
CA SER A 79 1.60 17.96 4.14
C SER A 79 2.78 16.99 4.26
N ALA A 80 2.56 15.93 5.03
CA ALA A 80 3.56 14.89 5.22
C ALA A 80 2.97 13.55 4.80
N LEU A 81 1.98 13.61 3.92
CA LEU A 81 1.30 12.41 3.41
C LEU A 81 2.05 11.83 2.23
N GLY A 82 3.21 12.39 1.94
CA GLY A 82 4.00 11.93 0.81
C GLY A 82 3.70 12.74 -0.43
N MET A 83 3.93 14.05 -0.33
CA MET A 83 3.67 14.95 -1.45
C MET A 83 4.72 14.76 -2.55
N GLN A 84 4.42 13.83 -3.44
CA GLN A 84 5.31 13.53 -4.55
C GLN A 84 4.49 12.95 -5.71
N ASN A 85 4.94 11.86 -6.31
CA ASN A 85 4.22 11.26 -7.41
C ASN A 85 3.33 10.12 -6.91
N GLY A 86 3.24 9.98 -5.59
CA GLY A 86 2.44 8.93 -5.01
C GLY A 86 3.17 8.22 -3.88
N CYS A 87 4.49 8.21 -3.97
CA CYS A 87 5.35 7.57 -2.97
C CYS A 87 5.19 6.04 -3.00
N ARG A 88 5.52 5.40 -1.90
CA ARG A 88 5.43 3.95 -1.78
C ARG A 88 4.84 3.59 -0.42
N VAL A 89 4.21 2.43 -0.34
CA VAL A 89 3.60 1.98 0.92
C VAL A 89 3.82 0.48 1.12
N MET A 90 4.08 0.10 2.35
CA MET A 90 4.29 -1.30 2.69
C MET A 90 3.53 -1.62 3.97
N LEU A 91 2.95 -2.81 4.02
CA LEU A 91 2.20 -3.24 5.19
C LEU A 91 2.71 -4.56 5.72
N ILE A 92 2.83 -4.66 7.03
CA ILE A 92 3.31 -5.86 7.69
C ILE A 92 2.12 -6.70 8.15
N GLY A 93 1.64 -7.56 7.25
CA GLY A 93 0.52 -8.39 7.58
C GLY A 93 0.11 -9.26 6.40
N GLU A 94 -1.19 -9.46 6.25
CA GLU A 94 -1.70 -10.28 5.16
C GLU A 94 -2.39 -9.41 4.11
N LYS A 95 -3.04 -10.05 3.15
CA LYS A 95 -3.74 -9.35 2.10
C LYS A 95 -4.96 -10.15 1.67
N SER A 96 -6.09 -9.84 2.29
CA SER A 96 -7.34 -10.51 1.98
C SER A 96 -7.89 -10.04 0.64
N ASN A 97 -8.03 -10.97 -0.29
CA ASN A 97 -8.54 -10.68 -1.61
C ASN A 97 -9.18 -11.94 -2.20
N ARG B 1 -3.52 -24.74 6.73
CA ARG B 1 -3.89 -23.35 7.12
C ARG B 1 -4.89 -22.78 6.13
N TYR B 2 -5.83 -21.99 6.63
CA TYR B 2 -6.86 -21.38 5.78
C TYR B 2 -6.48 -19.95 5.42
N HIS B 3 -5.22 -19.74 5.09
CA HIS B 3 -4.73 -18.42 4.72
C HIS B 3 -3.97 -18.51 3.40
N ARG B 4 -4.52 -17.90 2.37
CA ARG B 4 -3.91 -17.91 1.05
C ARG B 4 -2.57 -17.17 1.05
N ARG B 5 -1.59 -17.72 0.34
CA ARG B 5 -0.26 -17.12 0.25
C ARG B 5 0.35 -16.91 1.63
N GLY B 6 0.31 -17.95 2.44
CA GLY B 6 0.85 -17.88 3.79
C GLY B 6 1.99 -18.84 4.00
N GLY B 7 3.21 -18.34 3.86
CA GLY B 7 4.39 -19.18 4.03
C GLY B 7 4.70 -19.97 2.77
N TYR B 8 3.76 -20.79 2.36
CA TYR B 8 3.90 -21.61 1.18
C TYR B 8 2.75 -21.32 0.23
N ASP B 9 2.40 -22.29 -0.61
CA ASP B 9 1.30 -22.12 -1.56
C ASP B 9 0.00 -21.72 -0.86
N VAL B 10 -0.37 -22.47 0.17
CA VAL B 10 -1.59 -22.19 0.92
C VAL B 10 -1.76 -23.14 2.11
N GLU B 11 -1.21 -24.34 1.99
CA GLU B 11 -1.33 -25.32 3.07
C GLU B 11 -0.24 -25.12 4.13
N ASN B 12 -0.29 -25.98 5.15
CA ASN B 12 0.64 -25.92 6.28
C ASN B 12 2.08 -26.16 5.86
N GLU B 13 2.27 -26.97 4.81
CA GLU B 13 3.60 -27.31 4.28
C GLU B 13 4.41 -28.17 5.24
N GLU B 14 5.21 -29.08 4.70
CA GLU B 14 6.03 -29.95 5.53
C GLU B 14 7.48 -29.90 5.10
N LYS B 15 7.81 -28.94 4.25
CA LYS B 15 9.17 -28.79 3.77
C LYS B 15 9.82 -27.54 4.35
N VAL B 16 9.13 -26.41 4.20
CA VAL B 16 9.59 -25.11 4.71
C VAL B 16 10.99 -24.76 4.18
N LYS B 17 11.09 -24.51 2.88
CA LYS B 17 12.38 -24.16 2.27
C LYS B 17 12.19 -23.24 1.07
N LEU B 18 11.01 -22.66 0.94
CA LEU B 18 10.71 -21.77 -0.17
C LEU B 18 10.10 -20.47 0.33
N GLY B 19 10.50 -19.36 -0.28
CA GLY B 19 9.97 -18.07 0.10
C GLY B 19 9.27 -17.38 -1.06
N MET B 20 9.27 -18.04 -2.21
CA MET B 20 8.64 -17.49 -3.41
C MET B 20 7.13 -17.33 -3.22
N THR B 21 6.54 -18.19 -2.40
CA THR B 21 5.11 -18.13 -2.16
C THR B 21 4.79 -17.72 -0.72
N ASN B 22 5.78 -17.18 -0.02
CA ASN B 22 5.61 -16.76 1.37
C ASN B 22 4.51 -15.70 1.48
N SER B 23 4.52 -14.77 0.55
CA SER B 23 3.53 -13.70 0.50
C SER B 23 3.51 -13.08 -0.89
N HIS B 24 3.54 -13.94 -1.89
CA HIS B 24 3.54 -13.51 -3.28
C HIS B 24 2.11 -13.28 -3.74
N MET A 1 15.93 4.67 -6.83
CA MET A 1 14.68 4.29 -6.13
C MET A 1 13.97 5.51 -5.54
N ALA A 2 14.39 6.70 -5.97
CA ALA A 2 13.79 7.94 -5.47
C ALA A 2 12.46 8.21 -6.14
N LYS A 3 11.44 7.46 -5.73
CA LYS A 3 10.10 7.63 -6.29
C LYS A 3 9.46 8.88 -5.69
N THR A 4 9.81 10.02 -6.26
CA THR A 4 9.28 11.29 -5.83
C THR A 4 8.96 12.16 -7.03
N GLU A 5 9.98 12.41 -7.86
CA GLU A 5 9.81 13.21 -9.06
C GLU A 5 9.30 12.32 -10.18
N GLU A 6 8.04 12.49 -10.55
CA GLU A 6 7.43 11.69 -11.59
C GLU A 6 6.08 12.28 -11.99
N MET A 7 5.06 12.02 -11.16
CA MET A 7 3.70 12.50 -11.39
C MET A 7 3.14 11.99 -12.71
N VAL A 8 3.65 10.85 -13.16
CA VAL A 8 3.20 10.24 -14.42
C VAL A 8 2.98 8.74 -14.24
N GLN A 9 2.00 8.39 -13.44
CA GLN A 9 1.67 7.00 -13.20
C GLN A 9 0.21 6.69 -13.57
N THR A 10 -0.66 6.57 -12.57
CA THR A 10 -2.06 6.28 -12.83
C THR A 10 -2.91 7.55 -12.86
N GLU A 11 -3.54 7.82 -14.00
CA GLU A 11 -4.38 9.00 -14.18
C GLU A 11 -5.79 8.75 -13.67
N GLU A 12 -6.44 9.82 -13.23
CA GLU A 12 -7.82 9.76 -12.75
C GLU A 12 -8.53 11.07 -13.08
N MET A 13 -9.56 11.41 -12.32
CA MET A 13 -10.30 12.65 -12.55
C MET A 13 -9.65 13.79 -11.78
N GLU A 14 -9.19 13.50 -10.58
CA GLU A 14 -8.53 14.51 -9.76
C GLU A 14 -7.06 14.17 -9.58
N THR A 15 -6.78 12.88 -9.37
CA THR A 15 -5.42 12.40 -9.20
C THR A 15 -4.56 12.75 -10.42
N PRO A 16 -3.49 13.54 -10.23
CA PRO A 16 -2.62 13.98 -11.32
C PRO A 16 -1.62 12.89 -11.73
N ARG A 17 -2.15 11.74 -12.13
CA ARG A 17 -1.34 10.60 -12.56
C ARG A 17 -0.39 10.15 -11.45
N LEU A 18 -0.96 9.81 -10.31
CA LEU A 18 -0.18 9.38 -9.15
C LEU A 18 -0.44 7.90 -8.84
N SER A 19 0.58 7.24 -8.29
CA SER A 19 0.48 5.82 -7.94
C SER A 19 1.45 5.51 -6.81
N VAL A 20 1.03 4.68 -5.88
CA VAL A 20 1.85 4.32 -4.75
C VAL A 20 2.20 2.83 -4.79
N ILE A 21 3.39 2.50 -4.33
CA ILE A 21 3.83 1.12 -4.28
C ILE A 21 3.50 0.52 -2.92
N VAL A 22 2.42 -0.25 -2.87
CA VAL A 22 2.00 -0.89 -1.63
C VAL A 22 2.63 -2.27 -1.53
N THR A 23 3.59 -2.43 -0.64
CA THR A 23 4.27 -3.71 -0.51
C THR A 23 4.08 -4.33 0.86
N HIS A 24 4.20 -5.65 0.87
CA HIS A 24 4.09 -6.46 2.08
C HIS A 24 5.09 -7.59 1.96
N SER A 25 6.30 -7.35 2.46
CA SER A 25 7.39 -8.31 2.41
C SER A 25 7.91 -8.46 0.98
N ASN A 26 7.04 -8.91 0.07
CA ASN A 26 7.39 -9.09 -1.33
C ASN A 26 6.17 -8.87 -2.23
N GLU A 27 5.08 -8.41 -1.64
CA GLU A 27 3.84 -8.18 -2.38
C GLU A 27 3.82 -6.78 -3.01
N ARG A 28 4.12 -6.70 -4.29
CA ARG A 28 4.12 -5.41 -4.98
C ARG A 28 2.75 -5.15 -5.60
N TYR A 29 2.07 -4.13 -5.09
CA TYR A 29 0.75 -3.76 -5.58
C TYR A 29 0.75 -2.32 -6.08
N ASP A 30 -0.19 -2.02 -6.97
CA ASP A 30 -0.32 -0.69 -7.53
C ASP A 30 -1.60 -0.05 -7.01
N LEU A 31 -1.49 1.11 -6.38
CA LEU A 31 -2.65 1.78 -5.82
C LEU A 31 -2.68 3.25 -6.23
N LEU A 32 -3.87 3.76 -6.47
CA LEU A 32 -4.04 5.16 -6.85
C LEU A 32 -4.11 6.02 -5.60
N VAL A 33 -3.45 7.17 -5.63
CA VAL A 33 -3.45 8.08 -4.49
C VAL A 33 -4.85 8.61 -4.23
N THR A 34 -5.23 8.65 -2.96
CA THR A 34 -6.55 9.08 -2.55
C THR A 34 -6.76 10.59 -2.78
N PRO A 35 -7.68 10.94 -3.69
CA PRO A 35 -7.98 12.33 -4.03
C PRO A 35 -8.98 12.94 -3.04
N GLN A 36 -9.80 13.88 -3.55
CA GLN A 36 -10.83 14.56 -2.75
C GLN A 36 -10.20 15.54 -1.78
N GLN A 37 -9.07 16.12 -2.17
CA GLN A 37 -8.38 17.08 -1.32
C GLN A 37 -7.74 18.16 -2.18
N GLY A 38 -6.55 17.88 -2.69
CA GLY A 38 -5.86 18.85 -3.52
C GLY A 38 -4.87 18.20 -4.44
N ASN A 39 -5.36 17.29 -5.29
CA ASN A 39 -4.55 16.55 -6.28
C ASN A 39 -3.21 16.04 -5.74
N SER A 40 -2.17 16.87 -5.78
CA SER A 40 -0.84 16.50 -5.30
C SER A 40 -0.85 16.29 -3.78
N GLU A 41 -1.83 16.89 -3.12
CA GLU A 41 -1.99 16.76 -1.68
C GLU A 41 -3.22 15.91 -1.37
N PRO A 42 -3.02 14.66 -0.93
CA PRO A 42 -4.11 13.75 -0.63
C PRO A 42 -4.67 13.93 0.78
N VAL A 43 -5.66 13.10 1.12
CA VAL A 43 -6.29 13.16 2.44
C VAL A 43 -5.46 12.41 3.49
N VAL A 44 -5.83 12.57 4.75
CA VAL A 44 -5.12 11.91 5.85
C VAL A 44 -5.42 10.42 5.89
N GLN A 45 -6.49 10.02 5.21
CA GLN A 45 -6.88 8.62 5.16
C GLN A 45 -6.11 7.88 4.07
N ASP A 46 -5.41 8.64 3.25
CA ASP A 46 -4.63 8.10 2.14
C ASP A 46 -3.64 7.04 2.60
N LEU A 47 -2.87 7.38 3.63
CA LEU A 47 -1.84 6.48 4.17
C LEU A 47 -2.42 5.09 4.52
N ALA A 48 -3.69 5.06 4.86
CA ALA A 48 -4.34 3.80 5.23
C ALA A 48 -5.11 3.20 4.06
N GLN A 49 -5.76 4.07 3.30
CA GLN A 49 -6.57 3.64 2.15
C GLN A 49 -5.73 2.92 1.10
N LEU A 50 -4.51 3.41 0.88
CA LEU A 50 -3.61 2.80 -0.09
C LEU A 50 -3.35 1.34 0.24
N VAL A 51 -3.23 1.04 1.51
CA VAL A 51 -2.97 -0.31 1.97
C VAL A 51 -4.26 -1.12 2.02
N GLU A 52 -5.34 -0.46 2.43
CA GLU A 52 -6.65 -1.10 2.53
C GLU A 52 -7.13 -1.62 1.17
N GLU A 53 -7.12 -0.73 0.18
CA GLU A 53 -7.58 -1.08 -1.17
C GLU A 53 -6.55 -1.90 -1.94
N ALA A 54 -5.40 -2.16 -1.33
CA ALA A 54 -4.35 -2.93 -2.00
C ALA A 54 -4.76 -4.39 -2.13
N THR A 55 -5.53 -4.89 -1.17
CA THR A 55 -5.99 -6.26 -1.19
C THR A 55 -7.42 -6.39 -0.70
N GLY A 56 -7.85 -5.41 0.09
CA GLY A 56 -9.19 -5.44 0.63
C GLY A 56 -9.20 -5.81 2.09
N VAL A 57 -8.26 -5.27 2.84
CA VAL A 57 -8.16 -5.56 4.27
C VAL A 57 -8.36 -4.29 5.09
N PRO A 58 -9.10 -4.41 6.22
CA PRO A 58 -9.37 -3.27 7.09
C PRO A 58 -8.10 -2.81 7.83
N LEU A 59 -8.18 -1.66 8.47
CA LEU A 59 -7.04 -1.08 9.18
C LEU A 59 -6.43 -2.04 10.22
N PRO A 60 -7.23 -2.68 11.11
CA PRO A 60 -6.70 -3.59 12.14
C PRO A 60 -6.10 -4.88 11.58
N PHE A 61 -6.14 -5.06 10.27
CA PHE A 61 -5.60 -6.27 9.67
C PHE A 61 -4.22 -6.01 9.08
N GLN A 62 -3.87 -4.74 8.98
CA GLN A 62 -2.58 -4.35 8.42
C GLN A 62 -1.80 -3.48 9.42
N LYS A 63 -0.66 -2.99 8.98
CA LYS A 63 0.19 -2.16 9.81
C LYS A 63 1.06 -1.25 8.94
N LEU A 64 0.44 -0.21 8.39
CA LEU A 64 1.13 0.75 7.54
C LEU A 64 2.23 1.50 8.30
N ILE A 65 3.46 1.38 7.81
CA ILE A 65 4.60 2.06 8.40
C ILE A 65 5.54 2.55 7.28
N PHE A 66 5.20 3.69 6.69
CA PHE A 66 6.02 4.25 5.61
C PHE A 66 5.69 5.72 5.39
N LYS A 67 6.52 6.38 4.59
CA LYS A 67 6.41 7.80 4.27
C LYS A 67 6.13 8.66 5.51
N GLY A 68 6.81 8.31 6.59
CA GLY A 68 6.70 9.04 7.85
C GLY A 68 5.32 9.00 8.49
N LYS A 69 4.61 7.89 8.39
CA LYS A 69 3.28 7.79 9.00
C LYS A 69 2.92 6.35 9.32
N SER A 70 1.98 6.20 10.25
CA SER A 70 1.51 4.91 10.67
C SER A 70 0.04 4.77 10.29
N LEU A 71 -0.44 3.53 10.22
CA LEU A 71 -1.82 3.25 9.87
C LEU A 71 -2.79 3.94 10.82
N LYS A 72 -3.74 4.68 10.26
CA LYS A 72 -4.74 5.39 11.04
C LYS A 72 -5.73 6.07 10.10
N GLU A 73 -6.84 6.54 10.66
CA GLU A 73 -7.85 7.23 9.87
C GLU A 73 -7.40 8.66 9.62
N MET A 74 -6.63 9.17 10.59
CA MET A 74 -6.08 10.51 10.53
C MET A 74 -4.88 10.58 11.47
N GLU A 75 -3.75 11.06 10.97
CA GLU A 75 -2.55 11.14 11.78
C GLU A 75 -1.78 12.44 11.53
N THR A 76 -0.96 12.45 10.50
CA THR A 76 -0.14 13.61 10.17
C THR A 76 -0.77 14.48 9.08
N PRO A 77 -0.31 15.74 8.95
CA PRO A 77 -0.83 16.69 7.94
C PRO A 77 -0.79 16.14 6.52
N LEU A 78 -1.66 16.67 5.68
CA LEU A 78 -1.78 16.26 4.27
C LEU A 78 -0.48 16.51 3.51
N SER A 79 0.20 17.61 3.85
CA SER A 79 1.45 17.97 3.20
C SER A 79 2.54 16.93 3.45
N ALA A 80 2.40 16.19 4.54
CA ALA A 80 3.37 15.17 4.88
C ALA A 80 2.92 13.80 4.41
N LEU A 81 1.80 13.75 3.72
CA LEU A 81 1.25 12.49 3.22
C LEU A 81 2.01 11.98 2.01
N GLY A 82 3.13 12.63 1.71
CA GLY A 82 3.92 12.22 0.56
C GLY A 82 3.54 12.98 -0.69
N MET A 83 3.60 14.31 -0.60
CA MET A 83 3.26 15.17 -1.73
C MET A 83 4.29 15.00 -2.85
N GLN A 84 3.99 14.11 -3.78
CA GLN A 84 4.88 13.86 -4.91
C GLN A 84 4.16 13.06 -5.99
N ASN A 85 4.51 11.80 -6.14
CA ASN A 85 3.90 10.94 -7.15
C ASN A 85 3.16 9.78 -6.50
N GLY A 86 3.14 9.77 -5.16
CA GLY A 86 2.47 8.72 -4.44
C GLY A 86 3.36 8.08 -3.39
N CYS A 87 4.66 8.01 -3.71
CA CYS A 87 5.65 7.42 -2.81
C CYS A 87 5.42 5.91 -2.68
N ARG A 88 5.76 5.35 -1.52
CA ARG A 88 5.58 3.93 -1.28
C ARG A 88 5.02 3.70 0.11
N VAL A 89 4.27 2.61 0.27
CA VAL A 89 3.68 2.26 1.56
C VAL A 89 3.83 0.77 1.82
N MET A 90 4.30 0.43 3.02
CA MET A 90 4.49 -0.96 3.39
C MET A 90 3.76 -1.26 4.69
N LEU A 91 3.33 -2.49 4.85
CA LEU A 91 2.62 -2.88 6.06
C LEU A 91 3.13 -4.22 6.58
N ILE A 92 3.29 -4.30 7.89
CA ILE A 92 3.75 -5.51 8.53
C ILE A 92 2.59 -6.21 9.22
N GLY A 93 1.88 -7.03 8.47
CA GLY A 93 0.74 -7.74 9.01
C GLY A 93 0.12 -8.66 7.97
N GLU A 94 -1.19 -8.62 7.85
CA GLU A 94 -1.88 -9.45 6.88
C GLU A 94 -2.24 -8.65 5.64
N LYS A 95 -2.36 -9.34 4.52
CA LYS A 95 -2.73 -8.72 3.25
C LYS A 95 -3.56 -9.70 2.44
N SER A 96 -4.57 -10.25 3.10
CA SER A 96 -5.46 -11.22 2.49
C SER A 96 -6.31 -10.58 1.39
N ASN A 97 -6.54 -11.33 0.33
CA ASN A 97 -7.33 -10.85 -0.78
C ASN A 97 -8.24 -11.97 -1.29
N ARG B 1 -5.75 -22.97 1.89
CA ARG B 1 -6.21 -22.06 2.96
C ARG B 1 -6.63 -20.72 2.38
N TYR B 2 -7.44 -19.97 3.13
CA TYR B 2 -7.91 -18.66 2.68
C TYR B 2 -6.86 -17.58 2.89
N HIS B 3 -5.60 -17.99 2.97
CA HIS B 3 -4.51 -17.06 3.16
C HIS B 3 -3.45 -17.24 2.08
N ARG B 4 -3.65 -16.54 0.98
CA ARG B 4 -2.71 -16.59 -0.13
C ARG B 4 -1.40 -15.90 0.25
N ARG B 5 -0.28 -16.48 -0.19
CA ARG B 5 1.05 -15.94 0.11
C ARG B 5 1.35 -16.07 1.60
N GLY B 6 0.77 -17.10 2.22
CA GLY B 6 0.98 -17.35 3.62
C GLY B 6 1.97 -18.47 3.84
N GLY B 7 3.20 -18.24 3.45
CA GLY B 7 4.24 -19.26 3.59
C GLY B 7 4.49 -19.96 2.27
N TYR B 8 3.40 -20.40 1.66
CA TYR B 8 3.45 -21.08 0.38
C TYR B 8 2.43 -20.42 -0.55
N ASP B 9 2.18 -21.03 -1.70
CA ASP B 9 1.24 -20.50 -2.69
C ASP B 9 -0.10 -20.12 -2.05
N VAL B 10 -0.87 -21.12 -1.63
CA VAL B 10 -2.15 -20.87 -1.00
C VAL B 10 -2.64 -22.09 -0.21
N GLU B 11 -1.94 -23.21 -0.35
CA GLU B 11 -2.31 -24.44 0.36
C GLU B 11 -1.83 -24.39 1.81
N ASN B 12 -2.08 -25.48 2.53
CA ASN B 12 -1.66 -25.60 3.92
C ASN B 12 -0.17 -25.81 3.98
N GLU B 13 0.35 -26.52 2.97
CA GLU B 13 1.77 -26.83 2.84
C GLU B 13 2.22 -27.87 3.86
N GLU B 14 3.36 -28.51 3.59
CA GLU B 14 3.91 -29.54 4.47
C GLU B 14 5.36 -29.87 4.10
N LYS B 15 6.09 -28.87 3.62
CA LYS B 15 7.48 -29.08 3.23
C LYS B 15 8.40 -28.01 3.83
N VAL B 16 7.92 -26.77 3.81
CA VAL B 16 8.68 -25.63 4.35
C VAL B 16 10.07 -25.54 3.70
N LYS B 17 10.10 -25.40 2.39
CA LYS B 17 11.38 -25.30 1.67
C LYS B 17 11.30 -24.29 0.53
N LEU B 18 10.12 -24.10 -0.03
CA LEU B 18 9.94 -23.16 -1.14
C LEU B 18 9.60 -21.78 -0.60
N GLY B 19 10.44 -20.80 -0.90
CA GLY B 19 10.22 -19.45 -0.45
C GLY B 19 9.77 -18.54 -1.57
N MET B 20 9.65 -19.11 -2.77
CA MET B 20 9.25 -18.36 -3.95
C MET B 20 7.89 -17.67 -3.75
N THR B 21 6.92 -18.41 -3.23
CA THR B 21 5.59 -17.86 -2.99
C THR B 21 5.35 -17.63 -1.51
N ASN B 22 6.41 -17.36 -0.77
CA ASN B 22 6.30 -17.13 0.67
C ASN B 22 5.58 -15.81 0.94
N SER B 23 5.82 -14.83 0.09
CA SER B 23 5.18 -13.52 0.22
C SER B 23 5.09 -12.83 -1.14
N HIS B 24 5.12 -13.62 -2.21
CA HIS B 24 5.04 -13.08 -3.56
C HIS B 24 4.36 -14.08 -4.47
N MET A 1 15.41 4.62 -7.56
CA MET A 1 14.57 3.84 -6.62
C MET A 1 13.63 4.75 -5.83
N ALA A 2 13.57 6.02 -6.22
CA ALA A 2 12.70 6.97 -5.55
C ALA A 2 11.53 7.36 -6.44
N LYS A 3 10.33 7.00 -6.01
CA LYS A 3 9.11 7.31 -6.76
C LYS A 3 8.69 8.75 -6.50
N THR A 4 9.64 9.66 -6.58
CA THR A 4 9.39 11.07 -6.33
C THR A 4 9.57 11.91 -7.60
N GLU A 5 10.48 11.46 -8.46
CA GLU A 5 10.78 12.20 -9.70
C GLU A 5 10.00 11.67 -10.89
N GLU A 6 8.73 11.34 -10.71
CA GLU A 6 7.91 10.83 -11.80
C GLU A 6 6.65 11.67 -11.98
N MET A 7 5.70 11.49 -11.07
CA MET A 7 4.41 12.20 -11.12
C MET A 7 3.64 11.83 -12.39
N VAL A 8 3.94 10.64 -12.93
CA VAL A 8 3.29 10.16 -14.14
C VAL A 8 2.93 8.68 -14.03
N GLN A 9 2.10 8.34 -13.05
CA GLN A 9 1.67 6.96 -12.84
C GLN A 9 0.19 6.80 -13.20
N THR A 10 -0.57 6.11 -12.34
CA THR A 10 -1.99 5.89 -12.57
C THR A 10 -2.79 7.18 -12.34
N GLU A 11 -3.58 7.57 -13.33
CA GLU A 11 -4.38 8.80 -13.25
C GLU A 11 -5.83 8.50 -12.88
N GLU A 12 -6.51 9.53 -12.39
CA GLU A 12 -7.92 9.44 -12.00
C GLU A 12 -8.63 10.75 -12.33
N MET A 13 -9.61 11.14 -11.52
CA MET A 13 -10.34 12.38 -11.75
C MET A 13 -9.48 13.58 -11.36
N GLU A 14 -9.06 13.60 -10.10
CA GLU A 14 -8.23 14.69 -9.61
C GLU A 14 -6.78 14.24 -9.50
N THR A 15 -6.59 12.95 -9.20
CA THR A 15 -5.27 12.37 -9.07
C THR A 15 -4.43 12.55 -10.35
N PRO A 16 -3.35 13.34 -10.26
CA PRO A 16 -2.47 13.61 -11.41
C PRO A 16 -1.43 12.51 -11.63
N ARG A 17 -1.92 11.30 -11.88
CA ARG A 17 -1.06 10.14 -12.14
C ARG A 17 -0.23 9.79 -10.90
N LEU A 18 -0.90 9.39 -9.83
CA LEU A 18 -0.26 9.04 -8.57
C LEU A 18 -0.61 7.63 -8.15
N SER A 19 0.36 6.72 -8.18
CA SER A 19 0.13 5.35 -7.75
C SER A 19 1.18 4.95 -6.72
N VAL A 20 0.73 4.42 -5.60
CA VAL A 20 1.61 4.03 -4.50
C VAL A 20 2.03 2.57 -4.60
N ILE A 21 3.19 2.28 -4.04
CA ILE A 21 3.73 0.92 -4.01
C ILE A 21 3.39 0.26 -2.69
N VAL A 22 2.31 -0.52 -2.67
CA VAL A 22 1.88 -1.21 -1.47
C VAL A 22 2.70 -2.48 -1.30
N THR A 23 3.44 -2.56 -0.19
CA THR A 23 4.28 -3.72 0.07
C THR A 23 3.84 -4.48 1.32
N HIS A 24 3.61 -5.77 1.13
CA HIS A 24 3.21 -6.66 2.22
C HIS A 24 4.27 -7.74 2.36
N SER A 25 5.32 -7.45 3.11
CA SER A 25 6.44 -8.36 3.34
C SER A 25 7.29 -8.48 2.06
N ASN A 26 6.66 -8.96 1.00
CA ASN A 26 7.31 -9.10 -0.29
C ASN A 26 6.28 -8.97 -1.42
N GLU A 27 5.02 -8.83 -1.03
CA GLU A 27 3.92 -8.68 -1.97
C GLU A 27 3.79 -7.22 -2.37
N ARG A 28 3.71 -6.96 -3.67
CA ARG A 28 3.62 -5.60 -4.15
C ARG A 28 2.31 -5.35 -4.89
N TYR A 29 1.66 -4.26 -4.55
CA TYR A 29 0.42 -3.87 -5.19
C TYR A 29 0.48 -2.41 -5.60
N ASP A 30 -0.27 -2.06 -6.63
CA ASP A 30 -0.31 -0.68 -7.13
C ASP A 30 -1.66 -0.07 -6.84
N LEU A 31 -1.69 0.90 -5.94
CA LEU A 31 -2.94 1.55 -5.57
C LEU A 31 -2.89 3.04 -5.92
N LEU A 32 -4.04 3.59 -6.29
CA LEU A 32 -4.12 4.98 -6.66
C LEU A 32 -4.25 5.86 -5.41
N VAL A 33 -3.58 7.01 -5.44
CA VAL A 33 -3.61 7.95 -4.32
C VAL A 33 -5.00 8.55 -4.15
N THR A 34 -5.42 8.66 -2.90
CA THR A 34 -6.72 9.22 -2.56
C THR A 34 -6.75 10.72 -2.79
N PRO A 35 -7.52 11.17 -3.80
CA PRO A 35 -7.63 12.58 -4.16
C PRO A 35 -8.73 13.32 -3.39
N GLN A 36 -9.33 14.32 -4.05
CA GLN A 36 -10.41 15.13 -3.50
C GLN A 36 -9.88 16.08 -2.43
N GLN A 37 -8.75 16.70 -2.73
CA GLN A 37 -8.12 17.63 -1.81
C GLN A 37 -7.24 18.62 -2.57
N GLY A 38 -6.03 18.20 -2.89
CA GLY A 38 -5.12 19.07 -3.62
C GLY A 38 -4.27 18.29 -4.60
N ASN A 39 -4.90 17.37 -5.34
CA ASN A 39 -4.23 16.52 -6.35
C ASN A 39 -2.91 15.92 -5.85
N SER A 40 -1.82 16.67 -5.98
CA SER A 40 -0.51 16.19 -5.53
C SER A 40 -0.48 16.03 -4.01
N GLU A 41 -1.41 16.68 -3.33
CA GLU A 41 -1.51 16.60 -1.88
C GLU A 41 -2.70 15.71 -1.51
N PRO A 42 -2.44 14.46 -1.09
CA PRO A 42 -3.48 13.50 -0.71
C PRO A 42 -4.12 13.81 0.65
N VAL A 43 -5.19 13.08 0.96
CA VAL A 43 -5.90 13.28 2.22
C VAL A 43 -5.17 12.57 3.36
N VAL A 44 -5.55 12.87 4.59
CA VAL A 44 -4.91 12.25 5.75
C VAL A 44 -5.23 10.76 5.84
N GLN A 45 -6.38 10.37 5.29
CA GLN A 45 -6.81 8.97 5.30
C GLN A 45 -6.24 8.20 4.12
N ASP A 46 -5.46 8.89 3.30
CA ASP A 46 -4.86 8.29 2.11
C ASP A 46 -4.03 7.05 2.43
N LEU A 47 -3.03 7.20 3.28
CA LEU A 47 -2.15 6.10 3.65
C LEU A 47 -2.92 4.93 4.27
N ALA A 48 -4.05 5.23 4.88
CA ALA A 48 -4.87 4.20 5.51
C ALA A 48 -5.68 3.46 4.46
N GLN A 49 -6.18 4.19 3.47
CA GLN A 49 -7.00 3.62 2.41
C GLN A 49 -6.13 2.90 1.38
N LEU A 50 -4.93 3.41 1.14
CA LEU A 50 -4.01 2.82 0.16
C LEU A 50 -3.81 1.33 0.41
N VAL A 51 -3.50 0.98 1.65
CA VAL A 51 -3.26 -0.41 2.00
C VAL A 51 -4.58 -1.18 2.09
N GLU A 52 -5.63 -0.49 2.53
CA GLU A 52 -6.95 -1.12 2.66
C GLU A 52 -7.49 -1.50 1.30
N GLU A 53 -7.57 -0.54 0.39
CA GLU A 53 -8.10 -0.78 -0.94
C GLU A 53 -7.16 -1.63 -1.79
N ALA A 54 -5.99 -1.96 -1.26
CA ALA A 54 -5.03 -2.77 -1.98
C ALA A 54 -5.54 -4.20 -2.16
N THR A 55 -6.38 -4.64 -1.24
CA THR A 55 -6.95 -6.00 -1.29
C THR A 55 -8.18 -6.14 -0.39
N GLY A 56 -8.63 -5.02 0.16
CA GLY A 56 -9.77 -5.05 1.06
C GLY A 56 -9.37 -5.51 2.44
N VAL A 57 -8.48 -4.76 3.07
CA VAL A 57 -7.99 -5.09 4.40
C VAL A 57 -8.30 -3.98 5.39
N PRO A 58 -9.12 -4.27 6.42
CA PRO A 58 -9.49 -3.28 7.43
C PRO A 58 -8.29 -2.83 8.26
N LEU A 59 -8.34 -1.57 8.69
CA LEU A 59 -7.27 -0.94 9.48
C LEU A 59 -6.74 -1.82 10.63
N PRO A 60 -7.60 -2.34 11.53
CA PRO A 60 -7.14 -3.18 12.66
C PRO A 60 -6.44 -4.48 12.25
N PHE A 61 -6.54 -4.83 10.97
CA PHE A 61 -5.92 -6.06 10.49
C PHE A 61 -4.58 -5.79 9.84
N GLN A 62 -4.31 -4.54 9.53
CA GLN A 62 -3.06 -4.16 8.90
C GLN A 62 -2.24 -3.26 9.81
N LYS A 63 -1.08 -2.86 9.33
CA LYS A 63 -0.19 -1.98 10.09
C LYS A 63 0.68 -1.18 9.14
N LEU A 64 0.06 -0.22 8.47
CA LEU A 64 0.76 0.64 7.51
C LEU A 64 1.79 1.52 8.22
N ILE A 65 3.06 1.31 7.89
CA ILE A 65 4.13 2.11 8.48
C ILE A 65 5.08 2.58 7.37
N PHE A 66 4.73 3.69 6.76
CA PHE A 66 5.53 4.27 5.69
C PHE A 66 5.08 5.71 5.43
N LYS A 67 5.72 6.37 4.47
CA LYS A 67 5.42 7.76 4.12
C LYS A 67 5.70 8.68 5.30
N GLY A 68 6.42 8.17 6.30
CA GLY A 68 6.75 8.93 7.48
C GLY A 68 5.59 8.99 8.47
N LYS A 69 4.58 8.15 8.24
CA LYS A 69 3.40 8.13 9.11
C LYS A 69 3.03 6.72 9.53
N SER A 70 1.91 6.62 10.24
CA SER A 70 1.41 5.35 10.73
C SER A 70 -0.06 5.21 10.33
N LEU A 71 -0.56 3.98 10.31
CA LEU A 71 -1.94 3.70 9.93
C LEU A 71 -2.95 4.42 10.84
N LYS A 72 -3.66 5.38 10.26
CA LYS A 72 -4.66 6.14 10.98
C LYS A 72 -5.46 6.99 9.99
N GLU A 73 -6.61 7.47 10.41
CA GLU A 73 -7.45 8.30 9.57
C GLU A 73 -6.91 9.71 9.54
N MET A 74 -6.42 10.16 10.69
CA MET A 74 -5.86 11.48 10.81
C MET A 74 -4.64 11.45 11.72
N GLU A 75 -3.46 11.52 11.11
CA GLU A 75 -2.21 11.49 11.87
C GLU A 75 -1.42 12.77 11.61
N THR A 76 -0.59 12.76 10.58
CA THR A 76 0.22 13.92 10.26
C THR A 76 -0.37 14.69 9.08
N PRO A 77 -0.02 15.99 8.95
CA PRO A 77 -0.51 16.89 7.89
C PRO A 77 -0.58 16.24 6.50
N LEU A 78 -1.43 16.83 5.67
CA LEU A 78 -1.65 16.34 4.30
C LEU A 78 -0.40 16.52 3.44
N SER A 79 0.36 17.57 3.71
CA SER A 79 1.59 17.84 2.98
C SER A 79 2.62 16.76 3.28
N ALA A 80 2.36 15.99 4.33
CA ALA A 80 3.25 14.91 4.73
C ALA A 80 2.60 13.57 4.39
N LEU A 81 1.91 13.53 3.26
CA LEU A 81 1.26 12.31 2.79
C LEU A 81 1.98 11.76 1.58
N GLY A 82 3.25 12.14 1.44
CA GLY A 82 4.02 11.68 0.30
C GLY A 82 3.62 12.42 -0.95
N MET A 83 4.02 13.69 -1.04
CA MET A 83 3.69 14.51 -2.20
C MET A 83 4.54 14.13 -3.41
N GLN A 84 4.18 13.01 -4.00
CA GLN A 84 4.86 12.48 -5.18
C GLN A 84 3.92 11.54 -5.90
N ASN A 85 4.43 10.75 -6.83
CA ASN A 85 3.60 9.82 -7.58
C ASN A 85 3.27 8.57 -6.76
N GLY A 86 2.47 8.77 -5.71
CA GLY A 86 2.05 7.67 -4.87
C GLY A 86 2.99 7.41 -3.71
N CYS A 87 4.28 7.27 -4.01
CA CYS A 87 5.30 6.97 -3.00
C CYS A 87 5.28 5.49 -2.66
N ARG A 88 5.64 5.12 -1.43
CA ARG A 88 5.68 3.72 -1.03
C ARG A 88 4.94 3.54 0.29
N VAL A 89 4.20 2.44 0.42
CA VAL A 89 3.48 2.13 1.65
C VAL A 89 3.58 0.64 1.96
N MET A 90 4.07 0.32 3.14
CA MET A 90 4.22 -1.06 3.55
C MET A 90 3.49 -1.30 4.87
N LEU A 91 2.93 -2.48 5.02
CA LEU A 91 2.23 -2.81 6.24
C LEU A 91 2.79 -4.09 6.86
N ILE A 92 2.94 -4.07 8.17
CA ILE A 92 3.46 -5.21 8.89
C ILE A 92 2.34 -5.93 9.61
N GLY A 93 1.65 -6.81 8.89
CA GLY A 93 0.55 -7.54 9.47
C GLY A 93 -0.20 -8.38 8.44
N GLU A 94 -1.51 -8.37 8.53
CA GLU A 94 -2.35 -9.14 7.63
C GLU A 94 -2.69 -8.35 6.36
N LYS A 95 -3.20 -9.06 5.37
CA LYS A 95 -3.58 -8.48 4.11
C LYS A 95 -4.36 -9.51 3.30
N SER A 96 -5.49 -9.91 3.85
CA SER A 96 -6.34 -10.90 3.21
C SER A 96 -7.06 -10.31 2.01
N ASN A 97 -7.71 -11.17 1.26
CA ASN A 97 -8.46 -10.78 0.07
C ASN A 97 -9.53 -11.82 -0.21
N ARG B 1 -6.46 -23.52 1.39
CA ARG B 1 -6.42 -22.18 2.03
C ARG B 1 -6.68 -21.09 1.00
N TYR B 2 -7.19 -19.97 1.45
CA TYR B 2 -7.48 -18.83 0.57
C TYR B 2 -6.45 -17.73 0.76
N HIS B 3 -5.57 -17.94 1.74
CA HIS B 3 -4.51 -16.97 2.03
C HIS B 3 -3.37 -17.13 1.04
N ARG B 4 -3.34 -16.28 0.04
CA ARG B 4 -2.30 -16.31 -0.98
C ARG B 4 -1.01 -15.75 -0.40
N ARG B 5 0.12 -16.36 -0.78
CA ARG B 5 1.45 -15.92 -0.34
C ARG B 5 1.60 -16.05 1.18
N GLY B 6 1.14 -17.17 1.71
CA GLY B 6 1.26 -17.42 3.13
C GLY B 6 2.41 -18.37 3.42
N GLY B 7 3.62 -17.95 3.04
CA GLY B 7 4.79 -18.77 3.24
C GLY B 7 5.13 -19.53 1.97
N TYR B 8 4.09 -19.82 1.21
CA TYR B 8 4.20 -20.55 -0.05
C TYR B 8 3.11 -20.03 -0.99
N ASP B 9 2.65 -20.87 -1.90
CA ASP B 9 1.60 -20.47 -2.84
C ASP B 9 0.24 -20.40 -2.10
N VAL B 10 -0.84 -20.69 -2.81
CA VAL B 10 -2.16 -20.64 -2.21
C VAL B 10 -2.54 -21.98 -1.58
N GLU B 11 -1.52 -22.76 -1.18
CA GLU B 11 -1.74 -24.06 -0.58
C GLU B 11 -0.89 -24.21 0.69
N ASN B 12 -1.32 -25.11 1.56
CA ASN B 12 -0.62 -25.36 2.83
C ASN B 12 0.67 -26.15 2.61
N GLU B 13 0.78 -26.75 1.42
CA GLU B 13 1.94 -27.55 1.01
C GLU B 13 2.43 -28.53 2.10
N GLU B 14 3.65 -29.02 1.96
CA GLU B 14 4.21 -29.98 2.91
C GLU B 14 5.72 -30.09 2.76
N LYS B 15 6.40 -28.96 2.75
CA LYS B 15 7.86 -28.96 2.63
C LYS B 15 8.48 -27.79 3.39
N VAL B 16 7.95 -26.58 3.14
CA VAL B 16 8.45 -25.36 3.77
C VAL B 16 9.95 -25.18 3.56
N LYS B 17 10.36 -24.96 2.32
CA LYS B 17 11.77 -24.76 2.02
C LYS B 17 11.99 -23.83 0.84
N LEU B 18 10.92 -23.22 0.36
CA LEU B 18 11.00 -22.30 -0.77
C LEU B 18 10.53 -20.91 -0.36
N GLY B 19 11.48 -20.04 -0.04
CA GLY B 19 11.15 -18.69 0.36
C GLY B 19 10.85 -17.78 -0.81
N MET B 20 11.02 -18.31 -2.02
CA MET B 20 10.78 -17.54 -3.24
C MET B 20 9.34 -17.05 -3.31
N THR B 21 8.40 -17.90 -2.91
CA THR B 21 6.99 -17.55 -2.92
C THR B 21 6.46 -17.35 -1.51
N ASN B 22 7.37 -17.05 -0.58
CA ASN B 22 7.00 -16.85 0.81
C ASN B 22 5.99 -15.73 0.97
N SER B 23 6.19 -14.65 0.22
CA SER B 23 5.28 -13.51 0.27
C SER B 23 5.21 -12.83 -1.08
N HIS B 24 5.61 -13.54 -2.12
CA HIS B 24 5.60 -12.98 -3.48
C HIS B 24 5.27 -14.07 -4.48
N MET A 1 15.89 3.43 -6.41
CA MET A 1 14.41 3.45 -6.50
C MET A 1 13.87 4.79 -6.02
N ALA A 2 14.27 5.85 -6.71
CA ALA A 2 13.85 7.20 -6.36
C ALA A 2 12.45 7.50 -6.91
N LYS A 3 11.44 6.81 -6.36
CA LYS A 3 10.06 7.03 -6.78
C LYS A 3 9.54 8.30 -6.14
N THR A 4 9.94 9.43 -6.71
CA THR A 4 9.52 10.73 -6.19
C THR A 4 9.41 11.76 -7.32
N GLU A 5 10.49 11.92 -8.09
CA GLU A 5 10.52 12.89 -9.19
C GLU A 5 9.93 12.33 -10.47
N GLU A 6 8.73 11.78 -10.38
CA GLU A 6 8.06 11.21 -11.55
C GLU A 6 6.74 11.92 -11.80
N MET A 7 5.78 11.68 -10.91
CA MET A 7 4.44 12.27 -11.02
C MET A 7 3.74 11.87 -12.31
N VAL A 8 4.09 10.69 -12.83
CA VAL A 8 3.49 10.18 -14.05
C VAL A 8 3.14 8.71 -13.91
N GLN A 9 2.12 8.44 -13.10
CA GLN A 9 1.65 7.08 -12.85
C GLN A 9 0.17 6.95 -13.27
N THR A 10 -0.63 6.31 -12.42
CA THR A 10 -2.06 6.14 -12.71
C THR A 10 -2.82 7.45 -12.50
N GLU A 11 -3.59 7.85 -13.51
CA GLU A 11 -4.36 9.08 -13.45
C GLU A 11 -5.83 8.80 -13.16
N GLU A 12 -6.50 9.76 -12.52
CA GLU A 12 -7.91 9.62 -12.19
C GLU A 12 -8.68 10.86 -12.66
N MET A 13 -8.84 11.83 -11.76
CA MET A 13 -9.54 13.07 -12.08
C MET A 13 -8.73 14.24 -11.53
N GLU A 14 -8.56 14.25 -10.21
CA GLU A 14 -7.79 15.31 -9.57
C GLU A 14 -6.34 14.85 -9.41
N THR A 15 -6.16 13.56 -9.21
CA THR A 15 -4.84 12.99 -9.07
C THR A 15 -4.10 13.00 -10.41
N PRO A 16 -3.02 13.78 -10.51
CA PRO A 16 -2.25 13.91 -11.74
C PRO A 16 -1.27 12.76 -11.92
N ARG A 17 -1.80 11.57 -12.18
CA ARG A 17 -0.99 10.38 -12.38
C ARG A 17 -0.17 10.05 -11.12
N LEU A 18 -0.89 9.69 -10.07
CA LEU A 18 -0.27 9.38 -8.80
C LEU A 18 -0.72 8.02 -8.26
N SER A 19 0.19 7.06 -8.24
CA SER A 19 -0.10 5.73 -7.71
C SER A 19 0.98 5.32 -6.73
N VAL A 20 0.58 4.67 -5.65
CA VAL A 20 1.51 4.26 -4.62
C VAL A 20 1.87 2.77 -4.75
N ILE A 21 3.06 2.42 -4.31
CA ILE A 21 3.51 1.04 -4.33
C ILE A 21 3.17 0.37 -3.01
N VAL A 22 2.10 -0.41 -3.01
CA VAL A 22 1.67 -1.13 -1.82
C VAL A 22 2.37 -2.48 -1.77
N THR A 23 3.20 -2.67 -0.77
CA THR A 23 3.93 -3.92 -0.63
C THR A 23 3.64 -4.59 0.70
N HIS A 24 3.65 -5.92 0.66
CA HIS A 24 3.38 -6.74 1.83
C HIS A 24 4.29 -7.97 1.77
N SER A 25 5.51 -7.82 2.30
CA SER A 25 6.51 -8.90 2.31
C SER A 25 7.04 -9.15 0.89
N ASN A 26 6.15 -9.55 -0.01
CA ASN A 26 6.49 -9.80 -1.40
C ASN A 26 5.33 -9.39 -2.31
N GLU A 27 4.20 -9.05 -1.68
CA GLU A 27 3.00 -8.64 -2.39
C GLU A 27 3.20 -7.27 -3.04
N ARG A 28 2.76 -7.12 -4.27
CA ARG A 28 2.90 -5.85 -4.98
C ARG A 28 1.59 -5.43 -5.61
N TYR A 29 1.00 -4.37 -5.07
CA TYR A 29 -0.25 -3.82 -5.58
C TYR A 29 -0.10 -2.34 -5.85
N ASP A 30 -0.68 -1.88 -6.94
CA ASP A 30 -0.61 -0.46 -7.31
C ASP A 30 -1.94 0.21 -6.99
N LEU A 31 -1.91 1.19 -6.09
CA LEU A 31 -3.12 1.88 -5.69
C LEU A 31 -3.02 3.37 -6.01
N LEU A 32 -4.10 3.93 -6.52
CA LEU A 32 -4.15 5.35 -6.86
C LEU A 32 -4.22 6.18 -5.59
N VAL A 33 -3.51 7.30 -5.58
CA VAL A 33 -3.50 8.20 -4.43
C VAL A 33 -4.87 8.83 -4.23
N THR A 34 -5.26 9.00 -2.97
CA THR A 34 -6.54 9.58 -2.64
C THR A 34 -6.51 11.11 -2.80
N PRO A 35 -7.25 11.62 -3.80
CA PRO A 35 -7.30 13.06 -4.08
C PRO A 35 -8.34 13.77 -3.21
N GLN A 36 -9.06 14.74 -3.81
CA GLN A 36 -10.09 15.50 -3.11
C GLN A 36 -9.45 16.48 -2.13
N GLN A 37 -8.31 17.04 -2.53
CA GLN A 37 -7.59 17.98 -1.70
C GLN A 37 -6.81 18.98 -2.54
N GLY A 38 -5.55 18.67 -2.82
CA GLY A 38 -4.73 19.57 -3.60
C GLY A 38 -3.91 18.87 -4.66
N ASN A 39 -4.42 17.74 -5.16
CA ASN A 39 -3.76 16.92 -6.20
C ASN A 39 -2.41 16.34 -5.75
N SER A 40 -1.47 17.18 -5.31
CA SER A 40 -0.17 16.71 -4.87
C SER A 40 -0.19 16.44 -3.38
N GLU A 41 -1.16 17.04 -2.70
CA GLU A 41 -1.32 16.86 -1.27
C GLU A 41 -2.54 15.98 -0.99
N PRO A 42 -2.30 14.70 -0.69
CA PRO A 42 -3.37 13.73 -0.40
C PRO A 42 -4.09 13.99 0.91
N VAL A 43 -5.19 13.28 1.12
CA VAL A 43 -5.98 13.42 2.34
C VAL A 43 -5.31 12.72 3.52
N VAL A 44 -5.82 12.98 4.72
CA VAL A 44 -5.26 12.40 5.93
C VAL A 44 -5.47 10.88 6.00
N GLN A 45 -6.47 10.39 5.28
CA GLN A 45 -6.76 8.96 5.26
C GLN A 45 -6.21 8.30 4.01
N ASP A 46 -5.36 9.02 3.28
CA ASP A 46 -4.77 8.50 2.04
C ASP A 46 -3.97 7.23 2.29
N LEU A 47 -2.95 7.33 3.14
CA LEU A 47 -2.09 6.20 3.46
C LEU A 47 -2.90 4.99 3.93
N ALA A 48 -4.01 5.25 4.61
CA ALA A 48 -4.87 4.19 5.10
C ALA A 48 -5.68 3.59 3.95
N GLN A 49 -6.21 4.46 3.11
CA GLN A 49 -7.02 4.03 1.97
C GLN A 49 -6.19 3.24 0.97
N LEU A 50 -4.95 3.67 0.78
CA LEU A 50 -4.04 3.01 -0.16
C LEU A 50 -3.91 1.52 0.12
N VAL A 51 -3.60 1.18 1.36
CA VAL A 51 -3.43 -0.22 1.74
C VAL A 51 -4.77 -0.93 1.90
N GLU A 52 -5.80 -0.19 2.28
CA GLU A 52 -7.13 -0.77 2.47
C GLU A 52 -7.73 -1.20 1.14
N GLU A 53 -7.75 -0.29 0.18
CA GLU A 53 -8.32 -0.56 -1.14
C GLU A 53 -7.38 -1.40 -1.99
N ALA A 54 -6.21 -1.71 -1.44
CA ALA A 54 -5.23 -2.52 -2.16
C ALA A 54 -5.73 -3.94 -2.35
N THR A 55 -6.59 -4.39 -1.43
CA THR A 55 -7.14 -5.74 -1.51
C THR A 55 -8.48 -5.86 -0.78
N GLY A 56 -9.02 -4.73 -0.33
CA GLY A 56 -10.28 -4.73 0.37
C GLY A 56 -10.13 -5.27 1.78
N VAL A 57 -9.12 -4.77 2.48
CA VAL A 57 -8.82 -5.20 3.83
C VAL A 57 -9.06 -4.06 4.83
N PRO A 58 -9.78 -4.33 5.92
CA PRO A 58 -10.05 -3.31 6.96
C PRO A 58 -8.75 -2.84 7.64
N LEU A 59 -8.75 -1.58 8.06
CA LEU A 59 -7.58 -0.98 8.72
C LEU A 59 -7.08 -1.77 9.94
N PRO A 60 -7.95 -2.19 10.89
CA PRO A 60 -7.51 -2.94 12.08
C PRO A 60 -6.94 -4.33 11.77
N PHE A 61 -6.78 -4.66 10.49
CA PHE A 61 -6.26 -5.95 10.09
C PHE A 61 -4.84 -5.82 9.53
N GLN A 62 -4.41 -4.58 9.34
CA GLN A 62 -3.08 -4.34 8.78
C GLN A 62 -2.40 -3.15 9.47
N LYS A 63 -1.10 -3.28 9.67
CA LYS A 63 -0.32 -2.23 10.31
C LYS A 63 0.42 -1.41 9.27
N LEU A 64 -0.24 -0.40 8.72
CA LEU A 64 0.38 0.45 7.71
C LEU A 64 1.41 1.36 8.36
N ILE A 65 2.68 1.16 8.02
CA ILE A 65 3.77 1.95 8.56
C ILE A 65 4.72 2.39 7.46
N PHE A 66 4.44 3.56 6.88
CA PHE A 66 5.28 4.10 5.81
C PHE A 66 4.94 5.57 5.59
N LYS A 67 5.72 6.22 4.73
CA LYS A 67 5.54 7.64 4.41
C LYS A 67 5.81 8.50 5.63
N GLY A 68 6.46 7.91 6.63
CA GLY A 68 6.75 8.62 7.86
C GLY A 68 5.53 8.83 8.72
N LYS A 69 4.56 7.93 8.58
CA LYS A 69 3.31 8.04 9.33
C LYS A 69 2.91 6.68 9.90
N SER A 70 1.65 6.57 10.30
CA SER A 70 1.10 5.34 10.86
C SER A 70 -0.34 5.18 10.40
N LEU A 71 -0.84 3.96 10.48
CA LEU A 71 -2.21 3.64 10.06
C LEU A 71 -3.25 4.44 10.85
N LYS A 72 -3.89 5.38 10.19
CA LYS A 72 -4.92 6.21 10.81
C LYS A 72 -5.62 7.03 9.75
N GLU A 73 -6.78 7.56 10.12
CA GLU A 73 -7.57 8.39 9.21
C GLU A 73 -7.33 9.86 9.52
N MET A 74 -6.53 10.11 10.55
CA MET A 74 -6.20 11.46 10.97
C MET A 74 -4.81 11.49 11.61
N GLU A 75 -3.81 11.05 10.87
CA GLU A 75 -2.45 11.02 11.37
C GLU A 75 -1.73 12.35 11.14
N THR A 76 -0.54 12.31 10.53
CA THR A 76 0.25 13.51 10.28
C THR A 76 -0.31 14.33 9.11
N PRO A 77 0.09 15.62 9.03
CA PRO A 77 -0.35 16.58 7.99
C PRO A 77 -0.36 16.05 6.56
N LEU A 78 -1.13 16.75 5.71
CA LEU A 78 -1.28 16.39 4.30
C LEU A 78 0.02 16.55 3.54
N SER A 79 0.80 17.57 3.88
CA SER A 79 2.09 17.80 3.22
C SER A 79 3.06 16.66 3.54
N ALA A 80 2.73 15.91 4.58
CA ALA A 80 3.54 14.78 5.01
C ALA A 80 2.87 13.47 4.60
N LEU A 81 2.02 13.54 3.58
CA LEU A 81 1.32 12.36 3.08
C LEU A 81 2.06 11.77 1.90
N GLY A 82 3.29 12.21 1.71
CA GLY A 82 4.09 11.74 0.59
C GLY A 82 3.84 12.56 -0.65
N MET A 83 4.36 13.79 -0.65
CA MET A 83 4.18 14.70 -1.78
C MET A 83 5.04 14.26 -2.97
N GLN A 84 4.53 13.26 -3.68
CA GLN A 84 5.20 12.70 -4.84
C GLN A 84 4.25 11.77 -5.58
N ASN A 85 4.78 10.96 -6.49
CA ASN A 85 3.94 10.04 -7.25
C ASN A 85 3.55 8.82 -6.43
N GLY A 86 2.68 9.04 -5.44
CA GLY A 86 2.20 7.97 -4.61
C GLY A 86 3.16 7.58 -3.51
N CYS A 87 4.42 7.34 -3.88
CA CYS A 87 5.47 6.93 -2.97
C CYS A 87 5.35 5.43 -2.68
N ARG A 88 5.71 5.00 -1.48
CA ARG A 88 5.64 3.59 -1.12
C ARG A 88 4.93 3.40 0.20
N VAL A 89 4.23 2.28 0.37
CA VAL A 89 3.54 1.97 1.60
C VAL A 89 3.64 0.47 1.91
N MET A 90 3.89 0.13 3.16
CA MET A 90 4.02 -1.25 3.57
C MET A 90 3.25 -1.47 4.87
N LEU A 91 2.67 -2.65 5.02
CA LEU A 91 1.91 -2.99 6.20
C LEU A 91 2.38 -4.29 6.83
N ILE A 92 2.28 -4.36 8.14
CA ILE A 92 2.66 -5.55 8.89
C ILE A 92 1.41 -6.16 9.52
N GLY A 93 0.74 -7.01 8.76
CA GLY A 93 -0.47 -7.63 9.26
C GLY A 93 -1.02 -8.66 8.30
N GLU A 94 -2.33 -8.84 8.32
CA GLU A 94 -2.99 -9.82 7.47
C GLU A 94 -3.63 -9.16 6.25
N LYS A 95 -2.88 -9.12 5.16
CA LYS A 95 -3.37 -8.53 3.92
C LYS A 95 -3.75 -9.65 2.96
N SER A 96 -5.01 -10.02 2.97
CA SER A 96 -5.51 -11.08 2.12
C SER A 96 -6.55 -10.56 1.13
N ASN A 97 -7.03 -11.44 0.26
CA ASN A 97 -8.03 -11.10 -0.73
C ASN A 97 -8.65 -12.35 -1.29
N ARG B 1 -5.13 -25.41 5.51
CA ARG B 1 -5.13 -24.02 6.04
C ARG B 1 -5.71 -23.07 5.00
N TYR B 2 -6.28 -21.97 5.46
CA TYR B 2 -6.87 -20.99 4.55
C TYR B 2 -6.13 -19.66 4.65
N HIS B 3 -5.15 -19.48 3.78
CA HIS B 3 -4.38 -18.26 3.75
C HIS B 3 -3.78 -18.04 2.37
N ARG B 4 -4.39 -17.13 1.62
CA ARG B 4 -3.95 -16.81 0.27
C ARG B 4 -2.48 -16.39 0.26
N ARG B 5 -1.65 -17.22 -0.36
CA ARG B 5 -0.21 -16.98 -0.48
C ARG B 5 0.45 -16.76 0.87
N GLY B 6 0.91 -17.85 1.47
CA GLY B 6 1.58 -17.78 2.75
C GLY B 6 2.70 -18.79 2.84
N GLY B 7 3.56 -18.80 1.83
CA GLY B 7 4.67 -19.73 1.80
C GLY B 7 4.99 -20.18 0.39
N TYR B 8 4.54 -21.38 0.03
CA TYR B 8 4.78 -21.92 -1.30
C TYR B 8 3.74 -21.44 -2.29
N ASP B 9 2.48 -21.59 -1.92
CA ASP B 9 1.37 -21.19 -2.77
C ASP B 9 0.14 -20.84 -1.94
N VAL B 10 -0.23 -21.73 -1.04
CA VAL B 10 -1.39 -21.49 -0.17
C VAL B 10 -1.36 -22.40 1.06
N GLU B 11 -0.79 -23.60 0.90
CA GLU B 11 -0.74 -24.55 2.00
C GLU B 11 0.52 -24.36 2.86
N ASN B 12 0.65 -25.21 3.87
CA ASN B 12 1.78 -25.18 4.79
C ASN B 12 2.92 -26.04 4.26
N GLU B 13 2.66 -26.72 3.13
CA GLU B 13 3.62 -27.60 2.46
C GLU B 13 4.35 -28.55 3.44
N GLU B 14 5.44 -29.14 2.98
CA GLU B 14 6.23 -30.04 3.81
C GLU B 14 7.72 -29.90 3.53
N LYS B 15 8.11 -28.76 2.98
CA LYS B 15 9.50 -28.50 2.67
C LYS B 15 9.95 -27.16 3.24
N VAL B 16 9.20 -26.11 2.90
CA VAL B 16 9.47 -24.75 3.36
C VAL B 16 10.92 -24.35 3.08
N LYS B 17 11.35 -24.53 1.85
CA LYS B 17 12.70 -24.18 1.45
C LYS B 17 12.67 -23.15 0.32
N LEU B 18 11.51 -22.53 0.14
CA LEU B 18 11.34 -21.52 -0.91
C LEU B 18 10.59 -20.32 -0.36
N GLY B 19 10.69 -19.20 -1.07
CA GLY B 19 10.00 -17.99 -0.65
C GLY B 19 9.67 -17.07 -1.80
N MET B 20 9.84 -17.56 -3.03
CA MET B 20 9.56 -16.77 -4.22
C MET B 20 8.08 -16.39 -4.28
N THR B 21 7.22 -17.32 -3.87
CA THR B 21 5.79 -17.08 -3.87
C THR B 21 5.28 -16.99 -2.44
N ASN B 22 6.12 -16.49 -1.54
CA ASN B 22 5.78 -16.34 -0.13
C ASN B 22 4.50 -15.52 0.01
N SER B 23 4.47 -14.40 -0.70
CA SER B 23 3.33 -13.50 -0.70
C SER B 23 3.26 -12.79 -2.05
N HIS B 24 3.78 -13.45 -3.07
CA HIS B 24 3.80 -12.89 -4.42
C HIS B 24 3.15 -13.86 -5.39
N MET A 1 15.54 6.34 -8.40
CA MET A 1 14.61 5.64 -7.47
C MET A 1 13.83 6.65 -6.63
N ALA A 2 13.87 7.92 -7.00
CA ALA A 2 13.16 8.94 -6.26
C ALA A 2 11.74 9.11 -6.79
N LYS A 3 10.78 8.60 -6.03
CA LYS A 3 9.36 8.69 -6.40
C LYS A 3 8.81 10.09 -6.08
N THR A 4 9.55 11.10 -6.52
CA THR A 4 9.17 12.49 -6.29
C THR A 4 9.44 13.35 -7.51
N GLU A 5 10.32 12.85 -8.38
CA GLU A 5 10.71 13.59 -9.57
C GLU A 5 9.90 13.16 -10.79
N GLU A 6 8.70 12.62 -10.58
CA GLU A 6 7.88 12.17 -11.69
C GLU A 6 6.61 13.01 -11.84
N MET A 7 5.60 12.71 -11.02
CA MET A 7 4.31 13.41 -11.06
C MET A 7 3.61 13.13 -12.39
N VAL A 8 4.02 12.03 -13.03
CA VAL A 8 3.45 11.62 -14.30
C VAL A 8 3.11 10.13 -14.27
N GLN A 9 2.21 9.76 -13.38
CA GLN A 9 1.78 8.38 -13.24
C GLN A 9 0.30 8.23 -13.60
N THR A 10 -0.42 7.39 -12.87
CA THR A 10 -1.84 7.17 -13.12
C THR A 10 -2.65 8.44 -12.83
N GLU A 11 -3.34 8.93 -13.85
CA GLU A 11 -4.14 10.14 -13.71
C GLU A 11 -5.59 9.82 -13.37
N GLU A 12 -6.27 10.78 -12.76
CA GLU A 12 -7.67 10.66 -12.39
C GLU A 12 -8.36 12.01 -12.52
N MET A 13 -9.59 12.10 -12.04
CA MET A 13 -10.36 13.34 -12.11
C MET A 13 -9.65 14.47 -11.37
N GLU A 14 -9.14 14.17 -10.19
CA GLU A 14 -8.44 15.16 -9.39
C GLU A 14 -6.95 14.86 -9.31
N THR A 15 -6.64 13.60 -9.05
CA THR A 15 -5.26 13.15 -8.94
C THR A 15 -4.48 13.40 -10.24
N PRO A 16 -3.50 14.31 -10.21
CA PRO A 16 -2.70 14.66 -11.38
C PRO A 16 -1.57 13.67 -11.63
N ARG A 17 -1.92 12.51 -12.20
CA ARG A 17 -0.95 11.47 -12.50
C ARG A 17 -0.16 11.09 -11.25
N LEU A 18 -0.86 10.65 -10.23
CA LEU A 18 -0.25 10.29 -8.96
C LEU A 18 -0.64 8.89 -8.51
N SER A 19 0.32 7.97 -8.53
CA SER A 19 0.09 6.61 -8.09
C SER A 19 1.11 6.24 -7.03
N VAL A 20 0.80 5.25 -6.21
CA VAL A 20 1.69 4.84 -5.14
C VAL A 20 2.21 3.42 -5.34
N ILE A 21 3.42 3.17 -4.89
CA ILE A 21 4.02 1.86 -4.98
C ILE A 21 3.71 1.05 -3.73
N VAL A 22 2.70 0.21 -3.83
CA VAL A 22 2.31 -0.65 -2.71
C VAL A 22 3.22 -1.86 -2.67
N THR A 23 3.94 -2.02 -1.57
CA THR A 23 4.86 -3.13 -1.42
C THR A 23 4.48 -4.00 -0.22
N HIS A 24 4.50 -5.31 -0.42
CA HIS A 24 4.17 -6.26 0.63
C HIS A 24 5.12 -7.45 0.57
N SER A 25 6.37 -7.22 0.98
CA SER A 25 7.41 -8.24 0.99
C SER A 25 7.81 -8.66 -0.44
N ASN A 26 6.92 -9.38 -1.10
CA ASN A 26 7.17 -9.83 -2.46
C ASN A 26 6.00 -9.47 -3.36
N GLU A 27 5.15 -8.60 -2.84
CA GLU A 27 3.97 -8.14 -3.55
C GLU A 27 4.17 -6.73 -4.06
N ARG A 28 3.63 -6.44 -5.23
CA ARG A 28 3.74 -5.12 -5.83
C ARG A 28 2.40 -4.70 -6.42
N TYR A 29 1.91 -3.54 -6.01
CA TYR A 29 0.64 -3.03 -6.50
C TYR A 29 0.72 -1.53 -6.76
N ASP A 30 0.09 -1.08 -7.83
CA ASP A 30 0.08 0.33 -8.19
C ASP A 30 -1.30 0.92 -7.91
N LEU A 31 -1.43 1.63 -6.80
CA LEU A 31 -2.70 2.23 -6.42
C LEU A 31 -2.68 3.73 -6.70
N LEU A 32 -3.86 4.33 -6.82
CA LEU A 32 -3.97 5.75 -7.09
C LEU A 32 -4.10 6.53 -5.79
N VAL A 33 -3.51 7.72 -5.75
CA VAL A 33 -3.56 8.58 -4.57
C VAL A 33 -4.99 9.04 -4.30
N THR A 34 -5.35 9.04 -3.02
CA THR A 34 -6.68 9.45 -2.59
C THR A 34 -6.88 10.96 -2.73
N PRO A 35 -7.79 11.39 -3.61
CA PRO A 35 -8.06 12.81 -3.85
C PRO A 35 -9.11 13.39 -2.90
N GLN A 36 -9.89 14.36 -3.41
CA GLN A 36 -10.95 15.02 -2.62
C GLN A 36 -10.36 15.94 -1.57
N GLN A 37 -9.26 16.60 -1.92
CA GLN A 37 -8.61 17.51 -0.99
C GLN A 37 -7.87 18.61 -1.75
N GLY A 38 -6.70 18.27 -2.27
CA GLY A 38 -5.92 19.24 -3.00
C GLY A 38 -5.03 18.60 -4.03
N ASN A 39 -5.63 17.72 -4.84
CA ASN A 39 -4.93 16.98 -5.92
C ASN A 39 -3.60 16.35 -5.47
N SER A 40 -2.52 17.13 -5.49
CA SER A 40 -1.21 16.64 -5.07
C SER A 40 -1.16 16.44 -3.55
N GLU A 41 -2.18 16.97 -2.86
CA GLU A 41 -2.29 16.85 -1.41
C GLU A 41 -3.31 15.76 -1.05
N PRO A 42 -2.83 14.58 -0.65
CA PRO A 42 -3.69 13.45 -0.28
C PRO A 42 -4.35 13.64 1.09
N VAL A 43 -5.52 13.04 1.25
CA VAL A 43 -6.26 13.13 2.51
C VAL A 43 -5.55 12.36 3.62
N VAL A 44 -6.01 12.56 4.85
CA VAL A 44 -5.41 11.90 6.01
C VAL A 44 -5.70 10.40 6.05
N GLN A 45 -6.52 9.93 5.12
CA GLN A 45 -6.87 8.51 5.06
C GLN A 45 -6.24 7.86 3.84
N ASP A 46 -5.44 8.64 3.11
CA ASP A 46 -4.77 8.16 1.90
C ASP A 46 -3.87 6.98 2.18
N LEU A 47 -2.95 7.15 3.13
CA LEU A 47 -1.99 6.10 3.50
C LEU A 47 -2.68 4.77 3.78
N ALA A 48 -3.86 4.83 4.37
CA ALA A 48 -4.61 3.62 4.70
C ALA A 48 -5.35 3.08 3.49
N GLN A 49 -5.98 3.98 2.75
CA GLN A 49 -6.76 3.61 1.57
C GLN A 49 -5.87 2.99 0.50
N LEU A 50 -4.65 3.51 0.35
CA LEU A 50 -3.71 3.01 -0.65
C LEU A 50 -3.45 1.52 -0.48
N VAL A 51 -3.18 1.11 0.76
CA VAL A 51 -2.90 -0.29 1.06
C VAL A 51 -4.18 -1.11 1.09
N GLU A 52 -5.24 -0.51 1.61
CA GLU A 52 -6.53 -1.18 1.71
C GLU A 52 -7.12 -1.49 0.34
N GLU A 53 -7.28 -0.46 -0.48
CA GLU A 53 -7.86 -0.61 -1.82
C GLU A 53 -6.92 -1.34 -2.78
N ALA A 54 -5.69 -1.60 -2.32
CA ALA A 54 -4.71 -2.29 -3.14
C ALA A 54 -5.04 -3.78 -3.30
N THR A 55 -6.03 -4.26 -2.56
CA THR A 55 -6.44 -5.66 -2.61
C THR A 55 -7.77 -5.91 -1.91
N GLY A 56 -8.09 -5.06 -0.95
CA GLY A 56 -9.32 -5.20 -0.18
C GLY A 56 -9.00 -5.69 1.21
N VAL A 57 -7.98 -5.09 1.81
CA VAL A 57 -7.54 -5.45 3.15
C VAL A 57 -7.87 -4.36 4.15
N PRO A 58 -8.74 -4.66 5.12
CA PRO A 58 -9.13 -3.70 6.16
C PRO A 58 -7.93 -3.29 7.01
N LEU A 59 -8.00 -2.09 7.59
CA LEU A 59 -6.91 -1.55 8.42
C LEU A 59 -6.38 -2.56 9.44
N PRO A 60 -7.24 -3.18 10.28
CA PRO A 60 -6.79 -4.16 11.30
C PRO A 60 -6.17 -5.44 10.73
N PHE A 61 -6.11 -5.56 9.41
CA PHE A 61 -5.53 -6.75 8.78
C PHE A 61 -4.19 -6.43 8.16
N GLN A 62 -3.87 -5.16 8.07
CA GLN A 62 -2.61 -4.73 7.48
C GLN A 62 -1.78 -3.96 8.51
N LYS A 63 -0.64 -3.45 8.07
CA LYS A 63 0.23 -2.70 8.94
C LYS A 63 1.11 -1.77 8.11
N LEU A 64 0.51 -0.69 7.62
CA LEU A 64 1.23 0.28 6.81
C LEU A 64 2.17 1.11 7.68
N ILE A 65 3.45 1.02 7.38
CA ILE A 65 4.47 1.77 8.11
C ILE A 65 5.41 2.45 7.12
N PHE A 66 4.90 3.49 6.46
CA PHE A 66 5.67 4.23 5.48
C PHE A 66 5.12 5.65 5.35
N LYS A 67 5.71 6.44 4.47
CA LYS A 67 5.30 7.84 4.23
C LYS A 67 5.61 8.71 5.44
N GLY A 68 6.25 8.12 6.45
CA GLY A 68 6.58 8.84 7.67
C GLY A 68 5.43 8.81 8.64
N LYS A 69 4.51 7.86 8.42
CA LYS A 69 3.34 7.71 9.26
C LYS A 69 3.03 6.24 9.49
N SER A 70 1.92 5.97 10.17
CA SER A 70 1.49 4.61 10.45
C SER A 70 0.02 4.44 10.10
N LEU A 71 -0.37 3.22 9.73
CA LEU A 71 -1.74 2.90 9.35
C LEU A 71 -2.77 3.45 10.34
N LYS A 72 -3.57 4.40 9.86
CA LYS A 72 -4.61 5.04 10.66
C LYS A 72 -5.57 5.77 9.74
N GLU A 73 -6.75 6.09 10.25
CA GLU A 73 -7.73 6.82 9.46
C GLU A 73 -7.41 8.31 9.50
N MET A 74 -6.54 8.69 10.43
CA MET A 74 -6.11 10.07 10.59
C MET A 74 -4.98 10.15 11.62
N GLU A 75 -3.77 10.43 11.15
CA GLU A 75 -2.62 10.56 12.04
C GLU A 75 -1.89 11.88 11.77
N THR A 76 -0.78 11.82 11.05
CA THR A 76 -0.02 13.01 10.74
C THR A 76 -0.70 13.80 9.61
N PRO A 77 -0.57 15.14 9.61
CA PRO A 77 -1.18 16.03 8.61
C PRO A 77 -0.85 15.67 7.16
N LEU A 78 -1.51 16.38 6.25
CA LEU A 78 -1.34 16.16 4.81
C LEU A 78 0.08 16.48 4.37
N SER A 79 0.71 17.40 5.08
CA SER A 79 2.08 17.79 4.79
C SER A 79 3.02 16.59 4.90
N ALA A 80 2.58 15.59 5.65
CA ALA A 80 3.36 14.38 5.85
C ALA A 80 2.65 13.19 5.21
N LEU A 81 1.82 13.46 4.21
CA LEU A 81 1.10 12.40 3.51
C LEU A 81 1.88 11.96 2.28
N GLY A 82 3.07 12.55 2.13
CA GLY A 82 3.90 12.24 0.99
C GLY A 82 3.76 13.29 -0.08
N MET A 83 4.46 14.41 0.09
CA MET A 83 4.42 15.50 -0.89
C MET A 83 5.24 15.15 -2.13
N GLN A 84 4.85 14.06 -2.77
CA GLN A 84 5.51 13.57 -3.96
C GLN A 84 4.47 12.87 -4.83
N ASN A 85 4.90 12.22 -5.89
CA ASN A 85 3.95 11.54 -6.75
C ASN A 85 3.55 10.17 -6.21
N GLY A 86 2.65 10.18 -5.23
CA GLY A 86 2.15 8.96 -4.65
C GLY A 86 3.01 8.43 -3.52
N CYS A 87 4.33 8.40 -3.72
CA CYS A 87 5.27 7.90 -2.73
C CYS A 87 5.22 6.37 -2.71
N ARG A 88 5.56 5.77 -1.58
CA ARG A 88 5.53 4.32 -1.46
C ARG A 88 4.84 3.91 -0.16
N VAL A 89 4.20 2.75 -0.18
CA VAL A 89 3.52 2.25 1.00
C VAL A 89 3.84 0.76 1.19
N MET A 90 4.50 0.45 2.29
CA MET A 90 4.86 -0.93 2.60
C MET A 90 4.18 -1.37 3.88
N LEU A 91 3.39 -2.43 3.79
CA LEU A 91 2.69 -2.93 4.96
C LEU A 91 3.21 -4.31 5.35
N ILE A 92 3.33 -4.54 6.65
CA ILE A 92 3.81 -5.80 7.17
C ILE A 92 2.68 -6.56 7.85
N GLY A 93 2.06 -7.47 7.11
CA GLY A 93 0.96 -8.24 7.65
C GLY A 93 0.27 -9.04 6.58
N GLU A 94 -1.06 -9.11 6.66
CA GLU A 94 -1.84 -9.86 5.69
C GLU A 94 -2.18 -9.02 4.47
N LYS A 95 -2.80 -9.66 3.49
CA LYS A 95 -3.21 -8.99 2.27
C LYS A 95 -4.36 -9.76 1.62
N SER A 96 -5.53 -9.64 2.23
CA SER A 96 -6.73 -10.32 1.75
C SER A 96 -7.13 -9.82 0.36
N ASN A 97 -7.51 -10.75 -0.51
CA ASN A 97 -7.92 -10.43 -1.87
C ASN A 97 -8.91 -11.46 -2.37
N ARG B 1 -5.91 -24.30 6.12
CA ARG B 1 -5.79 -23.15 7.04
C ARG B 1 -6.65 -21.99 6.55
N TYR B 2 -6.56 -20.84 7.21
CA TYR B 2 -7.35 -19.67 6.82
C TYR B 2 -6.48 -18.44 6.59
N HIS B 3 -5.46 -18.60 5.76
CA HIS B 3 -4.55 -17.50 5.43
C HIS B 3 -4.03 -17.72 4.02
N ARG B 4 -3.65 -16.64 3.34
CA ARG B 4 -3.17 -16.75 1.97
C ARG B 4 -1.64 -16.74 1.91
N ARG B 5 -1.10 -17.58 1.03
CA ARG B 5 0.35 -17.69 0.79
C ARG B 5 1.16 -17.67 2.09
N GLY B 6 1.32 -18.83 2.70
CA GLY B 6 2.07 -18.90 3.94
C GLY B 6 3.00 -20.09 3.98
N GLY B 7 3.80 -20.23 2.93
CA GLY B 7 4.75 -21.32 2.85
C GLY B 7 4.82 -21.89 1.46
N TYR B 8 4.58 -23.19 1.33
CA TYR B 8 4.58 -23.85 0.02
C TYR B 8 3.51 -23.24 -0.86
N ASP B 9 2.40 -22.88 -0.22
CA ASP B 9 1.27 -22.28 -0.92
C ASP B 9 0.28 -21.72 0.11
N VAL B 10 -1.01 -21.81 -0.18
CA VAL B 10 -2.04 -21.30 0.72
C VAL B 10 -2.18 -22.19 1.96
N GLU B 11 -2.07 -23.50 1.77
CA GLU B 11 -2.21 -24.45 2.86
C GLU B 11 -0.96 -24.46 3.76
N ASN B 12 -1.12 -25.03 4.96
CA ASN B 12 -0.05 -25.11 5.94
C ASN B 12 1.16 -25.89 5.42
N GLU B 13 0.87 -26.88 4.56
CA GLU B 13 1.90 -27.72 3.94
C GLU B 13 2.56 -28.68 4.94
N GLU B 14 3.34 -29.62 4.42
CA GLU B 14 4.05 -30.59 5.21
C GLU B 14 5.43 -30.84 4.61
N LYS B 15 6.14 -29.75 4.34
CA LYS B 15 7.47 -29.82 3.74
C LYS B 15 8.35 -28.71 4.30
N VAL B 16 7.98 -27.47 4.00
CA VAL B 16 8.71 -26.28 4.44
C VAL B 16 10.10 -26.25 3.83
N LYS B 17 10.15 -26.02 2.52
CA LYS B 17 11.42 -25.97 1.81
C LYS B 17 11.36 -24.97 0.65
N LEU B 18 10.26 -24.24 0.55
CA LEU B 18 10.08 -23.26 -0.52
C LEU B 18 9.48 -21.98 0.03
N GLY B 19 10.24 -20.89 -0.08
CA GLY B 19 9.76 -19.61 0.41
C GLY B 19 9.20 -18.75 -0.71
N MET B 20 9.08 -19.33 -1.90
CA MET B 20 8.57 -18.62 -3.07
C MET B 20 7.11 -18.17 -2.87
N THR B 21 6.39 -18.88 -2.01
CA THR B 21 5.00 -18.56 -1.74
C THR B 21 4.80 -18.28 -0.26
N ASN B 22 5.88 -17.91 0.41
CA ASN B 22 5.82 -17.60 1.85
C ASN B 22 5.29 -16.19 2.07
N SER B 23 5.35 -15.39 1.02
CA SER B 23 4.87 -14.01 1.07
C SER B 23 4.41 -13.57 -0.31
N HIS B 24 4.97 -14.18 -1.35
CA HIS B 24 4.61 -13.85 -2.72
C HIS B 24 3.39 -14.66 -3.14
#